data_2WRE
#
_entry.id   2WRE
#
_cell.length_a   75.970
_cell.length_b   117.460
_cell.length_c   225.370
_cell.angle_alpha   90.00
_cell.angle_beta   90.00
_cell.angle_gamma   90.00
#
_symmetry.space_group_name_H-M   'P 21 21 21'
#
loop_
_entity.id
_entity.type
_entity.pdbx_description
1 polymer HEMAGGLUTININ
2 branched 'N-acetyl-alpha-neuraminic acid-(2-6)-beta-D-galactopyranose'
#
_entity_poly.entity_id   1
_entity_poly.type   'polypeptide(L)'
_entity_poly.pdbx_seq_one_letter_code
;MAIIYLILLFTAVRGDQICIGYHANNSTEKVDTILERNVTVTHAKDILEKTHNGKLCKLNGIPPLELGDCSIAGWLLGNP
ECDRLLSVPEWSYIMEKENPRDGLCYPGSFNDYEELKHLLSSVKHFEKVKILPKDRWTQHTTTGGSQACAVSGNPSFFRN
MVWLTKKGSNYPVAKGSYNNTSGEQMLIIWGVHHPIDEKEQRTLYQNVGTYVSVGTSTLNKRSTPEIATRPKVNGLGSRM
EFSWTLLDMWDTINFESTGNLIAPEYGFKISKRGSSGIMKTEGTLENCETKCQTPLGAINTTLPFHNVHPLTIGECPKYV
KSEKLVLATGLRNVPQIESRGLFGAIAGFIEGGWQGMVDGWYGYHHSNDQGSGYAADKESTQKAFDGITNKVNSVIEKMN
TQFEAVGKEFSNLERRLENLNKKMEDGFLDVWTYNAELLVLMENERTLDFHDSNVKNLYDKVRMQLRDNVKELGNGCFEF
YHKCDDECMNSVKNGTYDYPKYEEE
;
_entity_poly.pdbx_strand_id   A,B,C
#
loop_
_chem_comp.id
_chem_comp.type
_chem_comp.name
_chem_comp.formula
GAL D-saccharide, beta linking beta-D-galactopyranose 'C6 H12 O6'
SIA D-saccharide, alpha linking 'N-acetyl-alpha-neuraminic acid' 'C11 H19 N O9'
#
# COMPACT_ATOMS: atom_id res chain seq x y z
N CYS A 19 -2.90 -11.61 -55.62
CA CYS A 19 -3.00 -12.38 -54.37
C CYS A 19 -2.45 -11.70 -53.12
N ILE A 20 -3.31 -11.09 -52.31
CA ILE A 20 -2.90 -10.54 -51.00
C ILE A 20 -2.75 -11.64 -49.96
N GLY A 21 -1.75 -11.51 -49.10
CA GLY A 21 -1.51 -12.47 -48.04
C GLY A 21 -0.63 -11.95 -46.91
N TYR A 22 -0.45 -12.78 -45.88
CA TYR A 22 0.31 -12.40 -44.71
C TYR A 22 1.39 -13.43 -44.37
N HIS A 23 2.18 -13.11 -43.36
CA HIS A 23 3.40 -13.85 -43.01
C HIS A 23 3.18 -15.10 -42.15
N ALA A 24 4.18 -15.99 -42.15
CA ALA A 24 4.17 -17.17 -41.29
C ALA A 24 5.54 -17.85 -41.27
N ASN A 25 6.11 -18.09 -40.10
CA ASN A 25 7.48 -18.62 -39.99
C ASN A 25 7.66 -20.00 -39.31
N ASN A 26 8.86 -20.28 -38.81
CA ASN A 26 9.12 -21.56 -38.12
C ASN A 26 9.05 -21.49 -36.60
N SER A 27 8.41 -20.44 -36.08
CA SER A 27 8.25 -20.23 -34.65
C SER A 27 7.24 -21.17 -34.04
N THR A 28 7.33 -21.33 -32.72
CA THR A 28 6.29 -22.00 -31.96
C THR A 28 6.15 -21.37 -30.57
N GLU A 29 6.40 -20.06 -30.52
CA GLU A 29 6.13 -19.26 -29.32
C GLU A 29 4.63 -19.06 -29.16
N LYS A 30 4.13 -19.33 -27.96
CA LYS A 30 2.69 -19.26 -27.69
C LYS A 30 2.31 -18.09 -26.77
N VAL A 31 1.25 -17.38 -27.14
CA VAL A 31 0.76 -16.33 -26.27
C VAL A 31 -0.69 -16.58 -25.83
N ASP A 32 -1.16 -15.77 -24.90
CA ASP A 32 -2.54 -15.83 -24.44
C ASP A 32 -3.25 -14.49 -24.62
N THR A 33 -4.47 -14.52 -25.14
CA THR A 33 -5.27 -13.31 -25.25
C THR A 33 -6.52 -13.48 -24.41
N ILE A 34 -7.15 -12.36 -24.07
CA ILE A 34 -8.42 -12.37 -23.34
C ILE A 34 -9.36 -13.48 -23.82
N LEU A 35 -9.45 -13.70 -25.15
CA LEU A 35 -10.39 -14.68 -25.72
C LEU A 35 -9.83 -16.06 -26.04
N GLU A 36 -8.57 -16.16 -26.46
CA GLU A 36 -8.02 -17.48 -26.74
C GLU A 36 -6.75 -17.70 -25.98
N ARG A 37 -6.25 -18.93 -26.03
CA ARG A 37 -4.96 -19.25 -25.43
C ARG A 37 -4.22 -20.37 -26.14
N ASN A 38 -2.89 -20.34 -26.03
CA ASN A 38 -2.01 -21.23 -26.75
C ASN A 38 -2.04 -20.90 -28.24
N VAL A 39 -2.00 -19.59 -28.49
CA VAL A 39 -2.07 -19.00 -29.83
C VAL A 39 -0.66 -18.87 -30.41
N THR A 40 -0.33 -19.65 -31.43
CA THR A 40 1.06 -19.63 -31.90
C THR A 40 1.26 -18.36 -32.72
N VAL A 41 2.29 -17.58 -32.39
CA VAL A 41 2.52 -16.31 -33.07
C VAL A 41 3.89 -16.18 -33.75
N THR A 42 3.93 -15.48 -34.87
CA THR A 42 5.17 -15.24 -35.63
C THR A 42 6.30 -14.68 -34.75
N HIS A 43 6.07 -13.55 -34.09
CA HIS A 43 7.06 -12.95 -33.18
C HIS A 43 6.43 -12.49 -31.85
N ALA A 44 7.27 -12.42 -30.82
CA ALA A 44 6.79 -12.14 -29.48
C ALA A 44 7.90 -11.57 -28.59
N LYS A 45 7.49 -10.74 -27.62
CA LYS A 45 8.43 -10.10 -26.70
C LYS A 45 8.02 -10.41 -25.27
N ASP A 46 8.98 -10.83 -24.46
CA ASP A 46 8.70 -11.11 -23.05
C ASP A 46 9.02 -9.87 -22.23
N ILE A 47 8.16 -9.58 -21.25
CA ILE A 47 8.38 -8.41 -20.41
C ILE A 47 8.53 -8.74 -18.92
N LEU A 48 8.90 -9.99 -18.64
CA LEU A 48 9.16 -10.42 -17.26
C LEU A 48 10.63 -10.73 -17.07
N GLU A 49 11.34 -9.88 -16.34
CA GLU A 49 12.72 -10.22 -16.06
C GLU A 49 12.70 -11.37 -15.08
N LYS A 50 13.48 -12.40 -15.39
CA LYS A 50 13.50 -13.61 -14.57
C LYS A 50 14.92 -14.11 -14.47
N THR A 51 15.87 -13.22 -14.72
CA THR A 51 17.25 -13.60 -14.84
C THR A 51 18.16 -12.68 -14.06
N HIS A 52 18.83 -13.23 -13.05
CA HIS A 52 19.84 -12.50 -12.31
C HIS A 52 21.20 -12.90 -12.87
N ASN A 53 22.20 -12.96 -12.01
CA ASN A 53 23.51 -13.43 -12.42
C ASN A 53 24.32 -13.97 -11.25
N GLY A 54 23.63 -14.27 -10.16
CA GLY A 54 24.24 -14.93 -9.02
C GLY A 54 25.43 -14.22 -8.38
N LYS A 55 25.72 -13.01 -8.83
CA LYS A 55 26.80 -12.22 -8.26
C LYS A 55 26.29 -11.04 -7.45
N LEU A 56 27.01 -10.70 -6.39
CA LEU A 56 26.68 -9.50 -5.60
C LEU A 56 27.60 -8.34 -6.00
N CYS A 57 27.00 -7.18 -6.26
CA CYS A 57 27.70 -6.11 -6.97
C CYS A 57 27.77 -4.80 -6.23
N LYS A 58 28.62 -3.90 -6.73
CA LYS A 58 28.57 -2.51 -6.34
C LYS A 58 27.18 -2.00 -6.70
N LEU A 59 26.86 -0.78 -6.29
CA LEU A 59 25.57 -0.17 -6.59
C LEU A 59 25.79 1.24 -7.08
N ASN A 60 25.43 1.52 -8.32
CA ASN A 60 25.67 2.84 -8.90
C ASN A 60 27.11 3.29 -8.70
N GLY A 61 28.00 2.32 -8.53
CA GLY A 61 29.43 2.60 -8.44
C GLY A 61 29.96 2.45 -7.03
N ILE A 62 29.07 2.18 -6.09
CA ILE A 62 29.40 2.12 -4.68
C ILE A 62 29.12 0.73 -4.09
N PRO A 63 30.18 0.10 -3.54
CA PRO A 63 30.15 -1.26 -2.96
C PRO A 63 29.29 -1.32 -1.71
N PRO A 64 28.89 -2.54 -1.31
CA PRO A 64 28.13 -2.75 -0.08
C PRO A 64 29.09 -2.62 1.08
N LEU A 65 28.64 -2.95 2.28
CA LEU A 65 29.55 -3.07 3.39
C LEU A 65 29.55 -4.53 3.81
N GLU A 66 30.62 -5.23 3.52
CA GLU A 66 30.68 -6.67 3.76
C GLU A 66 31.08 -7.01 5.17
N LEU A 67 30.22 -7.78 5.86
CA LEU A 67 30.48 -8.13 7.26
C LEU A 67 30.75 -9.62 7.48
N GLY A 68 30.69 -10.41 6.41
CA GLY A 68 30.93 -11.83 6.56
C GLY A 68 30.10 -12.35 7.71
N ASP A 69 30.74 -12.73 8.81
CA ASP A 69 29.99 -13.19 9.99
C ASP A 69 30.14 -12.29 11.22
N CYS A 70 30.08 -10.99 10.99
CA CYS A 70 30.03 -10.02 12.08
C CYS A 70 28.68 -9.35 12.02
N SER A 71 28.11 -9.08 13.19
CA SER A 71 26.90 -8.27 13.25
C SER A 71 27.36 -6.85 13.41
N ILE A 72 26.58 -5.90 12.93
CA ILE A 72 26.94 -4.49 13.09
C ILE A 72 27.39 -4.19 14.52
N ALA A 73 26.81 -4.91 15.48
CA ALA A 73 27.10 -4.72 16.90
C ALA A 73 28.54 -5.07 17.23
N GLY A 74 29.00 -6.18 16.68
CA GLY A 74 30.35 -6.67 16.94
C GLY A 74 31.40 -5.82 16.26
N TRP A 75 31.03 -5.27 15.12
CA TRP A 75 31.91 -4.39 14.38
C TRP A 75 32.16 -3.10 15.13
N LEU A 76 31.10 -2.42 15.50
CA LEU A 76 31.20 -1.10 16.11
C LEU A 76 31.84 -1.19 17.48
N LEU A 77 31.44 -2.18 18.25
CA LEU A 77 31.98 -2.35 19.59
C LEU A 77 33.44 -2.76 19.50
N GLY A 78 33.81 -3.34 18.36
CA GLY A 78 35.13 -3.92 18.22
C GLY A 78 35.23 -5.21 19.00
N ASN A 79 34.42 -6.18 18.62
CA ASN A 79 34.61 -7.54 19.10
C ASN A 79 35.92 -8.05 18.52
N PRO A 80 36.77 -8.65 19.36
CA PRO A 80 38.03 -9.27 18.92
C PRO A 80 37.90 -10.10 17.64
N GLU A 81 36.70 -10.58 17.33
CA GLU A 81 36.53 -11.47 16.19
C GLU A 81 36.17 -10.73 14.92
N CYS A 82 36.18 -9.40 14.96
CA CYS A 82 35.93 -8.60 13.78
C CYS A 82 37.14 -7.73 13.49
N ASP A 83 38.27 -8.06 14.10
CA ASP A 83 39.48 -7.29 13.95
C ASP A 83 39.86 -7.11 12.49
N ARG A 84 39.62 -8.14 11.70
CA ARG A 84 39.96 -8.09 10.29
C ARG A 84 38.71 -8.12 9.41
N LEU A 85 38.19 -6.94 9.10
CA LEU A 85 37.04 -6.80 8.21
C LEU A 85 37.30 -5.75 7.17
N LEU A 86 36.57 -5.81 6.06
CA LEU A 86 36.81 -4.88 4.97
C LEU A 86 36.84 -3.42 5.43
N SER A 87 35.71 -2.87 5.83
CA SER A 87 35.67 -1.48 6.28
C SER A 87 35.99 -0.49 5.15
N VAL A 88 35.05 -0.34 4.22
CA VAL A 88 35.19 0.68 3.19
C VAL A 88 34.61 1.98 3.74
N PRO A 89 35.19 3.12 3.37
CA PRO A 89 34.74 4.42 3.86
C PRO A 89 33.37 4.85 3.36
N GLU A 90 32.88 4.24 2.28
CA GLU A 90 31.55 4.60 1.76
C GLU A 90 30.85 3.36 1.23
N TRP A 91 29.56 3.21 1.55
CA TRP A 91 28.81 2.07 1.04
C TRP A 91 27.36 2.43 0.68
N SER A 92 26.73 1.58 -0.13
CA SER A 92 25.37 1.80 -0.62
C SER A 92 24.36 0.96 0.15
N TYR A 93 24.78 -0.26 0.48
CA TYR A 93 23.99 -1.15 1.30
C TYR A 93 24.94 -1.98 2.17
N ILE A 94 24.40 -2.87 2.97
CA ILE A 94 25.24 -3.68 3.84
C ILE A 94 24.95 -5.13 3.56
N MET A 95 25.99 -5.96 3.51
CA MET A 95 25.82 -7.42 3.41
C MET A 95 26.00 -8.07 4.76
N GLU A 96 25.06 -8.90 5.20
CA GLU A 96 25.19 -9.54 6.51
C GLU A 96 24.58 -10.93 6.52
N LYS A 97 25.28 -11.89 7.11
CA LYS A 97 24.80 -13.26 7.15
C LYS A 97 23.63 -13.41 8.12
N GLU A 98 22.58 -14.11 7.70
CA GLU A 98 21.38 -14.31 8.53
C GLU A 98 21.72 -15.06 9.81
N ASN A 99 22.07 -14.32 10.86
CA ASN A 99 22.47 -14.88 12.17
C ASN A 99 23.98 -15.10 12.30
N PRO A 100 24.75 -14.00 12.32
CA PRO A 100 26.18 -13.82 12.12
C PRO A 100 27.10 -14.52 13.11
N ARG A 101 26.66 -14.73 14.34
CA ARG A 101 27.47 -15.45 15.32
C ARG A 101 28.38 -14.51 16.11
N ASP A 102 28.96 -13.51 15.43
CA ASP A 102 29.92 -12.62 16.09
C ASP A 102 29.44 -11.18 16.35
N GLY A 103 28.91 -10.99 17.55
CA GLY A 103 28.50 -9.67 18.03
C GLY A 103 28.98 -9.47 19.45
N LEU A 104 28.03 -9.33 20.37
CA LEU A 104 28.34 -9.19 21.79
C LEU A 104 28.90 -10.49 22.38
N CYS A 105 30.19 -10.73 22.16
CA CYS A 105 30.86 -11.88 22.76
C CYS A 105 30.71 -11.81 24.28
N TYR A 106 30.50 -10.61 24.81
CA TYR A 106 30.10 -10.46 26.21
C TYR A 106 28.57 -10.37 26.29
N PRO A 107 27.91 -11.46 26.72
CA PRO A 107 26.44 -11.47 26.74
C PRO A 107 25.84 -10.13 27.14
N GLY A 108 24.72 -9.76 26.50
CA GLY A 108 24.02 -8.52 26.79
C GLY A 108 22.96 -8.13 25.77
N SER A 109 22.92 -6.86 25.43
CA SER A 109 21.86 -6.37 24.57
C SER A 109 22.18 -4.99 24.01
N PHE A 110 21.31 -4.47 23.14
CA PHE A 110 21.58 -3.25 22.42
C PHE A 110 20.30 -2.46 22.15
N ASN A 111 20.17 -1.31 22.81
CA ASN A 111 18.98 -0.47 22.72
C ASN A 111 18.80 0.17 21.34
N ASP A 112 17.59 0.12 20.81
CA ASP A 112 17.31 0.79 19.54
C ASP A 112 18.28 0.29 18.50
N TYR A 113 18.58 -1.01 18.55
CA TYR A 113 19.52 -1.62 17.61
C TYR A 113 19.10 -1.45 16.15
N GLU A 114 17.96 -2.03 15.77
CA GLU A 114 17.47 -1.95 14.39
C GLU A 114 17.42 -0.51 13.92
N GLU A 115 16.81 0.35 14.72
CA GLU A 115 16.85 1.78 14.48
C GLU A 115 18.23 2.28 14.03
N LEU A 116 19.28 1.70 14.60
CA LEU A 116 20.66 2.05 14.25
C LEU A 116 21.16 1.37 12.98
N LYS A 117 20.69 0.16 12.71
CA LYS A 117 21.14 -0.55 11.51
C LYS A 117 20.53 0.08 10.26
N HIS A 118 19.35 0.67 10.37
CA HIS A 118 18.77 1.33 9.22
C HIS A 118 19.55 2.61 8.98
N LEU A 119 20.35 3.01 9.96
CA LEU A 119 21.15 4.21 9.86
C LEU A 119 22.42 3.94 9.07
N LEU A 120 23.09 2.85 9.43
CA LEU A 120 24.37 2.48 8.82
C LEU A 120 24.21 1.65 7.55
N SER A 121 22.98 1.46 7.09
CA SER A 121 22.72 0.63 5.93
C SER A 121 23.41 1.24 4.73
N SER A 122 23.32 2.57 4.62
CA SER A 122 23.95 3.28 3.52
C SER A 122 24.65 4.53 4.03
N VAL A 123 25.83 4.83 3.51
CA VAL A 123 26.63 5.94 4.05
C VAL A 123 27.59 6.60 3.05
N LYS A 124 27.56 7.94 3.03
CA LYS A 124 28.41 8.76 2.15
C LYS A 124 29.87 8.77 2.64
N HIS A 125 30.06 8.77 3.95
CA HIS A 125 31.39 8.70 4.55
C HIS A 125 31.40 8.26 6.03
N PHE A 126 32.29 7.30 6.32
CA PHE A 126 32.43 6.75 7.66
C PHE A 126 33.91 6.86 8.08
N GLU A 127 34.18 6.98 9.38
CA GLU A 127 35.54 7.19 9.84
C GLU A 127 35.68 7.20 11.35
N LYS A 128 36.26 6.14 11.89
CA LYS A 128 36.60 6.07 13.30
C LYS A 128 37.50 7.24 13.75
N VAL A 129 37.33 7.68 15.00
CA VAL A 129 38.17 8.72 15.58
C VAL A 129 38.26 8.52 17.11
N LYS A 130 39.41 8.83 17.71
CA LYS A 130 39.57 8.69 19.16
C LYS A 130 39.06 9.91 19.90
N ILE A 131 38.15 9.71 20.85
CA ILE A 131 37.45 10.80 21.52
C ILE A 131 37.70 10.84 23.02
N LEU A 132 37.59 9.69 23.69
CA LEU A 132 37.85 9.64 25.13
C LEU A 132 38.99 8.67 25.44
N PRO A 133 40.24 9.13 25.27
CA PRO A 133 41.44 8.28 25.30
C PRO A 133 41.50 7.43 26.56
N LYS A 134 41.74 6.14 26.36
CA LYS A 134 41.92 5.20 27.45
C LYS A 134 42.82 5.75 28.55
N ASP A 135 43.87 6.45 28.14
CA ASP A 135 44.92 6.89 29.05
C ASP A 135 44.39 7.86 30.11
N ARG A 136 43.36 8.62 29.76
CA ARG A 136 42.96 9.77 30.56
C ARG A 136 41.98 9.50 31.70
N TRP A 137 41.74 8.24 32.04
CA TRP A 137 40.80 7.89 33.12
C TRP A 137 41.52 7.49 34.41
N THR A 138 42.60 8.19 34.78
CA THR A 138 43.28 7.89 36.03
C THR A 138 42.25 7.88 37.15
N GLN A 139 42.63 7.34 38.30
CA GLN A 139 41.68 7.18 39.40
C GLN A 139 40.74 6.02 39.11
N HIS A 140 41.04 5.24 38.08
CA HIS A 140 40.14 4.19 37.66
C HIS A 140 40.90 3.07 36.96
N THR A 141 40.64 1.82 37.33
CA THR A 141 41.24 0.73 36.57
C THR A 141 40.68 0.75 35.15
N THR A 142 41.46 0.29 34.19
CA THR A 142 41.05 0.29 32.79
C THR A 142 41.31 -1.06 32.12
N THR A 143 42.07 -1.89 32.83
CA THR A 143 42.53 -3.17 32.28
C THR A 143 41.45 -4.25 32.34
N GLY A 144 40.28 -3.89 32.85
CA GLY A 144 39.16 -4.82 32.94
C GLY A 144 38.95 -5.58 31.65
N GLY A 145 38.58 -6.84 31.77
CA GLY A 145 38.37 -7.69 30.60
C GLY A 145 37.62 -8.96 30.97
N SER A 146 37.38 -9.82 29.99
CA SER A 146 36.67 -11.07 30.24
C SER A 146 37.06 -12.23 29.31
N GLN A 147 37.09 -13.44 29.87
CA GLN A 147 37.39 -14.63 29.10
C GLN A 147 36.55 -14.69 27.83
N ALA A 148 35.26 -14.40 27.97
CA ALA A 148 34.33 -14.49 26.84
C ALA A 148 34.78 -13.60 25.68
N CYS A 149 35.45 -12.50 26.00
CA CYS A 149 35.98 -11.59 24.99
C CYS A 149 37.48 -11.76 24.87
N ALA A 150 37.92 -13.00 24.88
CA ALA A 150 39.34 -13.33 24.81
C ALA A 150 39.87 -13.39 23.39
N VAL A 151 41.01 -12.77 23.17
CA VAL A 151 41.71 -12.82 21.89
C VAL A 151 42.83 -13.83 21.94
N SER A 152 42.60 -15.02 21.38
CA SER A 152 43.59 -16.10 21.42
C SER A 152 44.11 -16.35 22.84
N GLY A 153 43.31 -17.07 23.63
CA GLY A 153 43.67 -17.40 25.00
C GLY A 153 44.18 -16.22 25.80
N ASN A 154 43.60 -15.05 25.55
CA ASN A 154 43.96 -13.82 26.27
C ASN A 154 42.72 -13.03 26.70
N PRO A 155 42.63 -12.72 28.01
CA PRO A 155 41.52 -11.94 28.59
C PRO A 155 41.48 -10.48 28.13
N SER A 156 40.81 -10.25 27.01
CA SER A 156 40.68 -8.92 26.42
C SER A 156 39.33 -8.29 26.71
N PHE A 157 38.81 -7.62 25.70
CA PHE A 157 37.58 -6.89 25.81
C PHE A 157 37.23 -6.31 24.46
N PHE A 158 36.13 -5.57 24.41
CA PHE A 158 35.74 -4.85 23.21
C PHE A 158 36.82 -3.81 22.88
N ARG A 159 37.23 -3.76 21.62
CA ARG A 159 38.32 -2.88 21.23
C ARG A 159 38.00 -1.40 21.50
N ASN A 160 36.84 -0.97 21.04
CA ASN A 160 36.46 0.44 21.07
C ASN A 160 35.91 0.90 22.42
N MET A 161 35.65 -0.03 23.33
CA MET A 161 35.12 0.36 24.62
C MET A 161 36.21 0.39 25.67
N VAL A 162 35.84 0.73 26.91
CA VAL A 162 36.74 0.80 28.06
C VAL A 162 36.00 0.52 29.35
N LEU A 164 35.53 0.69 33.11
CA LEU A 164 35.98 1.46 34.25
C LEU A 164 35.73 0.69 35.55
N THR A 165 36.78 0.17 36.15
CA THR A 165 36.61 -0.54 37.40
C THR A 165 37.29 0.23 38.53
N LYS A 166 37.15 -0.27 39.75
CA LYS A 166 37.80 0.37 40.88
C LYS A 166 39.30 0.23 40.72
N LYS A 167 40.02 1.29 41.08
CA LYS A 167 41.47 1.25 41.14
C LYS A 167 41.90 1.31 42.60
N GLY A 168 42.46 0.20 43.08
CA GLY A 168 42.78 0.01 44.48
C GLY A 168 41.57 -0.46 45.25
N SER A 169 41.08 0.40 46.14
CA SER A 169 39.87 0.18 46.92
C SER A 169 38.98 1.42 46.83
N ASN A 170 39.03 2.07 45.67
CA ASN A 170 38.31 3.33 45.51
C ASN A 170 37.68 3.47 44.11
N TYR A 171 36.56 4.18 44.03
CA TYR A 171 35.94 4.54 42.74
C TYR A 171 35.37 5.96 42.75
N PRO A 172 36.24 6.97 42.62
CA PRO A 172 35.75 8.34 42.52
C PRO A 172 34.75 8.40 41.40
N VAL A 173 33.88 9.40 41.43
CA VAL A 173 33.01 9.65 40.30
C VAL A 173 33.88 9.56 39.05
N ALA A 174 33.26 9.23 37.92
CA ALA A 174 33.94 9.33 36.63
C ALA A 174 33.29 10.44 35.80
N LYS A 175 34.11 11.38 35.33
CA LYS A 175 33.64 12.36 34.35
C LYS A 175 34.49 12.26 33.07
N GLY A 176 33.82 12.35 31.93
CA GLY A 176 34.47 12.33 30.63
C GLY A 176 33.64 13.11 29.61
N SER A 177 34.28 13.96 28.83
CA SER A 177 33.53 14.86 27.93
C SER A 177 34.20 15.05 26.56
N TYR A 178 33.39 15.39 25.55
CA TYR A 178 33.90 15.55 24.19
C TYR A 178 33.08 16.50 23.30
N ASN A 179 33.62 17.70 23.05
CA ASN A 179 33.01 18.67 22.12
C ASN A 179 33.36 18.16 20.74
N ASN A 180 32.33 17.75 19.99
CA ASN A 180 32.52 17.20 18.65
C ASN A 180 33.02 18.22 17.62
N THR A 181 34.34 18.23 17.44
CA THR A 181 35.00 19.20 16.57
C THR A 181 35.33 18.64 15.19
N SER A 182 34.79 17.48 14.84
CA SER A 182 35.23 16.77 13.64
C SER A 182 34.55 17.17 12.32
N GLY A 183 33.66 18.15 12.37
CA GLY A 183 33.01 18.65 11.17
C GLY A 183 32.04 17.65 10.56
N GLU A 184 31.56 16.74 11.38
CA GLU A 184 30.57 15.77 10.95
C GLU A 184 29.83 15.25 12.17
N GLN A 185 28.56 14.88 12.00
CA GLN A 185 27.83 14.28 13.10
C GLN A 185 28.57 13.04 13.54
N MET A 186 28.46 12.68 14.80
CA MET A 186 29.21 11.52 15.24
C MET A 186 28.37 10.51 16.00
N LEU A 187 28.59 9.24 15.67
CA LEU A 187 27.91 8.16 16.36
C LEU A 187 28.73 7.72 17.57
N ILE A 188 28.17 7.94 18.76
CA ILE A 188 28.81 7.50 19.99
C ILE A 188 28.01 6.39 20.67
N ILE A 189 28.74 5.38 21.12
CA ILE A 189 28.15 4.21 21.74
C ILE A 189 28.72 4.07 23.14
N TRP A 190 27.88 3.66 24.10
CA TRP A 190 28.33 3.47 25.49
C TRP A 190 27.51 2.38 26.16
N GLY A 191 27.80 2.07 27.41
CA GLY A 191 27.05 1.02 28.08
C GLY A 191 27.15 0.91 29.60
N VAL A 192 26.32 0.00 30.15
CA VAL A 192 26.24 -0.30 31.59
C VAL A 192 26.43 -1.78 31.93
N HIS A 193 27.16 -2.04 33.00
CA HIS A 193 27.36 -3.40 33.47
C HIS A 193 26.29 -3.82 34.48
N HIS A 194 25.63 -4.93 34.18
CA HIS A 194 24.68 -5.50 35.13
C HIS A 194 25.27 -6.78 35.69
N PRO A 195 25.82 -6.70 36.89
CA PRO A 195 26.37 -7.83 37.64
C PRO A 195 25.26 -8.77 38.06
N ILE A 196 25.59 -9.75 38.89
CA ILE A 196 24.64 -10.76 39.33
C ILE A 196 24.56 -10.77 40.84
N ASP A 197 25.21 -9.81 41.46
CA ASP A 197 25.58 -9.94 42.86
C ASP A 197 25.95 -8.58 43.45
N GLU A 198 25.50 -8.32 44.68
CA GLU A 198 25.93 -7.13 45.38
C GLU A 198 27.39 -7.28 45.82
N LYS A 199 27.87 -8.52 45.86
CA LYS A 199 29.25 -8.79 46.20
C LYS A 199 30.13 -8.58 44.97
N GLU A 200 29.64 -9.02 43.82
CA GLU A 200 30.39 -8.78 42.60
C GLU A 200 30.40 -7.28 42.29
N GLN A 201 29.39 -6.57 42.80
CA GLN A 201 29.31 -5.12 42.66
C GLN A 201 30.42 -4.36 43.40
N ARG A 202 30.56 -4.55 44.72
CA ARG A 202 31.58 -3.85 45.50
C ARG A 202 32.96 -4.40 45.18
N THR A 203 33.01 -5.67 44.82
CA THR A 203 34.25 -6.28 44.37
C THR A 203 34.67 -5.66 43.06
N LEU A 204 33.77 -4.87 42.48
CA LEU A 204 34.02 -4.31 41.18
C LEU A 204 33.98 -2.78 41.19
N TYR A 205 33.06 -2.18 41.93
CA TYR A 205 32.92 -0.72 41.96
C TYR A 205 32.80 -0.16 43.37
N GLN A 206 33.04 -1.00 44.37
CA GLN A 206 33.08 -0.58 45.78
C GLN A 206 31.80 0.10 46.28
N ASN A 207 31.28 1.05 45.51
CA ASN A 207 30.04 1.75 45.85
C ASN A 207 28.84 0.85 45.55
N VAL A 208 27.64 1.33 45.82
CA VAL A 208 26.48 0.43 45.69
C VAL A 208 25.23 0.93 44.97
N GLY A 209 24.76 2.13 45.30
CA GLY A 209 23.61 2.71 44.60
C GLY A 209 24.08 3.58 43.46
N THR A 210 24.59 2.94 42.41
CA THR A 210 25.40 3.62 41.41
C THR A 210 24.58 4.03 40.19
N TYR A 211 25.06 4.98 39.40
CA TYR A 211 24.38 5.32 38.15
C TYR A 211 25.36 5.56 36.99
N VAL A 212 24.82 5.74 35.79
CA VAL A 212 25.60 6.04 34.60
C VAL A 212 24.85 7.15 33.87
N SER A 213 25.38 8.37 33.86
CA SER A 213 24.65 9.46 33.23
C SER A 213 25.31 9.98 31.93
N VAL A 214 24.54 10.10 30.85
CA VAL A 214 24.99 10.77 29.62
C VAL A 214 24.20 12.05 29.32
N GLY A 215 24.73 12.93 28.49
CA GLY A 215 24.03 14.16 28.18
C GLY A 215 24.55 14.90 26.96
N THR A 216 23.63 15.39 26.12
CA THR A 216 23.99 16.20 24.96
C THR A 216 23.08 17.43 24.83
N SER A 217 23.06 18.06 23.67
CA SER A 217 22.12 19.16 23.52
C SER A 217 20.71 18.61 23.32
N THR A 218 20.62 17.33 22.99
CA THR A 218 19.32 16.73 22.65
C THR A 218 19.07 15.37 23.31
N LEU A 219 19.94 14.97 24.22
CA LEU A 219 19.82 13.68 24.90
C LEU A 219 20.16 13.77 26.38
N ASN A 220 19.43 13.01 27.20
CA ASN A 220 19.55 13.10 28.64
C ASN A 220 19.22 11.77 29.33
N LYS A 221 20.22 11.01 29.78
CA LYS A 221 19.95 9.63 30.17
C LYS A 221 20.65 9.17 31.43
N ARG A 222 19.90 8.59 32.36
CA ARG A 222 20.48 8.22 33.65
C ARG A 222 20.04 6.84 34.00
N SER A 223 20.83 5.87 33.55
CA SER A 223 20.57 4.48 33.81
C SER A 223 21.23 4.07 35.11
N THR A 224 20.59 3.15 35.82
CA THR A 224 21.16 2.52 37.00
C THR A 224 21.29 1.06 36.62
N PRO A 225 22.24 0.34 37.25
CA PRO A 225 22.36 -1.10 36.97
C PRO A 225 21.21 -1.89 37.56
N GLU A 226 20.96 -3.06 36.98
CA GLU A 226 19.88 -3.91 37.46
C GLU A 226 20.48 -5.26 37.83
N ILE A 227 20.80 -5.43 39.10
CA ILE A 227 21.39 -6.70 39.55
C ILE A 227 20.35 -7.83 39.66
N ALA A 228 20.76 -9.04 39.27
CA ALA A 228 19.87 -10.19 39.20
C ALA A 228 20.61 -11.51 38.95
N THR A 229 20.16 -12.57 39.61
CA THR A 229 20.57 -13.92 39.25
C THR A 229 20.18 -14.08 37.78
N ARG A 230 21.03 -14.74 36.98
CA ARG A 230 20.70 -15.00 35.58
C ARG A 230 21.37 -16.30 35.19
N PRO A 231 20.83 -16.98 34.16
CA PRO A 231 21.45 -18.14 33.52
C PRO A 231 22.76 -17.71 32.92
N LYS A 232 23.73 -18.62 32.80
CA LYS A 232 25.03 -18.25 32.27
C LYS A 232 25.03 -18.28 30.74
N VAL A 233 25.76 -17.33 30.13
CA VAL A 233 25.88 -17.25 28.68
C VAL A 233 27.31 -16.82 28.33
N ASN A 234 27.95 -17.52 27.40
CA ASN A 234 29.38 -17.33 27.14
C ASN A 234 30.19 -17.19 28.43
N GLY A 235 29.69 -17.81 29.51
CA GLY A 235 30.40 -17.91 30.77
C GLY A 235 29.90 -17.01 31.88
N LEU A 236 29.05 -16.05 31.52
CA LEU A 236 28.78 -14.92 32.39
C LEU A 236 27.29 -14.78 32.80
N GLY A 237 27.04 -14.54 34.09
CA GLY A 237 25.69 -14.32 34.57
C GLY A 237 25.35 -12.84 34.47
N SER A 238 26.36 -12.07 34.10
CA SER A 238 26.23 -10.63 34.00
C SER A 238 26.18 -10.16 32.54
N ARG A 239 25.44 -9.09 32.29
CA ARG A 239 25.32 -8.59 30.93
C ARG A 239 25.82 -7.15 30.84
N MET A 240 26.10 -6.73 29.61
CA MET A 240 26.37 -5.34 29.34
C MET A 240 25.26 -4.80 28.43
N GLU A 241 24.69 -3.65 28.81
CA GLU A 241 23.63 -3.05 28.02
C GLU A 241 24.06 -1.75 27.37
N PHE A 242 24.15 -1.76 26.04
CA PHE A 242 24.67 -0.63 25.28
C PHE A 242 23.56 0.21 24.69
N SER A 243 23.86 1.49 24.49
CA SER A 243 22.94 2.44 23.89
C SER A 243 23.79 3.32 22.99
N TRP A 244 23.17 4.15 22.17
CA TRP A 244 23.92 5.00 21.23
C TRP A 244 23.28 6.38 21.06
N THR A 245 23.87 7.22 20.22
CA THR A 245 23.28 8.53 19.98
C THR A 245 24.00 9.26 18.85
N LEU A 246 23.49 10.44 18.49
CA LEU A 246 24.08 11.19 17.38
C LEU A 246 24.56 12.59 17.77
N LEU A 247 25.69 12.66 18.45
CA LEU A 247 26.25 13.95 18.81
C LEU A 247 26.38 14.77 17.54
N ASP A 248 25.70 15.91 17.51
CA ASP A 248 25.79 16.85 16.38
C ASP A 248 27.13 17.55 16.34
N MET A 249 27.34 18.34 15.30
CA MET A 249 28.57 19.09 15.21
C MET A 249 28.62 20.17 16.25
N TRP A 250 29.79 20.33 16.85
CA TRP A 250 30.05 21.38 17.84
C TRP A 250 29.31 21.13 19.15
N ASP A 251 28.64 20.00 19.25
CA ASP A 251 27.93 19.63 20.48
C ASP A 251 28.82 18.74 21.34
N THR A 252 28.87 19.03 22.64
CA THR A 252 29.59 18.22 23.60
C THR A 252 28.72 17.03 24.01
N ILE A 253 29.33 15.92 24.42
CA ILE A 253 28.59 14.87 25.09
C ILE A 253 29.19 14.83 26.48
N ASN A 254 28.49 14.22 27.44
CA ASN A 254 28.97 14.13 28.82
C ASN A 254 28.76 12.79 29.48
N PHE A 255 29.73 12.36 30.25
CA PHE A 255 29.59 11.09 30.95
C PHE A 255 29.82 11.31 32.43
N GLU A 256 29.04 10.61 33.25
CA GLU A 256 29.17 10.73 34.69
C GLU A 256 28.69 9.44 35.31
N SER A 257 29.54 8.78 36.06
CA SER A 257 29.16 7.49 36.57
C SER A 257 29.79 7.17 37.92
N THR A 258 29.00 6.60 38.82
CA THR A 258 29.53 6.13 40.09
C THR A 258 29.69 4.60 40.11
N GLY A 259 29.93 4.04 38.93
CA GLY A 259 30.19 2.62 38.79
C GLY A 259 29.42 2.08 37.60
N ASN A 260 29.99 1.05 36.96
CA ASN A 260 29.27 0.30 35.95
C ASN A 260 29.19 0.98 34.59
N LEU A 261 30.06 1.95 34.35
CA LEU A 261 30.10 2.60 33.04
C LEU A 261 31.12 1.91 32.13
N ILE A 262 30.65 1.41 31.00
CA ILE A 262 31.51 0.94 29.92
C ILE A 262 31.64 2.12 29.00
N ALA A 263 32.84 2.67 28.87
CA ALA A 263 33.01 3.91 28.13
C ALA A 263 33.49 3.72 26.67
N PRO A 264 33.27 4.74 25.83
CA PRO A 264 33.88 4.71 24.50
C PRO A 264 35.35 5.14 24.60
N GLU A 265 36.06 4.94 23.50
CA GLU A 265 37.35 5.57 23.32
C GLU A 265 37.26 6.20 21.93
N TYR A 266 36.44 5.60 21.07
CA TYR A 266 36.28 6.04 19.70
C TYR A 266 34.85 6.46 19.32
N GLY A 267 34.75 7.47 18.45
CA GLY A 267 33.48 7.85 17.87
C GLY A 267 33.48 7.48 16.39
N PHE A 268 32.37 7.71 15.70
CA PHE A 268 32.30 7.45 14.26
C PHE A 268 31.81 8.67 13.49
N LYS A 269 32.73 9.36 12.85
CA LYS A 269 32.40 10.43 11.92
C LYS A 269 31.60 9.83 10.78
N ILE A 270 30.30 10.11 10.75
CA ILE A 270 29.44 9.53 9.74
C ILE A 270 28.66 10.59 8.95
N SER A 271 28.90 10.62 7.64
CA SER A 271 28.18 11.54 6.79
C SER A 271 27.31 10.75 5.84
N LYS A 272 26.01 10.93 5.94
CA LYS A 272 25.10 10.18 5.09
C LYS A 272 23.94 11.08 4.74
N ARG A 273 23.26 10.84 3.62
CA ARG A 273 23.57 9.86 2.57
C ARG A 273 22.29 9.70 1.78
N GLY A 274 21.55 8.65 2.09
CA GLY A 274 20.28 8.41 1.46
C GLY A 274 19.48 7.38 2.22
N SER A 275 20.20 6.55 2.97
CA SER A 275 19.55 5.50 3.76
C SER A 275 18.99 4.41 2.84
N SER A 276 19.46 3.19 3.03
CA SER A 276 19.07 2.08 2.19
C SER A 276 18.45 0.97 2.99
N GLY A 277 19.19 -0.12 3.20
CA GLY A 277 18.69 -1.28 3.91
C GLY A 277 19.75 -2.37 3.92
N ILE A 278 19.55 -3.40 4.71
CA ILE A 278 20.53 -4.49 4.83
C ILE A 278 20.16 -5.65 3.94
N MET A 279 21.16 -6.32 3.36
CA MET A 279 20.88 -7.52 2.59
C MET A 279 21.41 -8.79 3.24
N LYS A 280 20.51 -9.59 3.76
CA LYS A 280 20.91 -10.89 4.28
C LYS A 280 21.38 -11.74 3.11
N THR A 281 22.60 -12.25 3.20
CA THR A 281 23.18 -12.99 2.10
C THR A 281 24.45 -13.75 2.50
N GLU A 282 24.70 -14.88 1.84
CA GLU A 282 25.88 -15.70 2.13
C GLU A 282 27.04 -15.28 1.26
N GLY A 283 26.74 -14.87 0.04
CA GLY A 283 27.74 -14.59 -0.98
C GLY A 283 28.79 -13.54 -0.68
N THR A 284 29.49 -13.10 -1.72
CA THR A 284 30.57 -12.14 -1.54
C THR A 284 30.67 -11.16 -2.72
N LEU A 285 30.94 -9.90 -2.39
CA LEU A 285 31.09 -8.84 -3.39
C LEU A 285 31.93 -9.39 -4.53
N GLU A 286 31.65 -8.97 -5.77
CA GLU A 286 32.37 -9.52 -6.91
C GLU A 286 32.87 -8.53 -7.94
N ASN A 287 32.71 -7.23 -7.68
CA ASN A 287 33.28 -6.18 -8.54
C ASN A 287 32.64 -6.09 -9.94
N CYS A 288 31.31 -6.17 -9.97
CA CYS A 288 30.55 -5.87 -11.17
C CYS A 288 29.78 -4.59 -10.89
N GLU A 289 28.69 -4.36 -11.60
CA GLU A 289 27.90 -3.15 -11.40
C GLU A 289 26.44 -3.36 -11.75
N THR A 290 25.54 -2.82 -10.94
CA THR A 290 24.10 -2.94 -11.18
C THR A 290 23.28 -1.77 -10.65
N LYS A 291 22.05 -1.63 -11.16
CA LYS A 291 21.14 -0.64 -10.61
C LYS A 291 20.09 -1.28 -9.71
N CYS A 292 19.91 -2.59 -9.86
CA CYS A 292 19.03 -3.36 -8.98
C CYS A 292 19.67 -4.69 -8.58
N GLN A 293 19.81 -4.89 -7.27
CA GLN A 293 20.47 -6.06 -6.72
C GLN A 293 19.55 -6.92 -5.86
N THR A 294 19.59 -8.23 -6.09
CA THR A 294 18.77 -9.17 -5.31
C THR A 294 19.65 -10.20 -4.64
N PRO A 295 19.13 -10.79 -3.56
CA PRO A 295 19.83 -11.84 -2.80
C PRO A 295 20.38 -12.97 -3.68
N LEU A 296 19.78 -13.19 -4.84
CA LEU A 296 20.25 -14.25 -5.74
C LEU A 296 21.24 -13.72 -6.76
N GLY A 297 21.27 -12.41 -6.92
CA GLY A 297 22.17 -11.78 -7.87
C GLY A 297 21.64 -10.46 -8.36
N ALA A 298 22.40 -9.79 -9.22
CA ALA A 298 21.98 -8.52 -9.80
C ALA A 298 21.02 -8.74 -10.97
N ILE A 299 20.57 -7.65 -11.58
CA ILE A 299 19.60 -7.75 -12.65
C ILE A 299 19.70 -6.60 -13.66
N ASN A 300 20.67 -6.69 -14.56
CA ASN A 300 20.81 -5.70 -15.61
C ASN A 300 19.60 -5.80 -16.54
N THR A 301 18.54 -5.08 -16.21
CA THR A 301 17.30 -5.18 -16.96
C THR A 301 16.60 -3.86 -17.25
N THR A 302 15.68 -3.92 -18.19
CA THR A 302 14.92 -2.75 -18.62
C THR A 302 13.41 -3.03 -18.72
N LEU A 303 12.98 -4.16 -18.17
CA LEU A 303 11.57 -4.55 -18.25
C LEU A 303 10.80 -3.97 -17.05
N PRO A 304 9.47 -3.92 -17.16
CA PRO A 304 8.72 -3.25 -16.09
C PRO A 304 8.52 -4.19 -14.89
N PHE A 305 8.66 -5.48 -15.14
CA PHE A 305 8.41 -6.49 -14.13
C PHE A 305 9.50 -7.54 -14.04
N HIS A 306 9.60 -8.14 -12.86
CA HIS A 306 10.53 -9.21 -12.62
C HIS A 306 9.93 -10.10 -11.55
N ASN A 307 10.41 -11.34 -11.47
CA ASN A 307 9.90 -12.32 -10.51
C ASN A 307 11.04 -13.02 -9.78
N VAL A 308 12.20 -12.38 -9.72
CA VAL A 308 13.40 -13.00 -9.17
C VAL A 308 13.36 -13.33 -7.68
N HIS A 309 13.05 -12.33 -6.88
CA HIS A 309 13.10 -12.48 -5.44
C HIS A 309 12.55 -11.20 -4.83
N PRO A 310 11.80 -11.33 -3.74
CA PRO A 310 11.06 -10.19 -3.17
C PRO A 310 11.96 -9.14 -2.53
N LEU A 311 13.19 -9.51 -2.15
CA LEU A 311 14.01 -8.73 -1.22
C LEU A 311 15.09 -7.84 -1.84
N THR A 312 14.79 -7.27 -3.00
CA THR A 312 15.74 -6.44 -3.71
C THR A 312 16.18 -5.18 -2.93
N ILE A 313 17.31 -4.62 -3.35
CA ILE A 313 17.68 -3.29 -2.97
C ILE A 313 18.07 -2.57 -4.23
N GLY A 314 17.67 -1.31 -4.36
CA GLY A 314 18.01 -0.51 -5.52
C GLY A 314 16.77 -0.09 -6.27
N GLU A 315 16.96 0.40 -7.49
CA GLU A 315 15.85 0.79 -8.33
C GLU A 315 15.45 -0.40 -9.13
N CYS A 316 14.29 -0.95 -8.81
CA CYS A 316 13.93 -2.25 -9.34
C CYS A 316 12.57 -2.24 -10.00
N PRO A 317 12.43 -3.04 -11.07
CA PRO A 317 11.11 -3.30 -11.64
C PRO A 317 10.20 -3.88 -10.57
N LYS A 318 8.94 -4.10 -10.91
CA LYS A 318 7.97 -4.47 -9.88
C LYS A 318 7.84 -5.97 -9.72
N TYR A 319 7.93 -6.42 -8.47
CA TYR A 319 7.89 -7.86 -8.22
C TYR A 319 6.52 -8.40 -8.56
N VAL A 320 6.52 -9.59 -9.15
CA VAL A 320 5.30 -10.17 -9.69
C VAL A 320 5.29 -11.68 -9.61
N LYS A 321 4.12 -12.25 -9.40
CA LYS A 321 3.99 -13.66 -9.16
C LYS A 321 3.71 -14.43 -10.44
N SER A 322 4.40 -14.08 -11.51
CA SER A 322 4.25 -14.80 -12.77
C SER A 322 5.36 -15.82 -13.02
N GLU A 323 5.31 -16.45 -14.18
CA GLU A 323 6.42 -17.22 -14.70
C GLU A 323 6.85 -16.60 -16.02
N LYS A 324 5.87 -16.17 -16.81
CA LYS A 324 6.11 -15.50 -18.08
C LYS A 324 5.05 -14.43 -18.35
N LEU A 325 5.41 -13.39 -19.08
CA LEU A 325 4.44 -12.43 -19.59
C LEU A 325 4.68 -12.19 -21.06
N VAL A 326 4.32 -13.14 -21.91
CA VAL A 326 4.62 -13.02 -23.34
C VAL A 326 3.68 -12.09 -24.07
N LEU A 327 4.25 -11.06 -24.68
CA LEU A 327 3.50 -10.09 -25.46
C LEU A 327 3.56 -10.55 -26.90
N ALA A 328 2.43 -10.49 -27.61
CA ALA A 328 2.48 -10.79 -29.02
C ALA A 328 2.94 -9.53 -29.73
N THR A 329 3.79 -9.69 -30.73
CA THR A 329 4.22 -8.57 -31.55
C THR A 329 3.83 -8.84 -32.99
N GLY A 330 4.05 -10.07 -33.44
CA GLY A 330 3.67 -10.49 -34.79
C GLY A 330 2.20 -10.85 -34.92
N LEU A 331 1.85 -11.64 -35.94
CA LEU A 331 0.45 -12.07 -36.12
C LEU A 331 0.21 -13.55 -35.76
N ARG A 332 -0.99 -14.04 -35.98
CA ARG A 332 -1.21 -15.47 -35.79
C ARG A 332 -0.34 -16.16 -36.82
N ASN A 333 0.47 -17.10 -36.35
CA ASN A 333 1.30 -17.92 -37.24
C ASN A 333 0.53 -19.07 -37.84
N VAL A 334 0.20 -18.97 -39.13
CA VAL A 334 -0.62 -20.00 -39.74
C VAL A 334 0.03 -20.52 -41.01
N PRO A 335 0.90 -21.54 -40.89
CA PRO A 335 1.63 -22.06 -42.05
C PRO A 335 0.70 -22.82 -43.00
N GLN A 336 1.14 -23.01 -44.24
CA GLN A 336 0.37 -23.77 -45.22
C GLN A 336 1.26 -24.68 -46.07
N GLY A 341 -10.59 -14.25 -36.44
CA GLY A 341 -10.16 -13.00 -35.85
C GLY A 341 -11.30 -12.04 -35.62
N LEU A 342 -11.03 -10.74 -35.72
CA LEU A 342 -12.10 -9.76 -35.57
C LEU A 342 -12.40 -9.05 -36.90
N PHE A 343 -11.61 -9.36 -37.93
CA PHE A 343 -11.80 -8.73 -39.22
C PHE A 343 -11.90 -9.80 -40.30
N GLY A 344 -11.75 -11.05 -39.88
CA GLY A 344 -11.99 -12.19 -40.74
C GLY A 344 -11.08 -12.30 -41.93
N ALA A 345 -9.91 -11.71 -41.83
CA ALA A 345 -8.96 -11.85 -42.92
C ALA A 345 -7.87 -12.87 -42.56
N ILE A 346 -7.14 -12.60 -41.47
CA ILE A 346 -6.13 -13.52 -40.97
C ILE A 346 -6.83 -14.76 -40.42
N ALA A 347 -6.44 -15.93 -40.92
CA ALA A 347 -7.08 -17.21 -40.58
C ALA A 347 -8.57 -17.14 -40.87
N GLY A 348 -8.95 -16.28 -41.81
CA GLY A 348 -10.34 -16.10 -42.19
C GLY A 348 -10.55 -16.43 -43.66
N PHE A 349 -10.83 -15.42 -44.48
CA PHE A 349 -10.99 -15.67 -45.91
C PHE A 349 -9.63 -15.77 -46.59
N ILE A 350 -8.59 -15.29 -45.92
CA ILE A 350 -7.22 -15.53 -46.38
C ILE A 350 -6.69 -16.68 -45.55
N GLU A 351 -6.88 -17.89 -46.06
CA GLU A 351 -6.88 -19.08 -45.22
C GLU A 351 -5.55 -19.44 -44.58
N GLY A 352 -4.45 -18.95 -45.13
CA GLY A 352 -3.15 -19.27 -44.59
C GLY A 352 -2.11 -18.19 -44.66
N GLY A 353 -1.03 -18.38 -43.92
CA GLY A 353 0.14 -17.54 -44.05
C GLY A 353 1.10 -18.13 -45.06
N TRP A 354 1.89 -17.26 -45.66
CA TRP A 354 2.93 -17.66 -46.59
C TRP A 354 4.26 -17.75 -45.85
N GLN A 355 4.81 -18.96 -45.72
CA GLN A 355 6.14 -19.10 -45.14
C GLN A 355 7.16 -18.62 -46.17
N GLY A 356 6.68 -18.38 -47.39
CA GLY A 356 7.53 -17.96 -48.48
C GLY A 356 7.42 -16.48 -48.76
N MET A 357 7.02 -15.75 -47.73
CA MET A 357 7.17 -14.31 -47.74
C MET A 357 8.04 -14.01 -46.52
N VAL A 358 9.12 -13.27 -46.72
CA VAL A 358 10.07 -13.06 -45.64
C VAL A 358 10.42 -11.59 -45.37
N ASP A 359 10.26 -10.74 -46.38
CA ASP A 359 10.65 -9.34 -46.27
C ASP A 359 9.58 -8.41 -45.71
N GLY A 360 8.66 -8.96 -44.91
CA GLY A 360 7.61 -8.16 -44.27
C GLY A 360 6.55 -9.01 -43.59
N TRP A 361 5.44 -8.39 -43.19
CA TRP A 361 4.35 -9.12 -42.53
C TRP A 361 3.12 -9.30 -43.42
N TYR A 362 2.98 -8.39 -44.37
CA TYR A 362 1.92 -8.45 -45.37
C TYR A 362 2.54 -8.21 -46.76
N GLY A 363 1.96 -8.80 -47.80
CA GLY A 363 2.53 -8.65 -49.13
C GLY A 363 1.71 -9.25 -50.26
N TYR A 364 2.36 -9.53 -51.38
CA TYR A 364 1.67 -10.00 -52.59
C TYR A 364 2.24 -11.28 -53.22
N HIS A 365 1.65 -11.69 -54.36
CA HIS A 365 2.11 -12.84 -55.13
C HIS A 365 1.65 -12.84 -56.60
N ALA A 376 6.42 -8.50 -50.65
CA ALA A 376 5.87 -7.85 -49.46
C ALA A 376 5.46 -6.42 -49.78
N ASP A 377 4.57 -5.87 -48.95
CA ASP A 377 4.14 -4.48 -49.11
C ASP A 377 4.77 -3.61 -48.05
N LYS A 378 5.75 -2.81 -48.43
CA LYS A 378 6.55 -2.09 -47.45
C LYS A 378 5.89 -0.85 -46.85
N GLU A 379 4.82 -0.36 -47.46
CA GLU A 379 4.14 0.78 -46.85
C GLU A 379 3.46 0.36 -45.55
N SER A 380 2.57 -0.64 -45.60
CA SER A 380 1.84 -1.08 -44.42
C SER A 380 2.72 -1.78 -43.37
N THR A 381 3.71 -2.55 -43.83
CA THR A 381 4.64 -3.21 -42.91
C THR A 381 5.35 -2.21 -42.00
N GLN A 382 5.91 -1.15 -42.59
CA GLN A 382 6.58 -0.14 -41.79
C GLN A 382 5.59 0.54 -40.82
N LYS A 383 4.36 0.73 -41.28
CA LYS A 383 3.32 1.31 -40.45
C LYS A 383 3.05 0.43 -39.24
N ALA A 384 2.84 -0.86 -39.48
CA ALA A 384 2.53 -1.81 -38.41
C ALA A 384 3.77 -2.18 -37.59
N PHE A 385 4.96 -2.10 -38.19
CA PHE A 385 6.16 -2.24 -37.38
C PHE A 385 6.29 -1.07 -36.43
N ASP A 386 6.02 0.13 -36.93
CA ASP A 386 5.99 1.32 -36.07
C ASP A 386 4.93 1.16 -34.98
N GLY A 387 3.78 0.62 -35.39
CA GLY A 387 2.70 0.37 -34.46
C GLY A 387 3.10 -0.47 -33.28
N ILE A 388 3.47 -1.74 -33.52
CA ILE A 388 3.86 -2.65 -32.44
C ILE A 388 4.99 -2.10 -31.59
N THR A 389 6.02 -1.57 -32.24
CA THR A 389 7.12 -0.96 -31.52
C THR A 389 6.55 -0.02 -30.48
N ASN A 390 5.77 0.95 -30.94
CA ASN A 390 5.20 1.91 -30.02
C ASN A 390 4.51 1.25 -28.82
N LYS A 391 3.67 0.25 -29.10
CA LYS A 391 2.96 -0.47 -28.04
C LYS A 391 3.95 -0.94 -27.00
N VAL A 392 4.90 -1.78 -27.44
CA VAL A 392 5.90 -2.38 -26.55
C VAL A 392 6.65 -1.32 -25.76
N ASN A 393 6.80 -0.13 -26.33
CA ASN A 393 7.43 0.96 -25.60
C ASN A 393 6.48 1.57 -24.56
N SER A 394 5.20 1.66 -24.90
CA SER A 394 4.24 2.25 -23.97
C SER A 394 4.17 1.44 -22.68
N VAL A 395 4.04 0.12 -22.81
CA VAL A 395 4.10 -0.80 -21.67
C VAL A 395 5.35 -0.57 -20.81
N ILE A 396 6.50 -0.46 -21.45
CA ILE A 396 7.72 -0.36 -20.68
C ILE A 396 8.00 1.06 -20.16
N GLU A 397 8.09 2.03 -21.05
CA GLU A 397 8.58 3.36 -20.67
C GLU A 397 7.64 4.17 -19.78
N LYS A 398 6.53 3.58 -19.35
CA LYS A 398 5.57 4.32 -18.54
C LYS A 398 5.68 3.94 -17.08
N MET A 399 6.42 2.87 -16.82
CA MET A 399 6.55 2.26 -15.50
C MET A 399 7.58 3.00 -14.67
N ASN A 400 7.16 4.01 -13.91
CA ASN A 400 8.11 4.75 -13.07
C ASN A 400 8.68 3.93 -11.89
N THR A 401 9.99 3.93 -11.75
CA THR A 401 10.61 3.07 -10.74
C THR A 401 11.60 3.84 -9.88
N GLN A 402 11.62 3.56 -8.58
CA GLN A 402 12.54 4.26 -7.68
C GLN A 402 13.30 3.34 -6.71
N PHE A 403 14.41 3.86 -6.19
CA PHE A 403 15.27 3.15 -5.24
C PHE A 403 14.52 2.88 -3.94
N GLU A 404 14.04 1.65 -3.77
CA GLU A 404 13.44 1.19 -2.51
C GLU A 404 14.41 0.21 -1.84
N ALA A 405 14.10 -0.22 -0.62
CA ALA A 405 14.98 -1.16 0.09
C ALA A 405 14.33 -2.53 0.28
N VAL A 406 13.01 -2.53 0.48
CA VAL A 406 12.21 -3.74 0.61
C VAL A 406 12.40 -4.45 1.95
N GLY A 407 13.54 -5.11 2.12
CA GLY A 407 13.81 -5.81 3.36
C GLY A 407 14.09 -4.87 4.52
N LYS A 408 13.27 -4.98 5.57
CA LYS A 408 13.45 -4.15 6.74
C LYS A 408 13.85 -4.98 7.96
N GLU A 409 14.20 -4.28 9.03
CA GLU A 409 14.70 -4.91 10.27
C GLU A 409 13.73 -4.70 11.43
N PHE A 410 13.45 -5.76 12.17
CA PHE A 410 12.54 -5.66 13.31
C PHE A 410 13.02 -6.44 14.52
N SER A 411 12.55 -6.05 15.70
CA SER A 411 12.90 -6.77 16.91
C SER A 411 11.75 -7.67 17.36
N ASN A 412 11.99 -8.41 18.44
CA ASN A 412 10.98 -9.28 19.02
C ASN A 412 9.69 -8.58 19.44
N LEU A 413 9.77 -7.30 19.82
CA LEU A 413 8.55 -6.59 20.23
C LEU A 413 7.97 -5.70 19.13
N GLU A 414 8.36 -5.99 17.90
CA GLU A 414 7.89 -5.30 16.71
C GLU A 414 7.33 -6.29 15.70
N ARG A 415 6.67 -7.33 16.17
CA ARG A 415 6.14 -8.28 15.22
C ARG A 415 5.03 -7.59 14.44
N ARG A 416 4.02 -7.13 15.16
CA ARG A 416 2.98 -6.28 14.60
C ARG A 416 3.51 -5.37 13.48
N LEU A 417 4.49 -4.55 13.81
CA LEU A 417 5.13 -3.63 12.86
C LEU A 417 5.68 -4.32 11.59
N GLU A 418 6.36 -5.46 11.81
CA GLU A 418 6.88 -6.30 10.75
C GLU A 418 5.75 -6.82 9.87
N ASN A 419 4.71 -7.39 10.46
CA ASN A 419 3.62 -7.88 9.65
C ASN A 419 3.00 -6.81 8.79
N LEU A 420 2.84 -5.61 9.35
CA LEU A 420 2.26 -4.49 8.63
C LEU A 420 3.00 -4.31 7.31
N ASN A 421 4.31 -4.05 7.38
CA ASN A 421 5.17 -4.03 6.19
C ASN A 421 4.81 -5.21 5.26
N LYS A 422 4.73 -6.41 5.82
CA LYS A 422 4.43 -7.61 5.05
C LYS A 422 3.03 -7.65 4.35
N LYS A 423 1.97 -7.18 5.02
CA LYS A 423 0.65 -7.02 4.39
C LYS A 423 0.70 -6.10 3.17
N MET A 424 1.50 -5.04 3.25
CA MET A 424 1.64 -4.06 2.18
C MET A 424 2.32 -4.63 0.94
N GLU A 425 3.53 -5.13 1.14
CA GLU A 425 4.29 -5.70 0.04
C GLU A 425 3.54 -6.93 -0.53
N ASP A 426 2.98 -7.78 0.34
CA ASP A 426 1.94 -8.75 -0.08
C ASP A 426 0.83 -8.07 -0.92
N GLY A 427 0.40 -6.88 -0.49
CA GLY A 427 -0.69 -6.15 -1.14
C GLY A 427 -0.42 -5.51 -2.49
N PHE A 428 0.77 -4.94 -2.69
CA PHE A 428 1.16 -4.42 -4.00
C PHE A 428 1.52 -5.57 -4.93
N LEU A 429 1.95 -6.67 -4.33
CA LEU A 429 2.22 -7.89 -5.09
C LEU A 429 0.98 -8.27 -5.86
N ASP A 430 -0.15 -8.32 -5.17
CA ASP A 430 -1.42 -8.64 -5.82
C ASP A 430 -1.73 -7.65 -6.92
N VAL A 431 -1.75 -6.37 -6.56
CA VAL A 431 -2.16 -5.32 -7.50
C VAL A 431 -1.34 -5.35 -8.78
N TRP A 432 -0.01 -5.52 -8.65
CA TRP A 432 0.88 -5.54 -9.82
C TRP A 432 0.76 -6.82 -10.65
N THR A 433 0.47 -7.94 -10.00
CA THR A 433 0.41 -9.22 -10.69
C THR A 433 -0.85 -9.29 -11.54
N TYR A 434 -1.93 -8.69 -11.04
CA TYR A 434 -3.18 -8.62 -11.80
C TYR A 434 -3.05 -7.62 -12.97
N ASN A 435 -2.70 -6.38 -12.68
CA ASN A 435 -2.54 -5.47 -13.80
C ASN A 435 -1.59 -6.00 -14.90
N ALA A 436 -0.69 -6.92 -14.56
CA ALA A 436 0.30 -7.43 -15.54
C ALA A 436 -0.16 -8.67 -16.30
N GLU A 437 -0.78 -9.61 -15.62
CA GLU A 437 -1.28 -10.78 -16.33
C GLU A 437 -2.28 -10.30 -17.34
N LEU A 438 -3.14 -9.38 -16.89
CA LEU A 438 -4.22 -8.83 -17.71
C LEU A 438 -3.80 -7.87 -18.81
N LEU A 439 -3.04 -6.84 -18.46
CA LEU A 439 -2.45 -5.98 -19.46
C LEU A 439 -2.01 -6.78 -20.67
N VAL A 440 -1.24 -7.82 -20.42
CA VAL A 440 -0.76 -8.70 -21.48
C VAL A 440 -1.86 -9.41 -22.26
N LEU A 441 -2.85 -9.97 -21.58
CA LEU A 441 -3.93 -10.65 -22.28
C LEU A 441 -4.80 -9.67 -23.11
N MET A 442 -5.06 -8.48 -22.55
CA MET A 442 -5.88 -7.47 -23.22
C MET A 442 -5.16 -6.81 -24.39
N GLU A 443 -3.85 -6.70 -24.30
CA GLU A 443 -3.12 -6.07 -25.39
C GLU A 443 -2.76 -7.08 -26.46
N ASN A 444 -2.80 -8.35 -26.10
CA ASN A 444 -2.51 -9.43 -27.04
C ASN A 444 -3.67 -9.71 -27.99
N GLU A 445 -4.90 -9.62 -27.51
CA GLU A 445 -6.00 -9.76 -28.44
C GLU A 445 -6.11 -8.50 -29.31
N ARG A 446 -5.62 -7.37 -28.81
CA ARG A 446 -5.69 -6.14 -29.60
C ARG A 446 -4.66 -6.20 -30.70
N THR A 447 -3.48 -6.70 -30.38
CA THR A 447 -2.39 -6.78 -31.37
C THR A 447 -2.75 -7.72 -32.51
N LEU A 448 -3.43 -8.80 -32.17
CA LEU A 448 -3.90 -9.75 -33.16
C LEU A 448 -4.94 -9.17 -34.14
N ASP A 449 -5.67 -8.15 -33.68
CA ASP A 449 -6.71 -7.50 -34.46
C ASP A 449 -6.14 -6.39 -35.32
N PHE A 450 -5.15 -5.70 -34.79
CA PHE A 450 -4.40 -4.73 -35.58
C PHE A 450 -3.96 -5.36 -36.90
N HIS A 451 -3.25 -6.49 -36.82
CA HIS A 451 -2.80 -7.21 -38.01
C HIS A 451 -3.97 -7.63 -38.92
N ASP A 452 -4.95 -8.31 -38.34
CA ASP A 452 -6.08 -8.79 -39.11
C ASP A 452 -6.50 -7.61 -39.96
N SER A 453 -6.77 -6.50 -39.29
CA SER A 453 -7.28 -5.28 -39.91
C SER A 453 -6.36 -4.60 -40.95
N ASN A 454 -5.04 -4.64 -40.70
CA ASN A 454 -4.08 -4.19 -41.71
C ASN A 454 -4.12 -5.04 -42.98
N VAL A 455 -4.18 -6.38 -42.85
CA VAL A 455 -4.29 -7.27 -44.01
C VAL A 455 -5.63 -7.03 -44.70
N LYS A 456 -6.69 -6.87 -43.90
CA LYS A 456 -8.02 -6.54 -44.42
C LYS A 456 -8.05 -5.24 -45.20
N ASN A 457 -7.28 -4.25 -44.79
CA ASN A 457 -7.30 -2.99 -45.50
C ASN A 457 -6.38 -2.99 -46.72
N LEU A 458 -5.39 -3.88 -46.71
CA LEU A 458 -4.51 -3.99 -47.85
C LEU A 458 -5.30 -4.65 -48.97
N TYR A 459 -6.06 -5.68 -48.63
CA TYR A 459 -6.96 -6.31 -49.58
C TYR A 459 -8.03 -5.34 -50.09
N ASP A 460 -8.38 -4.36 -49.27
CA ASP A 460 -9.37 -3.37 -49.67
C ASP A 460 -8.76 -2.26 -50.53
N LYS A 461 -7.53 -1.89 -50.22
CA LYS A 461 -6.83 -0.89 -51.02
C LYS A 461 -6.82 -1.36 -52.46
N VAL A 462 -6.58 -2.65 -52.63
CA VAL A 462 -6.43 -3.29 -53.94
C VAL A 462 -7.77 -3.54 -54.66
N ARG A 463 -8.82 -3.81 -53.90
CA ARG A 463 -10.12 -4.07 -54.48
C ARG A 463 -10.62 -2.85 -55.25
N MET A 464 -10.53 -1.66 -54.67
CA MET A 464 -11.06 -0.45 -55.31
C MET A 464 -10.06 0.27 -56.23
N GLN A 465 -9.05 -0.45 -56.70
CA GLN A 465 -8.22 -0.03 -57.84
C GLN A 465 -8.53 -0.84 -59.09
N LEU A 466 -8.65 -2.15 -58.94
CA LEU A 466 -8.89 -3.08 -60.06
C LEU A 466 -10.36 -3.14 -60.52
N ARG A 467 -11.25 -3.36 -59.55
CA ARG A 467 -12.70 -3.33 -59.78
C ARG A 467 -13.16 -4.38 -60.76
N ASP A 468 -13.65 -3.90 -61.90
CA ASP A 468 -14.23 -4.73 -62.97
C ASP A 468 -13.20 -5.59 -63.70
N ASN A 469 -11.96 -5.14 -63.70
CA ASN A 469 -10.92 -5.80 -64.50
C ASN A 469 -10.40 -7.16 -63.96
N VAL A 470 -11.08 -7.68 -62.93
CA VAL A 470 -10.69 -8.93 -62.27
C VAL A 470 -11.85 -9.68 -61.62
N LYS A 471 -11.72 -10.98 -61.50
CA LYS A 471 -12.68 -11.78 -60.75
C LYS A 471 -12.15 -11.85 -59.31
N GLU A 472 -12.97 -11.42 -58.36
CA GLU A 472 -12.60 -11.51 -56.95
C GLU A 472 -12.89 -12.94 -56.47
N LEU A 473 -11.84 -13.74 -56.30
CA LEU A 473 -11.96 -15.16 -56.00
C LEU A 473 -12.59 -15.49 -54.63
N GLY A 474 -12.12 -14.83 -53.57
CA GLY A 474 -12.64 -15.09 -52.24
C GLY A 474 -11.61 -15.70 -51.31
N ASN A 475 -10.40 -15.94 -51.80
CA ASN A 475 -9.29 -16.33 -50.94
C ASN A 475 -8.35 -15.13 -50.76
N GLY A 476 -8.81 -13.96 -51.17
CA GLY A 476 -7.98 -12.79 -51.21
C GLY A 476 -7.12 -12.85 -52.45
N CYS A 477 -7.75 -13.19 -53.56
CA CYS A 477 -7.06 -13.31 -54.85
C CYS A 477 -7.84 -12.61 -55.95
N PHE A 478 -7.13 -11.91 -56.82
CA PHE A 478 -7.75 -11.31 -58.00
C PHE A 478 -7.20 -11.93 -59.28
N GLU A 479 -8.10 -12.48 -60.10
CA GLU A 479 -7.77 -13.05 -61.40
C GLU A 479 -7.96 -11.98 -62.47
N PHE A 480 -6.95 -11.78 -63.31
CA PHE A 480 -6.98 -10.69 -64.30
C PHE A 480 -7.71 -11.00 -65.61
N TYR A 481 -8.76 -10.23 -65.90
CA TYR A 481 -9.57 -10.45 -67.12
C TYR A 481 -8.86 -9.89 -68.35
N HIS A 482 -7.78 -9.14 -68.11
CA HIS A 482 -6.90 -8.71 -69.19
C HIS A 482 -5.51 -9.24 -68.90
N LYS A 483 -4.59 -9.11 -69.84
CA LYS A 483 -3.25 -9.66 -69.69
C LYS A 483 -2.38 -8.74 -68.85
N CYS A 484 -1.78 -9.28 -67.80
CA CYS A 484 -1.09 -8.45 -66.82
C CYS A 484 0.40 -8.77 -66.75
N ASP A 485 1.21 -7.96 -67.39
CA ASP A 485 2.66 -8.09 -67.30
C ASP A 485 3.17 -7.46 -66.02
N ASP A 486 4.48 -7.54 -65.83
CA ASP A 486 5.09 -7.15 -64.56
C ASP A 486 5.01 -5.65 -64.24
N GLU A 487 5.10 -4.80 -65.25
CA GLU A 487 4.91 -3.37 -65.05
C GLU A 487 3.48 -3.14 -64.56
N CYS A 488 2.57 -3.94 -65.06
CA CYS A 488 1.19 -3.90 -64.61
C CYS A 488 1.09 -4.39 -63.17
N MET A 489 2.07 -5.20 -62.73
CA MET A 489 2.05 -5.79 -61.39
C MET A 489 2.61 -4.82 -60.36
N ASN A 490 3.52 -3.96 -60.78
CA ASN A 490 4.08 -2.99 -59.85
C ASN A 490 3.12 -1.83 -59.65
N SER A 491 2.34 -1.51 -60.66
CA SER A 491 1.38 -0.43 -60.56
C SER A 491 0.40 -0.72 -59.44
N VAL A 492 0.01 -1.99 -59.31
CA VAL A 492 -0.96 -2.37 -58.31
C VAL A 492 -0.34 -2.33 -56.91
N LYS A 493 0.97 -2.57 -56.85
CA LYS A 493 1.74 -2.45 -55.61
C LYS A 493 2.07 -0.98 -55.34
N ASN A 494 2.28 -0.23 -56.41
CA ASN A 494 2.43 1.22 -56.33
C ASN A 494 1.14 1.87 -55.81
N GLY A 495 0.01 1.29 -56.20
CA GLY A 495 -1.27 1.98 -56.07
C GLY A 495 -1.45 2.88 -57.28
N THR A 496 -1.23 2.32 -58.45
CA THR A 496 -1.10 3.10 -59.68
C THR A 496 -1.78 2.42 -60.85
N TYR A 497 -2.21 1.18 -60.65
CA TYR A 497 -2.98 0.47 -61.67
C TYR A 497 -4.00 1.44 -62.27
N ASP A 498 -4.12 1.45 -63.59
CA ASP A 498 -4.98 2.41 -64.27
C ASP A 498 -4.76 2.41 -65.77
N TYR A 499 -5.75 2.02 -66.56
CA TYR A 499 -6.93 1.23 -66.21
C TYR A 499 -7.62 1.16 -67.57
N PRO A 500 -6.82 0.92 -68.64
CA PRO A 500 -7.37 0.94 -69.98
C PRO A 500 -7.72 -0.50 -70.30
N LYS A 501 -8.74 -1.02 -69.65
CA LYS A 501 -9.23 -2.34 -69.97
C LYS A 501 -10.60 -2.23 -70.60
N TYR A 502 -10.69 -2.72 -71.84
CA TYR A 502 -11.96 -2.85 -72.52
C TYR A 502 -12.17 -4.32 -72.87
N GLU A 503 -12.14 -5.21 -71.87
CA GLU A 503 -12.25 -6.64 -72.15
C GLU A 503 -13.19 -7.39 -71.20
N GLU A 504 -14.06 -8.22 -71.81
CA GLU A 504 -15.03 -9.10 -71.14
C GLU A 504 -14.73 -9.46 -69.70
N ASP B 16 -38.15 -17.49 -52.48
CA ASP B 16 -37.05 -18.19 -51.83
C ASP B 16 -36.01 -17.19 -51.35
N GLN B 17 -35.58 -17.35 -50.10
CA GLN B 17 -34.61 -16.42 -49.53
C GLN B 17 -33.86 -16.94 -48.29
N ILE B 18 -32.78 -16.24 -47.92
CA ILE B 18 -32.03 -16.59 -46.72
C ILE B 18 -31.59 -15.33 -45.94
N CYS B 19 -31.82 -15.38 -44.64
CA CYS B 19 -31.64 -14.27 -43.71
C CYS B 19 -30.60 -14.53 -42.63
N ILE B 20 -29.73 -13.56 -42.39
CA ILE B 20 -28.80 -13.63 -41.26
C ILE B 20 -29.33 -12.85 -40.04
N GLY B 21 -29.14 -13.40 -38.86
CA GLY B 21 -29.63 -12.74 -37.66
C GLY B 21 -29.06 -13.22 -36.35
N TYR B 22 -29.39 -12.53 -35.26
CA TYR B 22 -28.86 -12.87 -33.95
C TYR B 22 -29.95 -13.09 -32.89
N HIS B 23 -29.53 -13.53 -31.72
CA HIS B 23 -30.45 -14.02 -30.70
C HIS B 23 -31.05 -12.90 -29.81
N ALA B 24 -32.28 -13.14 -29.36
CA ALA B 24 -32.92 -12.29 -28.37
C ALA B 24 -33.73 -13.14 -27.39
N ASN B 25 -33.84 -12.69 -26.15
CA ASN B 25 -34.58 -13.43 -25.14
C ASN B 25 -35.24 -12.52 -24.11
N ASN B 26 -35.98 -13.12 -23.17
CA ASN B 26 -36.76 -12.36 -22.20
C ASN B 26 -35.93 -11.71 -21.08
N SER B 27 -34.65 -11.43 -21.35
CA SER B 27 -33.76 -10.90 -20.32
C SER B 27 -33.84 -9.40 -20.14
N THR B 28 -33.72 -8.95 -18.88
CA THR B 28 -33.78 -7.52 -18.58
C THR B 28 -32.55 -7.09 -17.80
N GLU B 29 -31.47 -7.86 -17.93
CA GLU B 29 -30.27 -7.55 -17.19
C GLU B 29 -29.50 -6.44 -17.88
N LYS B 30 -29.03 -5.49 -17.08
CA LYS B 30 -28.39 -4.31 -17.62
C LYS B 30 -26.90 -4.30 -17.29
N VAL B 31 -26.10 -3.87 -18.25
CA VAL B 31 -24.68 -3.67 -18.04
C VAL B 31 -24.32 -2.25 -18.45
N ASP B 32 -23.19 -1.77 -17.95
CA ASP B 32 -22.62 -0.54 -18.47
C ASP B 32 -21.41 -0.89 -19.31
N THR B 33 -20.96 0.04 -20.12
CA THR B 33 -19.71 -0.07 -20.86
C THR B 33 -19.07 1.31 -20.85
N ILE B 34 -17.88 1.44 -21.41
CA ILE B 34 -17.21 2.73 -21.40
C ILE B 34 -18.10 3.80 -22.06
N LEU B 35 -18.77 3.43 -23.13
CA LEU B 35 -19.55 4.39 -23.92
C LEU B 35 -21.05 4.52 -23.58
N GLU B 36 -21.68 3.40 -23.19
CA GLU B 36 -23.10 3.44 -22.89
C GLU B 36 -23.38 3.02 -21.46
N ARG B 37 -24.66 3.12 -21.08
CA ARG B 37 -25.13 2.61 -19.79
C ARG B 37 -26.55 2.06 -19.85
N ASN B 38 -26.93 1.30 -18.82
CA ASN B 38 -28.22 0.63 -18.77
C ASN B 38 -28.50 -0.08 -20.09
N VAL B 39 -27.65 -1.04 -20.46
CA VAL B 39 -27.76 -1.74 -21.75
C VAL B 39 -28.22 -3.18 -21.60
N THR B 40 -29.52 -3.44 -21.82
CA THR B 40 -30.03 -4.81 -21.68
C THR B 40 -29.31 -5.80 -22.57
N VAL B 41 -28.80 -6.88 -21.98
CA VAL B 41 -28.01 -7.85 -22.72
C VAL B 41 -28.65 -9.20 -22.51
N THR B 42 -28.29 -10.19 -23.32
CA THR B 42 -28.97 -11.48 -23.21
C THR B 42 -28.49 -12.30 -22.03
N HIS B 43 -27.24 -12.11 -21.66
CA HIS B 43 -26.65 -12.89 -20.58
C HIS B 43 -25.61 -12.04 -19.89
N ALA B 44 -25.26 -12.40 -18.65
CA ALA B 44 -24.27 -11.68 -17.88
C ALA B 44 -23.79 -12.48 -16.67
N LYS B 45 -22.53 -12.28 -16.29
CA LYS B 45 -21.97 -12.85 -15.06
C LYS B 45 -21.58 -11.69 -14.16
N ASP B 46 -22.08 -11.69 -12.93
CA ASP B 46 -21.63 -10.73 -11.93
C ASP B 46 -20.45 -11.36 -11.24
N ILE B 47 -19.35 -10.61 -11.13
CA ILE B 47 -18.14 -11.14 -10.49
C ILE B 47 -17.83 -10.54 -9.10
N LEU B 48 -18.85 -10.02 -8.43
CA LEU B 48 -18.64 -9.48 -7.10
C LEU B 48 -19.23 -10.44 -6.07
N GLU B 49 -18.43 -10.87 -5.10
CA GLU B 49 -18.96 -11.67 -4.01
C GLU B 49 -19.61 -10.76 -2.97
N LYS B 50 -20.83 -11.09 -2.55
CA LYS B 50 -21.52 -10.24 -1.61
C LYS B 50 -22.38 -11.08 -0.66
N THR B 51 -22.06 -12.36 -0.57
CA THR B 51 -22.83 -13.29 0.25
C THR B 51 -21.96 -14.09 1.20
N HIS B 52 -22.29 -13.98 2.49
CA HIS B 52 -21.70 -14.83 3.53
C HIS B 52 -22.72 -15.87 3.93
N ASN B 53 -22.47 -16.53 5.05
CA ASN B 53 -23.46 -17.48 5.60
C ASN B 53 -23.78 -17.18 7.04
N GLY B 54 -23.42 -15.96 7.47
CA GLY B 54 -23.73 -15.47 8.79
C GLY B 54 -23.14 -16.30 9.91
N LYS B 55 -22.23 -17.21 9.55
CA LYS B 55 -21.66 -18.16 10.52
C LYS B 55 -20.13 -18.05 10.67
N LEU B 56 -19.66 -18.23 11.90
CA LEU B 56 -18.23 -18.20 12.15
C LEU B 56 -17.73 -19.63 12.21
N CYS B 57 -16.59 -19.92 11.58
CA CYS B 57 -16.20 -21.31 11.31
C CYS B 57 -14.71 -21.60 11.44
N LYS B 58 -14.38 -22.89 11.47
CA LYS B 58 -13.00 -23.34 11.43
C LYS B 58 -12.38 -22.77 10.18
N LEU B 59 -11.07 -22.54 10.21
CA LEU B 59 -10.38 -21.94 9.08
C LEU B 59 -9.33 -22.89 8.57
N ASN B 60 -9.59 -23.51 7.43
CA ASN B 60 -8.70 -24.52 6.87
C ASN B 60 -8.71 -25.77 7.74
N GLY B 61 -9.81 -25.97 8.46
CA GLY B 61 -10.02 -27.18 9.24
C GLY B 61 -9.68 -27.02 10.71
N ILE B 62 -9.37 -25.79 11.12
CA ILE B 62 -8.89 -25.49 12.46
C ILE B 62 -9.72 -24.41 13.15
N PRO B 63 -10.22 -24.71 14.36
CA PRO B 63 -11.10 -23.81 15.11
C PRO B 63 -10.41 -22.51 15.55
N PRO B 64 -11.21 -21.45 15.79
CA PRO B 64 -10.67 -20.25 16.39
C PRO B 64 -10.50 -20.53 17.87
N LEU B 65 -10.05 -19.54 18.64
CA LEU B 65 -10.04 -19.65 20.09
C LEU B 65 -11.21 -18.81 20.58
N GLU B 66 -12.23 -19.45 21.12
CA GLU B 66 -13.41 -18.71 21.54
C GLU B 66 -13.24 -18.22 22.96
N LEU B 67 -13.23 -16.92 23.15
CA LEU B 67 -13.06 -16.38 24.49
C LEU B 67 -14.38 -15.87 25.06
N GLY B 68 -15.35 -15.64 24.20
CA GLY B 68 -16.58 -15.05 24.67
C GLY B 68 -16.24 -13.68 25.23
N ASP B 69 -16.60 -13.43 26.49
CA ASP B 69 -16.36 -12.13 27.11
C ASP B 69 -15.12 -12.11 28.00
N CYS B 70 -14.14 -12.95 27.65
CA CYS B 70 -12.83 -12.91 28.28
C CYS B 70 -11.80 -12.23 27.40
N SER B 71 -10.93 -11.45 28.02
CA SER B 71 -9.80 -10.86 27.31
C SER B 71 -8.63 -11.84 27.37
N ILE B 72 -7.67 -11.66 26.48
CA ILE B 72 -6.53 -12.56 26.48
C ILE B 72 -5.82 -12.48 27.82
N ALA B 73 -5.78 -11.28 28.39
CA ALA B 73 -5.10 -11.06 29.67
C ALA B 73 -5.80 -11.79 30.81
N GLY B 74 -7.11 -11.66 30.85
CA GLY B 74 -7.91 -12.36 31.85
C GLY B 74 -7.73 -13.86 31.69
N TRP B 75 -7.52 -14.30 30.46
CA TRP B 75 -7.43 -15.72 30.22
C TRP B 75 -6.16 -16.31 30.81
N LEU B 76 -5.03 -15.74 30.41
CA LEU B 76 -3.71 -16.26 30.74
C LEU B 76 -3.37 -16.16 32.19
N LEU B 77 -3.76 -15.04 32.79
CA LEU B 77 -3.53 -14.79 34.20
C LEU B 77 -4.43 -15.70 35.02
N GLY B 78 -5.51 -16.19 34.40
CA GLY B 78 -6.50 -17.02 35.08
C GLY B 78 -7.42 -16.23 36.01
N ASN B 79 -8.06 -15.20 35.49
CA ASN B 79 -9.08 -14.49 36.22
C ASN B 79 -10.10 -15.58 36.52
N PRO B 80 -10.55 -15.69 37.78
CA PRO B 80 -11.53 -16.70 38.18
C PRO B 80 -12.79 -16.66 37.34
N GLU B 81 -12.98 -15.59 36.57
CA GLU B 81 -14.19 -15.47 35.77
C GLU B 81 -13.98 -16.09 34.39
N CYS B 82 -12.84 -16.73 34.18
CA CYS B 82 -12.50 -17.33 32.91
C CYS B 82 -12.28 -18.82 33.08
N ASP B 83 -12.63 -19.32 34.27
CA ASP B 83 -12.41 -20.71 34.62
C ASP B 83 -12.91 -21.68 33.56
N ARG B 84 -14.21 -21.61 33.26
CA ARG B 84 -14.82 -22.55 32.34
C ARG B 84 -14.85 -22.01 30.90
N LEU B 85 -13.66 -21.92 30.30
CA LEU B 85 -13.50 -21.57 28.89
C LEU B 85 -13.20 -22.78 28.02
N LEU B 86 -13.43 -22.64 26.72
CA LEU B 86 -13.23 -23.74 25.78
C LEU B 86 -11.81 -24.31 25.85
N SER B 87 -10.83 -23.50 25.53
CA SER B 87 -9.43 -23.93 25.58
C SER B 87 -9.18 -25.16 24.73
N VAL B 88 -8.80 -24.91 23.47
CA VAL B 88 -8.36 -25.95 22.57
C VAL B 88 -6.82 -26.01 22.59
N PRO B 89 -6.24 -27.11 22.08
CA PRO B 89 -4.78 -27.25 22.03
C PRO B 89 -4.14 -26.49 20.85
N GLU B 90 -4.95 -26.13 19.85
CA GLU B 90 -4.44 -25.56 18.60
C GLU B 90 -5.54 -24.75 17.93
N TRP B 91 -5.24 -23.50 17.61
CA TRP B 91 -6.24 -22.67 16.94
C TRP B 91 -5.69 -21.86 15.76
N SER B 92 -6.60 -21.25 14.99
CA SER B 92 -6.23 -20.56 13.75
C SER B 92 -6.43 -19.05 13.86
N TYR B 93 -7.42 -18.64 14.64
CA TYR B 93 -7.58 -17.23 14.96
C TYR B 93 -8.24 -17.12 16.32
N ILE B 94 -8.44 -15.89 16.77
CA ILE B 94 -9.03 -15.67 18.09
C ILE B 94 -10.31 -14.87 18.01
N MET B 95 -11.34 -15.32 18.71
CA MET B 95 -12.58 -14.59 18.78
C MET B 95 -12.69 -13.85 20.10
N GLU B 96 -13.01 -12.57 20.03
CA GLU B 96 -13.06 -11.75 21.20
C GLU B 96 -14.17 -10.72 20.99
N LYS B 97 -14.87 -10.34 22.06
CA LYS B 97 -15.87 -9.27 21.93
C LYS B 97 -15.18 -7.91 21.84
N GLU B 98 -15.93 -6.88 21.49
CA GLU B 98 -15.32 -5.58 21.47
C GLU B 98 -15.49 -4.94 22.83
N ASN B 99 -14.53 -5.20 23.72
CA ASN B 99 -14.57 -4.76 25.13
C ASN B 99 -15.15 -5.84 26.05
N PRO B 100 -14.32 -6.84 26.38
CA PRO B 100 -14.73 -8.13 26.96
C PRO B 100 -15.20 -8.09 28.41
N ARG B 101 -14.63 -7.19 29.21
CA ARG B 101 -15.05 -7.02 30.60
C ARG B 101 -14.24 -7.89 31.56
N ASP B 102 -14.24 -9.20 31.33
CA ASP B 102 -13.49 -10.12 32.20
C ASP B 102 -12.00 -10.11 31.86
N GLY B 103 -11.26 -9.20 32.47
CA GLY B 103 -9.84 -9.08 32.19
C GLY B 103 -8.96 -9.02 33.42
N LEU B 104 -8.39 -7.85 33.70
CA LEU B 104 -7.60 -7.67 34.91
C LEU B 104 -8.51 -7.35 36.08
N CYS B 105 -9.18 -8.36 36.62
CA CYS B 105 -10.13 -8.14 37.72
C CYS B 105 -9.52 -7.26 38.81
N TYR B 106 -8.23 -7.41 39.04
CA TYR B 106 -7.49 -6.54 39.95
C TYR B 106 -6.84 -5.43 39.13
N PRO B 107 -7.13 -4.17 39.48
CA PRO B 107 -6.75 -3.09 38.56
C PRO B 107 -5.24 -3.05 38.35
N GLY B 108 -4.79 -2.58 37.20
CA GLY B 108 -3.39 -2.58 36.86
C GLY B 108 -3.19 -2.44 35.36
N SER B 109 -2.24 -3.19 34.81
CA SER B 109 -1.90 -3.12 33.39
C SER B 109 -0.98 -4.27 32.95
N PHE B 110 -0.68 -4.28 31.65
CA PHE B 110 -0.02 -5.39 30.99
C PHE B 110 0.97 -4.91 29.92
N ASN B 111 2.26 -4.90 30.22
CA ASN B 111 3.27 -4.47 29.25
C ASN B 111 3.33 -5.25 27.96
N ASP B 112 3.41 -4.54 26.84
CA ASP B 112 3.53 -5.19 25.53
C ASP B 112 2.37 -6.14 25.27
N TYR B 113 1.16 -5.66 25.57
CA TYR B 113 -0.03 -6.50 25.47
C TYR B 113 -0.36 -6.84 24.03
N GLU B 114 -0.31 -5.83 23.16
CA GLU B 114 -0.72 -5.99 21.77
C GLU B 114 0.15 -6.98 21.06
N GLU B 115 1.45 -6.90 21.33
CA GLU B 115 2.38 -7.84 20.73
C GLU B 115 2.02 -9.25 21.18
N LEU B 116 1.64 -9.38 22.44
CA LEU B 116 1.35 -10.70 23.01
C LEU B 116 0.18 -11.38 22.32
N LYS B 117 -0.75 -10.58 21.84
CA LYS B 117 -1.92 -11.12 21.19
C LYS B 117 -1.63 -11.45 19.72
N HIS B 118 -0.84 -10.63 19.05
CA HIS B 118 -0.49 -10.99 17.68
C HIS B 118 0.25 -12.32 17.73
N LEU B 119 1.00 -12.53 18.80
CA LEU B 119 1.75 -13.78 19.00
C LEU B 119 0.82 -14.97 19.14
N LEU B 120 -0.13 -14.82 20.07
CA LEU B 120 -1.09 -15.85 20.42
C LEU B 120 -2.21 -15.95 19.41
N SER B 121 -2.25 -15.03 18.43
CA SER B 121 -3.37 -14.96 17.50
C SER B 121 -3.47 -16.22 16.66
N SER B 122 -2.41 -17.01 16.66
CA SER B 122 -2.41 -18.29 15.99
C SER B 122 -1.32 -19.14 16.59
N VAL B 123 -1.61 -20.41 16.81
CA VAL B 123 -0.75 -21.29 17.59
C VAL B 123 -0.87 -22.72 17.10
N LYS B 124 0.25 -23.34 16.71
CA LYS B 124 0.20 -24.74 16.31
C LYS B 124 0.01 -25.67 17.51
N HIS B 125 0.36 -25.18 18.70
CA HIS B 125 0.20 -25.98 19.89
C HIS B 125 0.37 -25.18 21.17
N PHE B 126 -0.59 -25.27 22.07
CA PHE B 126 -0.55 -24.57 23.35
C PHE B 126 -0.69 -25.56 24.51
N GLU B 127 -0.12 -25.25 25.67
CA GLU B 127 -0.21 -26.16 26.82
C GLU B 127 0.25 -25.51 28.11
N LYS B 128 -0.60 -25.57 29.12
CA LYS B 128 -0.27 -24.97 30.42
C LYS B 128 0.46 -26.02 31.24
N VAL B 129 1.51 -25.61 31.93
CA VAL B 129 2.35 -26.53 32.67
C VAL B 129 2.81 -25.88 33.98
N LYS B 130 2.68 -26.58 35.10
CA LYS B 130 3.04 -25.95 36.37
C LYS B 130 4.54 -25.89 36.48
N ILE B 131 5.11 -24.70 36.62
CA ILE B 131 6.56 -24.58 36.66
C ILE B 131 7.13 -24.26 38.03
N LEU B 132 6.43 -23.41 38.79
CA LEU B 132 6.89 -23.04 40.13
C LEU B 132 5.86 -23.34 41.22
N PRO B 133 5.69 -24.64 41.58
CA PRO B 133 4.59 -25.07 42.45
C PRO B 133 4.39 -24.14 43.63
N LYS B 134 3.15 -23.68 43.77
CA LYS B 134 2.74 -22.70 44.77
C LYS B 134 3.21 -23.08 46.19
N ASP B 135 3.33 -24.39 46.43
CA ASP B 135 3.62 -24.94 47.75
C ASP B 135 5.05 -24.73 48.19
N ARG B 136 5.96 -24.64 47.23
CA ARG B 136 7.39 -24.64 47.53
C ARG B 136 7.86 -23.32 48.13
N TRP B 137 6.99 -22.32 48.08
CA TRP B 137 7.32 -20.99 48.59
C TRP B 137 7.23 -20.88 50.10
N THR B 138 7.75 -21.86 50.81
CA THR B 138 7.73 -21.74 52.26
C THR B 138 8.36 -20.38 52.62
N GLN B 139 8.24 -20.03 53.89
CA GLN B 139 8.77 -18.75 54.40
C GLN B 139 7.98 -17.53 53.98
N HIS B 140 7.16 -17.71 52.96
CA HIS B 140 6.30 -16.65 52.52
C HIS B 140 4.87 -17.13 52.64
N THR B 141 3.97 -16.20 52.88
CA THR B 141 2.55 -16.45 52.79
C THR B 141 2.17 -16.43 51.31
N THR B 142 1.23 -17.27 50.93
CA THR B 142 0.98 -17.54 49.52
C THR B 142 -0.52 -17.45 49.18
N THR B 143 -1.32 -17.49 50.23
CA THR B 143 -2.75 -17.53 50.10
C THR B 143 -3.35 -16.14 49.91
N GLY B 144 -2.49 -15.14 49.71
CA GLY B 144 -2.94 -13.79 49.45
C GLY B 144 -3.99 -13.73 48.36
N GLY B 145 -5.06 -12.98 48.60
CA GLY B 145 -6.16 -12.85 47.65
C GLY B 145 -6.80 -11.47 47.69
N SER B 146 -7.93 -11.30 47.02
CA SER B 146 -8.62 -10.01 47.03
C SER B 146 -10.09 -10.05 46.63
N GLN B 147 -10.83 -9.06 47.10
CA GLN B 147 -12.25 -8.96 46.83
C GLN B 147 -12.52 -8.72 45.36
N ALA B 148 -11.66 -7.93 44.74
CA ALA B 148 -11.72 -7.67 43.31
C ALA B 148 -11.81 -8.95 42.50
N CYS B 149 -11.04 -9.96 42.89
CA CYS B 149 -11.02 -11.24 42.21
C CYS B 149 -11.90 -12.21 42.94
N ALA B 150 -13.12 -11.77 43.25
CA ALA B 150 -14.03 -12.52 44.10
C ALA B 150 -14.60 -13.76 43.42
N VAL B 151 -14.62 -14.86 44.17
CA VAL B 151 -15.28 -16.09 43.75
C VAL B 151 -16.38 -16.41 44.73
N SER B 152 -17.62 -16.15 44.35
CA SER B 152 -18.77 -16.42 45.20
C SER B 152 -18.64 -15.81 46.59
N GLY B 153 -18.43 -14.49 46.64
CA GLY B 153 -18.35 -13.75 47.90
C GLY B 153 -16.98 -13.76 48.53
N ASN B 154 -16.21 -14.81 48.25
CA ASN B 154 -14.92 -15.03 48.88
C ASN B 154 -13.77 -14.44 48.08
N PRO B 155 -12.97 -13.59 48.71
CA PRO B 155 -11.72 -13.06 48.17
C PRO B 155 -10.85 -14.17 47.56
N SER B 156 -10.36 -13.93 46.35
CA SER B 156 -9.48 -14.89 45.68
C SER B 156 -8.40 -14.15 44.88
N PHE B 157 -8.07 -14.68 43.71
CA PHE B 157 -6.94 -14.14 42.95
C PHE B 157 -6.81 -14.92 41.65
N PHE B 158 -5.86 -14.52 40.82
CA PHE B 158 -5.62 -15.19 39.54
C PHE B 158 -5.21 -16.64 39.76
N ARG B 159 -5.98 -17.55 39.16
CA ARG B 159 -5.71 -18.98 39.21
C ARG B 159 -4.27 -19.34 38.89
N ASN B 160 -3.69 -18.61 37.96
CA ASN B 160 -2.34 -18.92 37.47
C ASN B 160 -1.19 -18.16 38.14
N MET B 161 -1.50 -17.27 39.10
CA MET B 161 -0.45 -16.49 39.76
C MET B 161 -0.37 -16.74 41.27
N VAL B 162 0.69 -16.24 41.88
CA VAL B 162 0.93 -16.45 43.30
C VAL B 162 1.32 -15.15 43.97
N TRP B 163 0.57 -14.74 44.98
CA TRP B 163 0.83 -13.47 45.67
C TRP B 163 1.69 -13.74 46.87
N LEU B 164 2.99 -13.50 46.72
CA LEU B 164 3.93 -13.74 47.81
C LEU B 164 3.83 -12.59 48.78
N THR B 165 3.42 -12.90 50.01
CA THR B 165 3.38 -11.91 51.10
C THR B 165 4.11 -12.37 52.34
N LYS B 166 4.34 -11.43 53.26
CA LYS B 166 5.13 -11.74 54.43
C LYS B 166 4.53 -12.94 55.14
N LYS B 167 5.39 -13.72 55.78
CA LYS B 167 4.98 -14.78 56.69
C LYS B 167 5.46 -14.41 58.09
N GLY B 168 4.52 -14.35 59.03
CA GLY B 168 4.84 -13.85 60.37
C GLY B 168 5.06 -12.36 60.30
N SER B 169 6.27 -11.94 60.64
CA SER B 169 6.65 -10.54 60.47
C SER B 169 7.86 -10.47 59.57
N ASN B 170 8.06 -11.54 58.81
CA ASN B 170 9.30 -11.72 58.07
C ASN B 170 9.06 -11.95 56.58
N TYR B 171 9.92 -11.37 55.75
CA TYR B 171 9.88 -11.63 54.32
C TYR B 171 11.32 -11.87 53.83
N PRO B 172 11.76 -13.14 53.86
CA PRO B 172 13.09 -13.51 53.39
C PRO B 172 13.22 -13.27 51.88
N VAL B 173 14.42 -13.02 51.38
CA VAL B 173 14.57 -12.80 49.94
C VAL B 173 14.02 -14.01 49.22
N ALA B 174 13.20 -13.76 48.19
CA ALA B 174 12.54 -14.83 47.45
C ALA B 174 13.30 -15.17 46.18
N LYS B 175 13.69 -16.45 46.08
CA LYS B 175 14.42 -16.94 44.91
C LYS B 175 13.61 -18.06 44.28
N GLY B 176 13.72 -18.22 42.95
CA GLY B 176 12.93 -19.21 42.21
C GLY B 176 13.37 -19.40 40.77
N SER B 177 13.67 -20.65 40.40
CA SER B 177 14.14 -20.98 39.03
C SER B 177 13.21 -21.90 38.27
N TYR B 178 13.31 -21.85 36.94
CA TYR B 178 12.77 -22.89 36.08
C TYR B 178 13.65 -23.07 34.84
N ASN B 179 14.30 -24.22 34.74
CA ASN B 179 15.05 -24.62 33.55
C ASN B 179 14.04 -25.23 32.58
N ASN B 180 13.86 -24.63 31.41
CA ASN B 180 12.83 -25.05 30.45
C ASN B 180 13.15 -26.30 29.66
N THR B 181 12.62 -27.41 30.15
CA THR B 181 12.92 -28.73 29.65
C THR B 181 11.81 -29.17 28.72
N SER B 182 10.70 -28.44 28.75
CA SER B 182 9.46 -28.80 28.05
C SER B 182 9.58 -29.13 26.56
N GLY B 183 10.74 -28.87 25.97
CA GLY B 183 10.93 -29.19 24.56
C GLY B 183 10.26 -28.23 23.60
N GLU B 184 9.54 -27.25 24.17
CA GLU B 184 9.00 -26.14 23.40
C GLU B 184 9.39 -24.85 24.06
N GLN B 185 9.28 -23.75 23.31
CA GLN B 185 9.38 -22.41 23.88
C GLN B 185 8.22 -22.21 24.82
N MET B 186 8.46 -21.49 25.91
CA MET B 186 7.43 -21.32 26.91
C MET B 186 7.08 -19.86 27.19
N LEU B 187 5.80 -19.54 27.11
CA LEU B 187 5.31 -18.23 27.50
C LEU B 187 5.30 -18.10 29.02
N ILE B 188 5.97 -17.09 29.55
CA ILE B 188 5.94 -16.84 30.99
C ILE B 188 5.56 -15.39 31.31
N ILE B 189 4.73 -15.24 32.35
CA ILE B 189 4.25 -13.93 32.78
C ILE B 189 4.49 -13.74 34.27
N TRP B 190 4.64 -12.50 34.71
CA TRP B 190 4.71 -12.21 36.13
C TRP B 190 4.17 -10.81 36.35
N GLY B 191 4.17 -10.34 37.60
CA GLY B 191 3.68 -9.01 37.90
C GLY B 191 4.40 -8.36 39.08
N VAL B 192 4.29 -7.03 39.17
CA VAL B 192 4.81 -6.27 40.30
C VAL B 192 3.69 -5.51 40.96
N HIS B 193 3.47 -5.73 42.24
CA HIS B 193 2.39 -5.04 42.94
C HIS B 193 2.79 -3.62 43.26
N HIS B 194 1.85 -2.70 43.09
CA HIS B 194 2.10 -1.30 43.42
C HIS B 194 1.08 -0.87 44.45
N PRO B 195 1.53 -0.70 45.71
CA PRO B 195 0.69 -0.26 46.84
C PRO B 195 0.25 1.20 46.76
N ILE B 196 -0.61 1.63 47.68
CA ILE B 196 -0.99 3.05 47.71
C ILE B 196 -0.24 3.74 48.80
N ASP B 197 0.48 2.95 49.60
CA ASP B 197 0.78 3.38 50.96
C ASP B 197 2.00 2.69 51.56
N GLU B 198 2.94 3.48 52.07
CA GLU B 198 4.12 2.92 52.70
C GLU B 198 3.68 1.98 53.81
N LYS B 199 2.48 2.20 54.31
CA LYS B 199 1.92 1.40 55.40
C LYS B 199 1.40 0.05 54.89
N GLU B 200 0.60 0.09 53.82
CA GLU B 200 0.17 -1.12 53.14
C GLU B 200 1.39 -1.91 52.69
N GLN B 201 2.48 -1.19 52.44
CA GLN B 201 3.71 -1.79 51.92
C GLN B 201 4.51 -2.49 53.00
N ARG B 202 4.37 -2.02 54.23
CA ARG B 202 5.06 -2.63 55.35
C ARG B 202 4.22 -3.79 55.86
N THR B 203 2.91 -3.61 55.79
CA THR B 203 1.97 -4.65 56.18
C THR B 203 2.06 -5.89 55.29
N LEU B 204 2.25 -5.70 54.00
CA LEU B 204 2.26 -6.81 53.07
C LEU B 204 3.64 -7.46 52.91
N TYR B 205 4.68 -6.66 52.97
CA TYR B 205 6.03 -7.17 52.72
C TYR B 205 7.03 -6.85 53.84
N GLN B 206 6.61 -6.07 54.83
CA GLN B 206 7.49 -5.67 55.93
C GLN B 206 8.69 -4.82 55.54
N ASN B 207 9.34 -5.17 54.43
CA ASN B 207 10.53 -4.44 54.00
C ASN B 207 10.09 -3.29 53.11
N VAL B 208 10.91 -2.25 52.99
CA VAL B 208 10.47 -1.03 52.30
C VAL B 208 11.15 -0.78 50.95
N GLY B 209 12.47 -0.93 50.91
CA GLY B 209 13.20 -0.68 49.67
C GLY B 209 13.26 -1.93 48.81
N THR B 210 12.13 -2.31 48.24
CA THR B 210 12.02 -3.64 47.61
C THR B 210 12.32 -3.62 46.12
N TYR B 211 12.37 -4.81 45.52
CA TYR B 211 12.57 -4.99 44.09
C TYR B 211 12.09 -6.38 43.63
N VAL B 212 11.89 -6.52 42.32
CA VAL B 212 11.49 -7.80 41.73
C VAL B 212 12.34 -8.05 40.48
N SER B 213 13.36 -8.89 40.64
CA SER B 213 14.30 -9.08 39.55
C SER B 213 13.99 -10.33 38.76
N VAL B 214 14.12 -10.24 37.43
CA VAL B 214 13.88 -11.37 36.55
C VAL B 214 14.93 -11.41 35.46
N GLY B 215 15.49 -12.59 35.24
CA GLY B 215 16.51 -12.76 34.22
C GLY B 215 16.52 -14.10 33.51
N THR B 216 16.66 -14.04 32.19
CA THR B 216 16.93 -15.21 31.36
C THR B 216 18.25 -15.03 30.59
N SER B 217 18.35 -15.66 29.42
CA SER B 217 19.58 -15.62 28.64
C SER B 217 19.64 -14.36 27.82
N THR B 218 18.46 -13.82 27.56
CA THR B 218 18.31 -12.63 26.77
C THR B 218 17.45 -11.61 27.52
N LEU B 219 17.12 -11.92 28.76
CA LEU B 219 16.32 -10.99 29.54
C LEU B 219 17.07 -10.42 30.74
N ASN B 220 16.64 -9.24 31.17
CA ASN B 220 17.18 -8.58 32.33
C ASN B 220 16.16 -7.52 32.66
N LYS B 221 15.74 -7.46 33.92
CA LYS B 221 14.68 -6.55 34.28
C LYS B 221 14.47 -6.52 35.78
N ARG B 222 15.14 -5.56 36.42
CA ARG B 222 14.91 -5.25 37.82
C ARG B 222 13.83 -4.14 38.00
N SER B 223 12.69 -4.52 38.58
CA SER B 223 11.58 -3.59 38.76
C SER B 223 11.50 -3.13 40.19
N THR B 224 11.21 -1.83 40.36
CA THR B 224 10.91 -1.29 41.67
C THR B 224 9.44 -0.98 41.69
N PRO B 225 8.81 -1.13 42.85
CA PRO B 225 7.38 -0.86 42.96
C PRO B 225 7.08 0.64 43.06
N GLU B 226 6.24 1.16 42.17
CA GLU B 226 5.86 2.56 42.22
C GLU B 226 4.67 2.81 43.16
N ILE B 227 4.95 3.04 44.44
CA ILE B 227 3.90 3.42 45.39
C ILE B 227 3.35 4.82 45.07
N ALA B 228 2.04 5.00 45.20
CA ALA B 228 1.45 6.29 44.88
C ALA B 228 -0.02 6.35 45.25
N THR B 229 -0.50 7.56 45.50
CA THR B 229 -1.93 7.79 45.60
C THR B 229 -2.53 7.75 44.19
N ARG B 230 -3.56 6.93 44.01
CA ARG B 230 -4.27 6.78 42.74
C ARG B 230 -5.75 6.58 43.01
N PRO B 231 -6.60 6.92 42.03
CA PRO B 231 -8.04 6.70 42.15
C PRO B 231 -8.38 5.22 42.39
N LYS B 232 -9.49 4.96 43.07
CA LYS B 232 -9.91 3.59 43.32
C LYS B 232 -10.61 2.97 42.09
N VAL B 233 -10.28 1.71 41.84
CA VAL B 233 -10.79 0.93 40.72
C VAL B 233 -11.13 -0.49 41.18
N ASN B 234 -12.40 -0.88 41.03
CA ASN B 234 -12.89 -2.17 41.53
C ASN B 234 -12.74 -2.29 43.02
N GLY B 235 -12.45 -1.16 43.67
CA GLY B 235 -12.30 -1.13 45.11
C GLY B 235 -10.91 -0.73 45.59
N LEU B 236 -9.96 -0.65 44.67
CA LEU B 236 -8.56 -0.47 45.02
C LEU B 236 -7.84 0.70 44.35
N GLY B 237 -6.90 1.30 45.08
CA GLY B 237 -6.02 2.32 44.53
C GLY B 237 -4.70 1.72 44.06
N SER B 238 -4.34 0.60 44.67
CA SER B 238 -3.16 -0.15 44.25
C SER B 238 -3.39 -0.76 42.87
N ARG B 239 -2.31 -1.18 42.23
CA ARG B 239 -2.38 -1.75 40.88
C ARG B 239 -1.44 -2.93 40.78
N MET B 240 -1.56 -3.70 39.70
CA MET B 240 -0.65 -4.82 39.44
C MET B 240 -0.14 -4.84 38.02
N GLU B 241 1.14 -4.52 37.85
CA GLU B 241 1.75 -4.40 36.53
C GLU B 241 2.40 -5.70 36.05
N PHE B 242 1.81 -6.29 35.01
CA PHE B 242 2.32 -7.55 34.47
C PHE B 242 3.28 -7.42 33.28
N SER B 243 4.33 -8.22 33.26
CA SER B 243 5.14 -8.35 32.05
C SER B 243 5.30 -9.82 31.71
N TRP B 244 5.80 -10.06 30.51
CA TRP B 244 5.92 -11.43 30.03
C TRP B 244 7.17 -11.62 29.20
N THR B 245 7.50 -12.89 28.97
CA THR B 245 8.60 -13.24 28.10
C THR B 245 8.47 -14.64 27.55
N LEU B 246 9.17 -14.89 26.45
CA LEU B 246 9.31 -16.22 25.91
C LEU B 246 10.62 -16.82 26.41
N LEU B 247 10.54 -17.80 27.31
CA LEU B 247 11.73 -18.51 27.72
C LEU B 247 12.09 -19.56 26.66
N ASP B 248 13.33 -19.56 26.19
CA ASP B 248 13.76 -20.55 25.17
C ASP B 248 13.89 -21.99 25.68
N MET B 249 14.12 -22.92 24.77
CA MET B 249 14.43 -24.31 25.15
C MET B 249 15.73 -24.40 25.94
N TRP B 250 15.71 -25.19 27.02
CA TRP B 250 16.92 -25.44 27.83
C TRP B 250 17.47 -24.16 28.47
N ASP B 251 16.64 -23.12 28.50
CA ASP B 251 16.99 -21.86 29.14
C ASP B 251 16.29 -21.69 30.49
N THR B 252 17.01 -21.18 31.49
CA THR B 252 16.44 -20.93 32.81
C THR B 252 15.91 -19.52 32.97
N ILE B 253 14.92 -19.37 33.85
CA ILE B 253 14.45 -18.05 34.25
C ILE B 253 14.63 -17.86 35.76
N ASN B 254 15.08 -16.68 36.16
CA ASN B 254 15.40 -16.46 37.56
C ASN B 254 14.59 -15.33 38.22
N PHE B 255 13.87 -15.66 39.28
CA PHE B 255 13.10 -14.68 40.01
C PHE B 255 13.77 -14.33 41.33
N GLU B 256 13.93 -13.04 41.58
CA GLU B 256 14.45 -12.61 42.86
C GLU B 256 13.61 -11.44 43.37
N SER B 257 13.16 -11.54 44.60
CA SER B 257 12.34 -10.50 45.18
C SER B 257 12.56 -10.30 46.68
N THR B 258 12.67 -9.04 47.07
CA THR B 258 12.62 -8.69 48.48
C THR B 258 11.28 -8.04 48.79
N GLY B 259 10.34 -8.17 47.86
CA GLY B 259 8.96 -7.74 48.07
C GLY B 259 8.26 -7.33 46.78
N ASN B 260 7.00 -7.71 46.65
CA ASN B 260 6.11 -7.18 45.61
C ASN B 260 5.96 -8.03 44.36
N LEU B 261 6.58 -9.21 44.38
CA LEU B 261 6.50 -10.14 43.25
C LEU B 261 5.18 -10.91 43.21
N ILE B 262 4.53 -10.89 42.05
CA ILE B 262 3.40 -11.76 41.77
C ILE B 262 3.92 -12.83 40.84
N ALA B 263 4.15 -14.03 41.38
CA ALA B 263 4.87 -15.07 40.68
C ALA B 263 3.95 -15.96 39.88
N PRO B 264 4.48 -16.58 38.82
CA PRO B 264 3.71 -17.52 38.00
C PRO B 264 3.73 -18.87 38.67
N GLU B 265 2.60 -19.55 38.74
CA GLU B 265 2.65 -20.95 39.15
C GLU B 265 2.70 -21.84 37.91
N TYR B 266 2.25 -21.30 36.78
CA TYR B 266 2.17 -22.04 35.53
C TYR B 266 2.92 -21.37 34.39
N GLY B 267 3.17 -22.10 33.32
CA GLY B 267 3.81 -21.57 32.13
C GLY B 267 3.00 -22.07 30.93
N PHE B 268 3.46 -21.77 29.73
CA PHE B 268 2.71 -22.19 28.56
C PHE B 268 3.61 -22.66 27.44
N LYS B 269 3.61 -23.98 27.19
CA LYS B 269 4.32 -24.55 26.04
C LYS B 269 3.60 -24.11 24.79
N ILE B 270 4.31 -23.42 23.92
CA ILE B 270 3.66 -22.86 22.75
C ILE B 270 4.52 -23.05 21.53
N SER B 271 3.93 -23.64 20.49
CA SER B 271 4.63 -23.86 19.23
C SER B 271 3.78 -23.28 18.12
N LYS B 272 4.39 -22.42 17.32
CA LYS B 272 3.68 -21.77 16.22
C LYS B 272 4.70 -21.41 15.14
N ARG B 273 4.35 -21.45 13.85
CA ARG B 273 3.05 -21.79 13.24
C ARG B 273 2.94 -20.92 12.00
N GLY B 274 2.60 -19.65 12.20
CA GLY B 274 2.45 -18.73 11.10
C GLY B 274 1.76 -17.41 11.43
N SER B 275 1.17 -17.32 12.61
CA SER B 275 0.60 -16.04 13.04
C SER B 275 -0.56 -15.55 12.15
N SER B 276 -1.66 -15.15 12.80
CA SER B 276 -2.91 -14.83 12.12
C SER B 276 -3.47 -13.47 12.57
N GLY B 277 -4.58 -13.47 13.31
CA GLY B 277 -5.16 -12.26 13.86
C GLY B 277 -6.37 -12.51 14.75
N ILE B 278 -6.98 -11.43 15.22
CA ILE B 278 -8.10 -11.51 16.17
C ILE B 278 -9.37 -10.95 15.60
N MET B 279 -10.41 -11.79 15.54
CA MET B 279 -11.69 -11.36 14.99
C MET B 279 -12.63 -10.85 16.06
N LYS B 280 -12.84 -9.54 16.09
CA LYS B 280 -13.75 -8.90 17.03
C LYS B 280 -15.20 -9.14 16.60
N THR B 281 -15.88 -10.03 17.30
CA THR B 281 -17.27 -10.40 16.97
C THR B 281 -18.13 -10.67 18.22
N GLU B 282 -19.41 -10.85 18.00
CA GLU B 282 -20.33 -11.19 19.09
C GLU B 282 -20.74 -12.65 18.99
N GLY B 283 -20.55 -13.22 17.81
CA GLY B 283 -21.04 -14.55 17.50
C GLY B 283 -20.31 -15.69 18.17
N THR B 284 -20.55 -16.88 17.66
CA THR B 284 -20.01 -18.07 18.25
C THR B 284 -19.74 -19.11 17.18
N LEU B 285 -18.63 -19.82 17.34
CA LEU B 285 -18.23 -20.87 16.42
C LEU B 285 -19.40 -21.82 16.15
N GLU B 286 -19.52 -22.31 14.92
CA GLU B 286 -20.69 -23.09 14.51
C GLU B 286 -20.41 -24.41 13.77
N ASN B 287 -19.15 -24.80 13.68
CA ASN B 287 -18.76 -26.05 13.01
C ASN B 287 -19.03 -26.10 11.50
N CYS B 288 -18.76 -24.99 10.83
CA CYS B 288 -18.68 -25.05 9.38
C CYS B 288 -17.21 -24.97 9.00
N GLU B 289 -16.95 -24.89 7.71
CA GLU B 289 -15.59 -24.86 7.21
C GLU B 289 -15.46 -23.67 6.28
N THR B 290 -14.27 -23.08 6.23
CA THR B 290 -14.06 -21.94 5.34
C THR B 290 -12.59 -21.62 5.14
N LYS B 291 -12.31 -21.00 3.99
CA LYS B 291 -10.98 -20.53 3.67
C LYS B 291 -10.93 -19.04 3.91
N CYS B 292 -12.09 -18.46 4.19
CA CYS B 292 -12.19 -17.01 4.40
C CYS B 292 -13.33 -16.58 5.32
N GLN B 293 -12.97 -15.97 6.43
CA GLN B 293 -13.93 -15.61 7.46
C GLN B 293 -14.10 -14.11 7.62
N THR B 294 -15.34 -13.65 7.74
CA THR B 294 -15.59 -12.25 8.04
C THR B 294 -16.42 -12.16 9.32
N PRO B 295 -16.45 -10.99 9.96
CA PRO B 295 -17.18 -10.82 11.22
C PRO B 295 -18.70 -11.00 11.09
N LEU B 296 -19.21 -10.96 9.85
CA LEU B 296 -20.64 -11.16 9.59
C LEU B 296 -20.96 -12.59 9.20
N GLY B 297 -19.96 -13.32 8.71
CA GLY B 297 -20.16 -14.69 8.24
C GLY B 297 -19.02 -15.12 7.33
N ALA B 298 -18.89 -16.43 7.09
CA ALA B 298 -17.81 -16.96 6.24
C ALA B 298 -18.13 -16.87 4.76
N ILE B 299 -17.09 -16.79 3.95
CA ILE B 299 -17.28 -16.63 2.50
C ILE B 299 -16.73 -17.80 1.69
N ASN B 300 -17.65 -18.61 1.15
CA ASN B 300 -17.30 -19.67 0.20
C ASN B 300 -17.45 -19.08 -1.18
N THR B 301 -16.35 -18.57 -1.72
CA THR B 301 -16.39 -17.91 -3.01
C THR B 301 -15.18 -18.21 -3.87
N THR B 302 -15.29 -17.83 -5.12
CA THR B 302 -14.27 -18.11 -6.12
C THR B 302 -14.02 -16.89 -7.01
N LEU B 303 -14.76 -15.81 -6.74
CA LEU B 303 -14.64 -14.58 -7.52
C LEU B 303 -13.52 -13.68 -7.00
N PRO B 304 -12.98 -12.80 -7.87
CA PRO B 304 -11.83 -11.93 -7.59
C PRO B 304 -12.15 -10.87 -6.56
N PHE B 305 -13.36 -10.31 -6.59
CA PHE B 305 -13.70 -9.19 -5.70
C PHE B 305 -14.89 -9.47 -4.80
N HIS B 306 -14.92 -8.87 -3.62
CA HIS B 306 -16.06 -8.96 -2.71
C HIS B 306 -16.27 -7.62 -1.99
N ASN B 307 -17.42 -7.46 -1.35
CA ASN B 307 -17.73 -6.23 -0.66
C ASN B 307 -18.48 -6.48 0.64
N VAL B 308 -18.35 -7.69 1.17
CA VAL B 308 -19.04 -8.07 2.40
C VAL B 308 -18.64 -7.19 3.60
N HIS B 309 -17.38 -7.26 4.03
CA HIS B 309 -16.91 -6.52 5.20
C HIS B 309 -15.39 -6.41 5.15
N PRO B 310 -14.85 -5.21 5.41
CA PRO B 310 -13.41 -5.00 5.27
C PRO B 310 -12.54 -5.87 6.19
N LEU B 311 -13.08 -6.32 7.32
CA LEU B 311 -12.25 -7.03 8.29
C LEU B 311 -12.22 -8.57 8.14
N THR B 312 -11.58 -9.07 7.10
CA THR B 312 -11.52 -10.51 6.85
C THR B 312 -10.32 -11.17 7.53
N ILE B 313 -10.34 -12.49 7.57
CA ILE B 313 -9.17 -13.28 7.96
C ILE B 313 -9.26 -14.55 7.14
N GLY B 314 -8.18 -14.92 6.47
CA GLY B 314 -8.17 -16.09 5.61
C GLY B 314 -7.50 -15.83 4.26
N GLU B 315 -8.06 -16.40 3.21
CA GLU B 315 -7.58 -16.14 1.85
C GLU B 315 -8.70 -15.50 1.06
N CYS B 316 -8.77 -14.18 1.09
CA CYS B 316 -9.96 -13.51 0.62
C CYS B 316 -9.83 -12.79 -0.70
N PRO B 317 -10.97 -12.59 -1.37
CA PRO B 317 -11.02 -11.79 -2.59
C PRO B 317 -10.64 -10.36 -2.22
N LYS B 318 -10.29 -9.54 -3.19
CA LYS B 318 -10.04 -8.14 -2.90
C LYS B 318 -11.32 -7.46 -2.46
N TYR B 319 -11.22 -6.70 -1.38
CA TYR B 319 -12.35 -5.90 -0.90
C TYR B 319 -12.48 -4.61 -1.70
N VAL B 320 -13.69 -4.43 -2.20
CA VAL B 320 -14.01 -3.41 -3.18
C VAL B 320 -15.27 -2.66 -2.73
N LYS B 321 -15.29 -1.34 -2.93
CA LYS B 321 -16.42 -0.52 -2.50
C LYS B 321 -17.47 -0.41 -3.58
N SER B 322 -17.93 -1.53 -4.12
CA SER B 322 -18.90 -1.51 -5.21
C SER B 322 -20.16 -2.23 -4.77
N GLU B 323 -21.25 -1.95 -5.47
CA GLU B 323 -22.52 -2.60 -5.17
C GLU B 323 -22.77 -3.78 -6.10
N LYS B 324 -22.24 -3.68 -7.31
CA LYS B 324 -22.31 -4.79 -8.26
C LYS B 324 -21.22 -4.67 -9.32
N LEU B 325 -20.78 -5.81 -9.84
CA LEU B 325 -19.83 -5.83 -10.94
C LEU B 325 -20.27 -6.81 -12.00
N VAL B 326 -21.26 -6.42 -12.79
CA VAL B 326 -21.82 -7.25 -13.86
C VAL B 326 -21.08 -7.18 -15.19
N LEU B 327 -20.37 -8.28 -15.50
CA LEU B 327 -19.71 -8.50 -16.78
C LEU B 327 -20.74 -9.02 -17.77
N ALA B 328 -20.72 -8.51 -18.99
CA ALA B 328 -21.66 -9.02 -20.00
C ALA B 328 -21.08 -10.25 -20.63
N THR B 329 -21.91 -11.27 -20.83
CA THR B 329 -21.46 -12.50 -21.46
C THR B 329 -22.13 -12.70 -22.83
N GLY B 330 -23.43 -12.39 -22.94
CA GLY B 330 -24.13 -12.45 -24.23
C GLY B 330 -24.17 -11.14 -25.02
N LEU B 331 -25.02 -11.07 -26.04
CA LEU B 331 -25.10 -9.85 -26.84
C LEU B 331 -26.17 -8.91 -26.36
N ARG B 332 -26.28 -7.78 -27.09
CA ARG B 332 -27.29 -6.78 -26.82
C ARG B 332 -28.68 -7.38 -27.04
N ASN B 333 -29.51 -7.32 -26.02
CA ASN B 333 -30.88 -7.80 -26.15
C ASN B 333 -31.74 -6.73 -26.84
N VAL B 334 -32.26 -7.07 -28.00
CA VAL B 334 -32.96 -6.15 -28.89
C VAL B 334 -34.19 -6.84 -29.46
N PRO B 335 -35.06 -7.39 -28.60
CA PRO B 335 -36.13 -8.26 -29.11
C PRO B 335 -37.16 -7.62 -30.07
N GLN B 336 -37.83 -8.48 -30.86
CA GLN B 336 -38.78 -8.12 -31.92
C GLN B 336 -38.28 -7.03 -32.88
N GLY B 341 -23.39 -1.54 -33.64
CA GLY B 341 -22.27 -1.48 -32.72
C GLY B 341 -21.03 -0.93 -33.40
N LEU B 342 -19.89 -1.58 -33.17
CA LEU B 342 -18.65 -1.14 -33.81
C LEU B 342 -18.54 -1.72 -35.23
N PHE B 343 -19.24 -2.80 -35.49
CA PHE B 343 -19.24 -3.39 -36.81
C PHE B 343 -20.60 -3.21 -37.48
N GLY B 344 -21.45 -2.41 -36.82
CA GLY B 344 -22.74 -2.01 -37.36
C GLY B 344 -23.66 -3.12 -37.85
N ALA B 345 -23.55 -4.30 -37.24
CA ALA B 345 -24.39 -5.42 -37.64
C ALA B 345 -25.53 -5.54 -36.64
N ILE B 346 -25.18 -5.96 -35.42
CA ILE B 346 -26.17 -6.07 -34.36
C ILE B 346 -26.66 -4.69 -34.07
N ALA B 347 -27.98 -4.52 -34.11
CA ALA B 347 -28.60 -3.19 -33.96
C ALA B 347 -28.26 -2.23 -35.10
N GLY B 348 -27.71 -2.77 -36.18
CA GLY B 348 -27.34 -1.97 -37.34
C GLY B 348 -28.20 -2.33 -38.54
N PHE B 349 -27.56 -2.83 -39.61
CA PHE B 349 -28.31 -3.23 -40.79
C PHE B 349 -29.11 -4.52 -40.58
N ILE B 350 -28.66 -5.37 -39.67
CA ILE B 350 -29.55 -6.42 -39.17
C ILE B 350 -30.24 -5.81 -37.95
N GLU B 351 -31.42 -5.23 -38.15
CA GLU B 351 -31.98 -4.36 -37.12
C GLU B 351 -32.42 -5.04 -35.83
N GLY B 352 -32.73 -6.34 -35.89
CA GLY B 352 -33.24 -7.02 -34.72
C GLY B 352 -32.73 -8.40 -34.38
N GLY B 353 -33.08 -8.84 -33.18
CA GLY B 353 -32.76 -10.20 -32.75
C GLY B 353 -33.92 -11.16 -32.96
N TRP B 354 -33.62 -12.44 -33.07
CA TRP B 354 -34.64 -13.45 -33.29
C TRP B 354 -34.89 -14.22 -32.02
N GLN B 355 -35.96 -13.87 -31.31
CA GLN B 355 -36.28 -14.56 -30.07
C GLN B 355 -36.52 -16.04 -30.37
N GLY B 356 -36.84 -16.31 -31.63
CA GLY B 356 -37.11 -17.66 -32.06
C GLY B 356 -35.92 -18.52 -32.42
N MET B 357 -34.70 -18.03 -32.22
CA MET B 357 -33.54 -18.86 -32.52
C MET B 357 -32.80 -19.24 -31.25
N VAL B 358 -33.04 -20.46 -30.78
CA VAL B 358 -32.73 -20.83 -29.41
C VAL B 358 -31.57 -21.79 -29.26
N ASP B 359 -31.06 -22.31 -30.37
CA ASP B 359 -29.99 -23.31 -30.31
C ASP B 359 -28.58 -22.72 -30.47
N GLY B 360 -28.50 -21.41 -30.66
CA GLY B 360 -27.22 -20.74 -30.81
C GLY B 360 -27.33 -19.23 -30.74
N TRP B 361 -26.20 -18.56 -30.72
CA TRP B 361 -26.18 -17.11 -30.68
C TRP B 361 -26.40 -16.45 -32.06
N TYR B 362 -25.83 -17.08 -33.09
CA TYR B 362 -25.97 -16.57 -34.45
C TYR B 362 -26.35 -17.68 -35.40
N GLY B 363 -27.23 -17.38 -36.35
CA GLY B 363 -27.67 -18.39 -37.30
C GLY B 363 -28.38 -17.83 -38.52
N TYR B 364 -29.34 -18.60 -39.03
CA TYR B 364 -29.95 -18.34 -40.33
C TYR B 364 -31.46 -18.29 -40.22
N HIS B 365 -32.12 -17.74 -41.23
CA HIS B 365 -33.56 -17.98 -41.36
C HIS B 365 -33.97 -18.92 -42.51
N HIS B 366 -33.76 -18.51 -43.76
CA HIS B 366 -34.21 -19.33 -44.89
C HIS B 366 -35.73 -19.50 -45.05
N SER B 367 -36.24 -18.91 -46.11
CA SER B 367 -37.63 -19.08 -46.52
C SER B 367 -37.60 -19.89 -47.81
N ASN B 368 -38.66 -20.65 -48.03
CA ASN B 368 -38.59 -21.75 -48.98
C ASN B 368 -40.00 -22.29 -49.21
N ASP B 369 -40.26 -22.84 -50.39
CA ASP B 369 -41.53 -23.55 -50.62
C ASP B 369 -41.47 -24.97 -50.07
N GLN B 370 -40.60 -25.16 -49.09
CA GLN B 370 -40.56 -26.35 -48.25
C GLN B 370 -40.64 -25.95 -46.79
N GLY B 371 -40.67 -24.64 -46.52
CA GLY B 371 -40.98 -24.15 -45.20
C GLY B 371 -39.98 -23.17 -44.63
N SER B 372 -40.40 -22.43 -43.61
CA SER B 372 -39.53 -21.50 -42.89
C SER B 372 -38.67 -22.26 -41.89
N GLY B 373 -37.99 -21.53 -41.02
CA GLY B 373 -37.29 -22.15 -39.90
C GLY B 373 -35.96 -21.52 -39.53
N TYR B 374 -35.76 -21.24 -38.24
CA TYR B 374 -34.48 -20.77 -37.75
C TYR B 374 -33.47 -21.90 -37.65
N ALA B 375 -32.20 -21.52 -37.55
CA ALA B 375 -31.11 -22.48 -37.44
C ALA B 375 -29.84 -21.72 -37.03
N ALA B 376 -29.20 -22.17 -35.96
CA ALA B 376 -27.99 -21.52 -35.49
C ALA B 376 -26.76 -22.09 -36.23
N ASP B 377 -25.86 -21.20 -36.63
CA ASP B 377 -24.56 -21.56 -37.15
C ASP B 377 -23.81 -22.05 -35.95
N LYS B 378 -23.61 -23.35 -35.87
CA LYS B 378 -23.03 -23.94 -34.65
C LYS B 378 -21.54 -23.65 -34.56
N GLU B 379 -20.88 -23.55 -35.71
CA GLU B 379 -19.44 -23.37 -35.74
C GLU B 379 -19.01 -22.10 -35.00
N SER B 380 -19.54 -20.96 -35.41
CA SER B 380 -19.21 -19.67 -34.78
C SER B 380 -19.81 -19.47 -33.38
N THR B 381 -21.04 -19.95 -33.15
CA THR B 381 -21.58 -20.00 -31.80
C THR B 381 -20.66 -20.77 -30.83
N GLN B 382 -19.96 -21.78 -31.33
CA GLN B 382 -19.02 -22.50 -30.49
C GLN B 382 -17.74 -21.69 -30.31
N LYS B 383 -17.15 -21.27 -31.43
CA LYS B 383 -15.98 -20.41 -31.39
C LYS B 383 -16.18 -19.32 -30.34
N ALA B 384 -17.38 -18.74 -30.31
CA ALA B 384 -17.69 -17.58 -29.45
C ALA B 384 -17.92 -17.93 -27.98
N PHE B 385 -18.62 -19.04 -27.75
CA PHE B 385 -18.74 -19.59 -26.41
C PHE B 385 -17.37 -19.85 -25.76
N ASP B 386 -16.47 -20.52 -26.48
CA ASP B 386 -15.12 -20.73 -25.98
C ASP B 386 -14.45 -19.42 -25.59
N GLY B 387 -14.47 -18.47 -26.51
CA GLY B 387 -13.88 -17.16 -26.28
C GLY B 387 -14.46 -16.40 -25.08
N ILE B 388 -15.77 -16.50 -24.89
CA ILE B 388 -16.39 -15.82 -23.76
C ILE B 388 -16.08 -16.52 -22.45
N THR B 389 -16.05 -17.85 -22.48
CA THR B 389 -15.65 -18.62 -21.32
C THR B 389 -14.27 -18.17 -20.85
N ASN B 390 -13.35 -18.06 -21.81
CA ASN B 390 -11.99 -17.67 -21.52
C ASN B 390 -11.89 -16.30 -20.91
N LYS B 391 -12.65 -15.34 -21.47
CA LYS B 391 -12.66 -13.98 -20.94
C LYS B 391 -13.00 -13.97 -19.44
N VAL B 392 -14.17 -14.50 -19.11
CA VAL B 392 -14.59 -14.67 -17.73
C VAL B 392 -13.53 -15.35 -16.87
N ASN B 393 -12.92 -16.44 -17.35
CA ASN B 393 -11.86 -17.12 -16.60
C ASN B 393 -10.60 -16.29 -16.44
N SER B 394 -10.24 -15.55 -17.48
CA SER B 394 -9.13 -14.62 -17.37
C SER B 394 -9.36 -13.64 -16.23
N VAL B 395 -10.54 -13.05 -16.19
CA VAL B 395 -10.82 -12.12 -15.11
C VAL B 395 -10.79 -12.81 -13.74
N ILE B 396 -11.26 -14.04 -13.67
CA ILE B 396 -11.26 -14.74 -12.40
C ILE B 396 -9.92 -15.38 -12.03
N GLU B 397 -9.29 -16.06 -12.97
CA GLU B 397 -8.17 -16.93 -12.59
C GLU B 397 -6.81 -16.25 -12.40
N LYS B 398 -6.63 -15.02 -12.87
CA LYS B 398 -5.35 -14.33 -12.71
C LYS B 398 -5.20 -13.63 -11.37
N MET B 399 -6.20 -13.79 -10.50
CA MET B 399 -6.25 -13.08 -9.22
C MET B 399 -5.57 -13.84 -8.08
N ASN B 400 -4.33 -13.45 -7.80
CA ASN B 400 -3.57 -14.01 -6.69
C ASN B 400 -4.17 -13.65 -5.35
N THR B 401 -4.20 -14.60 -4.43
CA THR B 401 -4.84 -14.38 -3.16
C THR B 401 -4.13 -15.06 -1.99
N GLN B 402 -3.61 -14.26 -1.06
CA GLN B 402 -2.93 -14.81 0.11
C GLN B 402 -3.66 -14.64 1.43
N PHE B 403 -3.18 -15.37 2.44
CA PHE B 403 -3.80 -15.37 3.75
C PHE B 403 -3.43 -14.09 4.47
N GLU B 404 -4.40 -13.21 4.72
CA GLU B 404 -4.17 -11.97 5.46
C GLU B 404 -5.15 -11.81 6.65
N ALA B 405 -4.77 -11.03 7.66
CA ALA B 405 -5.63 -10.84 8.84
C ALA B 405 -6.42 -9.54 8.86
N VAL B 406 -5.91 -8.50 8.20
CA VAL B 406 -6.63 -7.23 8.01
C VAL B 406 -6.93 -6.41 9.27
N GLY B 407 -7.67 -6.99 10.22
CA GLY B 407 -7.93 -6.33 11.49
C GLY B 407 -6.70 -6.39 12.39
N LYS B 408 -6.23 -5.23 12.82
CA LYS B 408 -5.03 -5.15 13.63
C LYS B 408 -5.33 -4.61 15.03
N GLU B 409 -4.35 -4.70 15.93
CA GLU B 409 -4.54 -4.31 17.33
C GLU B 409 -3.61 -3.16 17.73
N PHE B 410 -4.17 -2.11 18.32
CA PHE B 410 -3.40 -0.90 18.65
C PHE B 410 -3.75 -0.27 19.98
N SER B 411 -2.78 0.43 20.58
CA SER B 411 -2.97 1.09 21.88
C SER B 411 -3.30 2.59 21.79
N ASN B 412 -3.66 3.20 22.91
CA ASN B 412 -4.02 4.61 22.93
C ASN B 412 -2.90 5.55 22.48
N LEU B 413 -1.66 5.07 22.51
CA LEU B 413 -0.52 5.90 22.09
C LEU B 413 0.04 5.46 20.74
N GLU B 414 -0.80 4.81 19.96
CA GLU B 414 -0.40 4.32 18.65
C GLU B 414 -1.42 4.76 17.64
N ARG B 415 -2.07 5.89 17.89
CA ARG B 415 -3.08 6.38 16.96
C ARG B 415 -2.50 6.71 15.59
N ARG B 416 -1.27 7.21 15.58
CA ARG B 416 -0.49 7.39 14.36
C ARG B 416 -0.28 6.07 13.62
N LEU B 417 0.25 5.09 14.33
CA LEU B 417 0.48 3.78 13.75
C LEU B 417 -0.80 3.10 13.27
N GLU B 418 -1.88 3.29 14.02
CA GLU B 418 -3.16 2.83 13.57
C GLU B 418 -3.50 3.52 12.25
N ASN B 419 -3.35 4.84 12.21
CA ASN B 419 -3.80 5.58 11.05
C ASN B 419 -2.95 5.31 9.84
N LEU B 420 -1.85 4.60 10.03
CA LEU B 420 -1.03 4.23 8.90
C LEU B 420 -1.70 3.02 8.25
N ASN B 421 -1.85 1.95 9.03
CA ASN B 421 -2.58 0.76 8.60
C ASN B 421 -3.88 1.09 7.88
N LYS B 422 -4.57 2.14 8.33
CA LYS B 422 -5.83 2.57 7.71
C LYS B 422 -5.64 3.25 6.35
N LYS B 423 -4.86 4.32 6.33
CA LYS B 423 -4.50 5.00 5.09
C LYS B 423 -4.01 3.99 4.04
N MET B 424 -3.52 2.84 4.50
CA MET B 424 -3.03 1.84 3.57
C MET B 424 -4.15 0.99 3.04
N GLU B 425 -4.83 0.27 3.92
CA GLU B 425 -5.92 -0.58 3.48
C GLU B 425 -6.92 0.29 2.69
N ASP B 426 -6.97 1.58 3.01
CA ASP B 426 -7.77 2.56 2.28
C ASP B 426 -7.31 2.79 0.84
N GLY B 427 -6.00 2.80 0.65
CA GLY B 427 -5.43 3.03 -0.67
C GLY B 427 -5.67 1.85 -1.57
N PHE B 428 -5.65 0.66 -1.01
CA PHE B 428 -5.91 -0.55 -1.77
C PHE B 428 -7.39 -0.66 -2.11
N LEU B 429 -8.24 -0.04 -1.28
CA LEU B 429 -9.66 0.03 -1.57
C LEU B 429 -9.84 0.84 -2.84
N ASP B 430 -9.08 1.91 -2.98
CA ASP B 430 -9.26 2.79 -4.13
C ASP B 430 -8.75 2.14 -5.41
N VAL B 431 -7.49 1.71 -5.41
CA VAL B 431 -6.95 0.92 -6.52
C VAL B 431 -7.92 -0.17 -6.97
N TRP B 432 -8.18 -1.14 -6.11
CA TRP B 432 -9.04 -2.25 -6.51
C TRP B 432 -10.39 -1.81 -7.09
N THR B 433 -11.07 -0.87 -6.43
CA THR B 433 -12.38 -0.42 -6.89
C THR B 433 -12.32 0.18 -8.30
N TYR B 434 -11.36 1.06 -8.54
CA TYR B 434 -11.20 1.69 -9.84
C TYR B 434 -11.00 0.62 -10.88
N ASN B 435 -9.87 -0.08 -10.76
CA ASN B 435 -9.55 -1.19 -11.63
C ASN B 435 -10.75 -2.14 -11.87
N ALA B 436 -11.40 -2.61 -10.81
CA ALA B 436 -12.54 -3.50 -10.99
C ALA B 436 -13.66 -2.87 -11.82
N GLU B 437 -14.14 -1.71 -11.40
CA GLU B 437 -15.18 -1.00 -12.13
C GLU B 437 -14.77 -0.73 -13.59
N LEU B 438 -13.58 -0.17 -13.80
CA LEU B 438 -13.13 0.07 -15.16
C LEU B 438 -12.93 -1.21 -15.95
N LEU B 439 -12.31 -2.22 -15.34
CA LEU B 439 -12.08 -3.50 -16.01
C LEU B 439 -13.35 -4.07 -16.64
N VAL B 440 -14.47 -3.93 -15.95
CA VAL B 440 -15.74 -4.38 -16.51
C VAL B 440 -16.15 -3.53 -17.70
N LEU B 441 -16.26 -2.22 -17.51
CA LEU B 441 -16.68 -1.32 -18.59
C LEU B 441 -15.89 -1.54 -19.86
N MET B 442 -14.58 -1.69 -19.73
CA MET B 442 -13.73 -1.95 -20.90
C MET B 442 -14.09 -3.29 -21.54
N GLU B 443 -13.90 -4.39 -20.82
CA GLU B 443 -14.17 -5.71 -21.38
C GLU B 443 -15.61 -5.87 -21.86
N ASN B 444 -16.46 -4.94 -21.47
CA ASN B 444 -17.85 -4.99 -21.90
C ASN B 444 -18.05 -4.31 -23.25
N GLU B 445 -17.39 -3.18 -23.47
CA GLU B 445 -17.50 -2.60 -24.78
C GLU B 445 -16.84 -3.52 -25.79
N ARG B 446 -15.93 -4.38 -25.32
CA ARG B 446 -15.28 -5.34 -26.19
C ARG B 446 -16.17 -6.55 -26.44
N THR B 447 -16.84 -7.02 -25.39
CA THR B 447 -17.73 -8.17 -25.54
C THR B 447 -18.77 -7.91 -26.61
N LEU B 448 -19.31 -6.70 -26.64
CA LEU B 448 -20.35 -6.44 -27.63
C LEU B 448 -19.80 -6.39 -29.06
N ASP B 449 -18.70 -5.69 -29.27
CA ASP B 449 -18.06 -5.70 -30.57
C ASP B 449 -17.71 -7.12 -31.02
N PHE B 450 -17.27 -7.96 -30.09
CA PHE B 450 -16.90 -9.31 -30.43
C PHE B 450 -18.09 -9.96 -31.11
N HIS B 451 -19.24 -9.96 -30.44
CA HIS B 451 -20.43 -10.53 -31.04
C HIS B 451 -20.81 -9.84 -32.35
N ASP B 452 -20.68 -8.51 -32.40
CA ASP B 452 -20.95 -7.78 -33.65
C ASP B 452 -20.09 -8.35 -34.80
N SER B 453 -18.79 -8.32 -34.64
CA SER B 453 -17.89 -8.87 -35.62
C SER B 453 -18.28 -10.31 -36.03
N ASN B 454 -18.54 -11.18 -35.05
CA ASN B 454 -18.93 -12.55 -35.33
C ASN B 454 -20.07 -12.68 -36.35
N VAL B 455 -21.07 -11.80 -36.20
CA VAL B 455 -22.23 -11.70 -37.09
C VAL B 455 -21.87 -11.16 -38.46
N LYS B 456 -21.28 -9.98 -38.48
CA LYS B 456 -20.80 -9.34 -39.71
C LYS B 456 -20.06 -10.34 -40.59
N ASN B 457 -19.26 -11.17 -39.95
CA ASN B 457 -18.42 -12.12 -40.68
C ASN B 457 -19.18 -13.35 -41.17
N LEU B 458 -20.17 -13.79 -40.39
CA LEU B 458 -21.10 -14.80 -40.88
C LEU B 458 -21.77 -14.26 -42.13
N TYR B 459 -22.27 -13.03 -42.06
CA TYR B 459 -22.98 -12.39 -43.17
C TYR B 459 -22.10 -12.37 -44.41
N ASP B 460 -20.88 -11.88 -44.23
CA ASP B 460 -19.89 -11.82 -45.30
C ASP B 460 -19.55 -13.18 -45.91
N LYS B 461 -19.42 -14.21 -45.08
CA LYS B 461 -19.09 -15.54 -45.57
C LYS B 461 -20.15 -16.00 -46.57
N VAL B 462 -21.41 -15.68 -46.26
CA VAL B 462 -22.53 -16.02 -47.10
C VAL B 462 -22.58 -15.13 -48.35
N ARG B 463 -22.27 -13.85 -48.19
CA ARG B 463 -22.32 -12.90 -49.30
C ARG B 463 -21.30 -13.23 -50.38
N MET B 464 -20.11 -13.69 -50.00
CA MET B 464 -19.07 -13.98 -50.97
C MET B 464 -19.21 -15.39 -51.52
N GLN B 465 -20.25 -16.06 -51.08
CA GLN B 465 -20.63 -17.35 -51.60
C GLN B 465 -21.68 -17.24 -52.71
N LEU B 466 -22.71 -16.44 -52.42
CA LEU B 466 -23.85 -16.28 -53.31
C LEU B 466 -23.59 -15.25 -54.41
N ARG B 467 -22.97 -14.13 -54.05
CA ARG B 467 -22.63 -13.10 -55.03
C ARG B 467 -23.81 -12.71 -55.89
N ASP B 468 -23.67 -13.02 -57.18
CA ASP B 468 -24.62 -12.69 -58.25
C ASP B 468 -25.98 -13.37 -58.16
N ASN B 469 -26.01 -14.59 -57.64
CA ASN B 469 -27.19 -15.42 -57.67
C ASN B 469 -28.31 -15.03 -56.69
N VAL B 470 -28.20 -13.86 -56.08
CA VAL B 470 -29.22 -13.35 -55.16
C VAL B 470 -29.22 -11.84 -55.13
N LYS B 471 -30.32 -11.25 -54.67
CA LYS B 471 -30.39 -9.82 -54.42
C LYS B 471 -30.12 -9.58 -52.94
N GLU B 472 -29.11 -8.78 -52.64
CA GLU B 472 -28.77 -8.41 -51.27
C GLU B 472 -29.74 -7.31 -50.77
N LEU B 473 -30.76 -7.70 -50.01
CA LEU B 473 -31.81 -6.78 -49.57
C LEU B 473 -31.26 -5.64 -48.74
N GLY B 474 -30.30 -5.95 -47.87
CA GLY B 474 -29.68 -4.94 -47.04
C GLY B 474 -30.12 -4.99 -45.58
N ASN B 475 -31.07 -5.89 -45.29
CA ASN B 475 -31.49 -6.14 -43.92
C ASN B 475 -30.88 -7.43 -43.41
N GLY B 476 -29.78 -7.84 -44.02
CA GLY B 476 -29.16 -9.10 -43.69
C GLY B 476 -29.83 -10.24 -44.43
N CYS B 477 -30.60 -9.89 -45.46
CA CYS B 477 -31.28 -10.91 -46.24
C CYS B 477 -30.83 -11.06 -47.69
N PHE B 478 -31.03 -12.28 -48.17
CA PHE B 478 -30.68 -12.66 -49.53
C PHE B 478 -31.85 -13.29 -50.25
N GLU B 479 -32.30 -12.63 -51.32
CA GLU B 479 -33.38 -13.16 -52.16
C GLU B 479 -32.78 -13.88 -53.34
N PHE B 480 -32.92 -15.20 -53.38
CA PHE B 480 -32.37 -15.99 -54.47
C PHE B 480 -33.16 -15.66 -55.74
N TYR B 481 -32.43 -15.57 -56.85
CA TYR B 481 -33.06 -15.43 -58.17
C TYR B 481 -33.45 -16.81 -58.69
N HIS B 482 -32.72 -17.83 -58.25
CA HIS B 482 -33.03 -19.19 -58.62
C HIS B 482 -33.79 -19.91 -57.52
N LYS B 483 -34.26 -21.12 -57.81
CA LYS B 483 -35.01 -21.91 -56.85
C LYS B 483 -34.00 -22.53 -55.91
N CYS B 484 -34.22 -22.39 -54.61
CA CYS B 484 -33.30 -22.96 -53.62
C CYS B 484 -34.03 -23.92 -52.69
N ASP B 485 -33.83 -25.21 -52.91
CA ASP B 485 -34.47 -26.21 -52.05
C ASP B 485 -33.67 -26.37 -50.77
N ASP B 486 -34.05 -27.35 -49.96
CA ASP B 486 -33.41 -27.54 -48.67
C ASP B 486 -31.95 -28.00 -48.81
N GLU B 487 -31.67 -28.86 -49.78
CA GLU B 487 -30.30 -29.31 -50.01
C GLU B 487 -29.38 -28.14 -50.38
N CYS B 488 -29.92 -27.20 -51.16
CA CYS B 488 -29.19 -26.01 -51.59
C CYS B 488 -29.03 -24.99 -50.47
N MET B 489 -30.04 -24.87 -49.63
CA MET B 489 -29.96 -24.07 -48.41
C MET B 489 -28.81 -24.52 -47.49
N ASN B 490 -28.75 -25.83 -47.27
CA ASN B 490 -27.72 -26.45 -46.44
C ASN B 490 -26.33 -26.24 -47.00
N SER B 491 -26.22 -26.26 -48.33
CA SER B 491 -24.94 -25.97 -48.96
C SER B 491 -24.49 -24.56 -48.56
N VAL B 492 -25.42 -23.61 -48.42
CA VAL B 492 -25.06 -22.28 -47.99
C VAL B 492 -24.55 -22.28 -46.55
N LYS B 493 -25.22 -23.02 -45.68
CA LYS B 493 -24.75 -23.13 -44.29
C LYS B 493 -23.44 -23.93 -44.23
N ASN B 494 -23.39 -25.04 -44.98
CA ASN B 494 -22.18 -25.85 -45.13
C ASN B 494 -20.93 -25.07 -45.53
N GLY B 495 -21.11 -24.05 -46.37
CA GLY B 495 -20.02 -23.42 -47.12
C GLY B 495 -19.79 -24.15 -48.44
N THR B 496 -20.82 -24.84 -48.92
CA THR B 496 -20.73 -25.75 -50.07
C THR B 496 -21.52 -25.25 -51.28
N TYR B 497 -22.05 -24.04 -51.19
CA TYR B 497 -22.87 -23.51 -52.28
C TYR B 497 -21.99 -23.51 -53.53
N ASP B 498 -22.52 -23.96 -54.66
CA ASP B 498 -21.69 -24.19 -55.82
C ASP B 498 -22.41 -25.00 -56.88
N TYR B 499 -22.91 -24.39 -57.97
CA TYR B 499 -23.10 -22.95 -58.24
C TYR B 499 -23.56 -22.80 -59.72
N PRO B 500 -24.49 -23.68 -60.15
CA PRO B 500 -24.99 -23.72 -61.50
C PRO B 500 -26.26 -22.88 -61.52
N LYS B 501 -26.10 -21.56 -61.47
CA LYS B 501 -27.26 -20.67 -61.54
C LYS B 501 -27.00 -19.42 -62.44
N TYR B 502 -28.08 -18.80 -62.91
CA TYR B 502 -28.23 -18.51 -64.35
C TYR B 502 -29.42 -17.62 -64.57
N GLU B 503 -30.59 -18.22 -64.32
CA GLU B 503 -31.84 -17.51 -64.09
C GLU B 503 -31.57 -16.25 -63.28
N GLU B 504 -32.43 -15.23 -63.43
CA GLU B 504 -33.60 -15.30 -64.29
C GLU B 504 -33.27 -14.77 -65.69
N GLU B 505 -32.92 -13.49 -65.82
CA GLU B 505 -32.75 -12.53 -64.72
C GLU B 505 -33.89 -11.53 -64.65
N CYS C 19 -21.50 12.71 -51.38
CA CYS C 19 -20.24 12.54 -50.63
C CYS C 19 -20.33 12.36 -49.11
N ILE C 20 -19.68 11.30 -48.60
CA ILE C 20 -19.59 11.09 -47.15
C ILE C 20 -18.25 11.63 -46.61
N GLY C 21 -18.27 12.29 -45.46
CA GLY C 21 -17.06 12.85 -44.90
C GLY C 21 -17.11 13.23 -43.42
N TYR C 22 -15.97 13.61 -42.86
CA TYR C 22 -15.88 13.93 -41.45
C TYR C 22 -15.26 15.31 -41.18
N HIS C 23 -15.28 15.70 -39.91
CA HIS C 23 -14.98 17.07 -39.53
C HIS C 23 -13.50 17.37 -39.33
N ALA C 24 -13.13 18.61 -39.63
CA ALA C 24 -11.79 19.10 -39.36
C ALA C 24 -11.87 20.55 -38.90
N ASN C 25 -10.96 20.94 -38.02
CA ASN C 25 -10.93 22.29 -37.50
C ASN C 25 -9.52 22.78 -37.20
N ASN C 26 -9.39 24.06 -36.80
CA ASN C 26 -8.10 24.71 -36.58
C ASN C 26 -7.32 24.24 -35.33
N SER C 27 -7.60 23.03 -34.85
CA SER C 27 -6.99 22.55 -33.61
C SER C 27 -5.61 21.93 -33.80
N THR C 28 -4.73 22.15 -32.83
CA THR C 28 -3.38 21.61 -32.87
C THR C 28 -3.07 20.82 -31.61
N GLU C 29 -4.11 20.30 -30.96
CA GLU C 29 -3.93 19.55 -29.74
C GLU C 29 -3.51 18.13 -30.08
N LYS C 30 -2.53 17.63 -29.34
CA LYS C 30 -1.95 16.33 -29.61
C LYS C 30 -2.26 15.35 -28.50
N VAL C 31 -2.55 14.12 -28.89
CA VAL C 31 -2.75 13.05 -27.94
C VAL C 31 -1.82 11.92 -28.34
N ASP C 32 -1.59 10.99 -27.42
CA ASP C 32 -0.90 9.76 -27.74
C ASP C 32 -1.91 8.65 -27.64
N THR C 33 -1.56 7.50 -28.18
CA THR C 33 -2.38 6.31 -28.04
C THR C 33 -1.42 5.16 -27.88
N ILE C 34 -1.93 3.96 -27.70
CA ILE C 34 -1.03 2.82 -27.57
C ILE C 34 -0.11 2.69 -28.80
N LEU C 35 -0.65 2.96 -29.99
CA LEU C 35 0.11 2.68 -31.21
C LEU C 35 0.80 3.90 -31.80
N GLU C 36 0.20 5.09 -31.68
CA GLU C 36 0.80 6.28 -32.27
C GLU C 36 1.12 7.32 -31.22
N ARG C 37 1.80 8.39 -31.64
CA ARG C 37 2.03 9.55 -30.79
C ARG C 37 1.99 10.87 -31.53
N ASN C 38 1.88 11.96 -30.79
CA ASN C 38 1.72 13.29 -31.36
C ASN C 38 0.64 13.30 -32.45
N VAL C 39 -0.59 12.95 -32.07
CA VAL C 39 -1.68 12.83 -33.03
C VAL C 39 -2.70 13.97 -32.94
N THR C 40 -2.61 14.97 -33.80
CA THR C 40 -3.53 16.09 -33.71
C THR C 40 -4.97 15.62 -33.82
N VAL C 41 -5.79 16.04 -32.86
CA VAL C 41 -7.19 15.64 -32.81
C VAL C 41 -8.06 16.89 -32.76
N THR C 42 -9.36 16.75 -33.01
CA THR C 42 -10.21 17.93 -33.12
C THR C 42 -10.54 18.47 -31.76
N HIS C 43 -10.63 17.60 -30.79
CA HIS C 43 -11.05 17.98 -29.45
C HIS C 43 -10.37 17.08 -28.44
N ALA C 44 -10.24 17.54 -27.20
CA ALA C 44 -9.63 16.72 -26.17
C ALA C 44 -9.95 17.25 -24.77
N LYS C 45 -10.02 16.34 -23.79
CA LYS C 45 -10.16 16.74 -22.39
C LYS C 45 -8.93 16.26 -21.65
N ASP C 46 -8.25 17.16 -20.97
CA ASP C 46 -7.17 16.79 -20.06
C ASP C 46 -7.78 16.51 -18.69
N ILE C 47 -7.45 15.36 -18.11
CA ILE C 47 -8.03 14.96 -16.82
C ILE C 47 -7.04 14.98 -15.64
N LEU C 48 -6.02 15.81 -15.74
CA LEU C 48 -5.05 15.95 -14.67
C LEU C 48 -5.24 17.32 -14.03
N GLU C 49 -5.43 17.33 -12.72
CA GLU C 49 -5.51 18.60 -12.01
C GLU C 49 -4.11 19.10 -11.71
N LYS C 50 -3.83 20.38 -12.01
CA LYS C 50 -2.49 20.89 -11.79
C LYS C 50 -2.54 22.35 -11.36
N THR C 51 -3.69 22.78 -10.87
CA THR C 51 -3.90 24.18 -10.51
C THR C 51 -4.45 24.33 -9.11
N HIS C 52 -3.72 25.07 -8.28
CA HIS C 52 -4.19 25.48 -6.97
C HIS C 52 -4.60 26.95 -7.04
N ASN C 53 -4.78 27.58 -5.88
CA ASN C 53 -5.05 29.00 -5.84
C ASN C 53 -4.08 29.71 -4.90
N GLY C 54 -2.99 29.02 -4.58
CA GLY C 54 -1.92 29.60 -3.80
C GLY C 54 -2.35 30.04 -2.42
N LYS C 55 -3.55 29.60 -2.02
CA LYS C 55 -4.12 30.05 -0.75
C LYS C 55 -4.42 28.91 0.23
N LEU C 56 -4.23 29.16 1.52
CA LEU C 56 -4.57 28.19 2.55
C LEU C 56 -5.91 28.55 3.15
N CYS C 57 -6.78 27.56 3.33
CA CYS C 57 -8.20 27.81 3.61
C CYS C 57 -8.86 26.91 4.64
N LYS C 58 -10.05 27.30 5.07
CA LYS C 58 -10.91 26.43 5.89
C LYS C 58 -11.15 25.15 5.12
N LEU C 59 -11.34 24.05 5.85
CA LEU C 59 -11.51 22.74 5.24
C LEU C 59 -12.87 22.18 5.61
N ASN C 60 -13.79 22.18 4.66
CA ASN C 60 -15.16 21.77 4.91
C ASN C 60 -15.86 22.76 5.84
N GLY C 61 -15.39 24.00 5.82
CA GLY C 61 -16.03 25.09 6.54
C GLY C 61 -15.40 25.40 7.88
N ILE C 62 -14.28 24.73 8.16
CA ILE C 62 -13.61 24.81 9.46
C ILE C 62 -12.13 25.23 9.34
N PRO C 63 -11.74 26.27 10.07
CA PRO C 63 -10.37 26.81 9.99
C PRO C 63 -9.32 25.81 10.49
N PRO C 64 -8.05 26.00 10.07
CA PRO C 64 -6.93 25.27 10.65
C PRO C 64 -6.61 25.92 11.98
N LEU C 65 -5.61 25.42 12.68
CA LEU C 65 -5.12 26.12 13.85
C LEU C 65 -3.81 26.77 13.42
N GLU C 66 -3.80 28.09 13.37
CA GLU C 66 -2.61 28.81 12.92
C GLU C 66 -1.64 29.07 14.06
N LEU C 67 -0.44 28.54 13.98
CA LEU C 67 0.49 28.71 15.08
C LEU C 67 1.58 29.70 14.69
N GLY C 68 1.71 29.97 13.39
CA GLY C 68 2.82 30.78 12.96
C GLY C 68 4.12 30.09 13.35
N ASP C 69 4.96 30.78 14.11
CA ASP C 69 6.25 30.19 14.49
C ASP C 69 6.24 29.63 15.91
N CYS C 70 5.07 29.17 16.34
CA CYS C 70 4.96 28.43 17.57
C CYS C 70 4.89 26.93 17.33
N SER C 71 5.51 26.14 18.20
CA SER C 71 5.35 24.71 18.13
C SER C 71 4.18 24.34 19.01
N ILE C 72 3.65 23.13 18.84
CA ILE C 72 2.54 22.69 19.66
C ILE C 72 2.93 22.66 21.13
N ALA C 73 4.19 22.31 21.38
CA ALA C 73 4.70 22.21 22.74
C ALA C 73 4.76 23.57 23.39
N GLY C 74 5.30 24.54 22.66
CA GLY C 74 5.36 25.92 23.11
C GLY C 74 3.98 26.48 23.34
N TRP C 75 3.04 26.03 22.56
CA TRP C 75 1.69 26.53 22.71
C TRP C 75 1.03 26.07 24.02
N LEU C 76 0.98 24.76 24.23
CA LEU C 76 0.26 24.17 25.35
C LEU C 76 0.87 24.49 26.70
N LEU C 77 2.20 24.49 26.75
CA LEU C 77 2.91 24.79 27.96
C LEU C 77 2.74 26.28 28.26
N GLY C 78 2.44 27.06 27.23
CA GLY C 78 2.32 28.50 27.36
C GLY C 78 3.67 29.21 27.43
N ASN C 79 4.51 28.99 26.44
CA ASN C 79 5.75 29.73 26.32
C ASN C 79 5.30 31.16 26.19
N PRO C 80 5.89 32.07 26.99
CA PRO C 80 5.50 33.49 26.95
C PRO C 80 5.57 34.08 25.55
N GLU C 81 6.21 33.38 24.62
CA GLU C 81 6.35 33.90 23.27
C GLU C 81 5.18 33.46 22.39
N CYS C 82 4.21 32.79 23.01
CA CYS C 82 3.05 32.29 22.29
C CYS C 82 1.77 32.93 22.83
N ASP C 83 1.96 33.95 23.68
CA ASP C 83 0.84 34.62 24.33
C ASP C 83 -0.27 35.03 23.37
N ARG C 84 0.08 35.87 22.39
CA ARG C 84 -0.91 36.38 21.45
C ARG C 84 -1.06 35.51 20.21
N LEU C 85 -1.64 34.33 20.39
CA LEU C 85 -1.92 33.42 19.27
C LEU C 85 -3.41 33.43 18.96
N LEU C 86 -3.78 32.99 17.75
CA LEU C 86 -5.18 32.95 17.32
C LEU C 86 -6.07 32.18 18.29
N SER C 87 -5.83 30.88 18.45
CA SER C 87 -6.62 30.06 19.36
C SER C 87 -8.11 30.10 19.05
N VAL C 88 -8.54 29.17 18.22
CA VAL C 88 -9.94 28.96 17.92
C VAL C 88 -10.44 27.84 18.82
N PRO C 89 -11.77 27.69 18.93
CA PRO C 89 -12.37 26.63 19.74
C PRO C 89 -12.42 25.28 19.01
N GLU C 90 -12.29 25.28 17.68
CA GLU C 90 -12.49 24.08 16.91
C GLU C 90 -11.76 24.23 15.60
N TRP C 91 -10.92 23.25 15.26
CA TRP C 91 -10.15 23.31 14.01
C TRP C 91 -10.12 21.98 13.22
N SER C 92 -9.65 22.04 11.98
CA SER C 92 -9.69 20.89 11.08
C SER C 92 -8.30 20.37 10.76
N TYR C 93 -7.33 21.28 10.75
CA TYR C 93 -5.93 20.86 10.68
C TYR C 93 -5.05 21.88 11.37
N ILE C 94 -3.75 21.68 11.37
CA ILE C 94 -2.86 22.57 12.09
C ILE C 94 -1.80 23.07 11.17
N MET C 95 -1.53 24.38 11.24
CA MET C 95 -0.50 24.98 10.43
C MET C 95 0.70 25.26 11.27
N GLU C 96 1.87 24.85 10.80
CA GLU C 96 3.10 24.98 11.57
C GLU C 96 4.22 25.22 10.58
N LYS C 97 5.21 26.02 10.95
CA LYS C 97 6.37 26.20 10.08
C LYS C 97 7.26 24.96 10.14
N GLU C 98 8.24 24.88 9.27
CA GLU C 98 9.16 23.76 9.36
C GLU C 98 10.33 24.17 10.25
N ASN C 99 10.18 23.94 11.56
CA ASN C 99 11.15 24.37 12.58
C ASN C 99 10.79 25.73 13.16
N PRO C 100 9.80 25.75 14.06
CA PRO C 100 9.08 26.96 14.52
C PRO C 100 9.89 27.91 15.42
N ARG C 101 10.80 27.38 16.22
CA ARG C 101 11.65 28.20 17.08
C ARG C 101 11.05 28.42 18.46
N ASP C 102 9.84 28.96 18.50
CA ASP C 102 9.19 29.20 19.79
C ASP C 102 8.58 27.91 20.35
N GLY C 103 9.38 27.17 21.12
CA GLY C 103 8.93 25.92 21.70
C GLY C 103 9.24 25.78 23.18
N LEU C 104 10.16 24.88 23.50
CA LEU C 104 10.57 24.69 24.88
C LEU C 104 11.62 25.72 25.26
N CYS C 105 11.18 26.96 25.53
CA CYS C 105 12.13 28.03 25.82
C CYS C 105 13.15 27.61 26.88
N TYR C 106 12.70 26.79 27.82
CA TYR C 106 13.59 26.20 28.81
C TYR C 106 14.00 24.82 28.32
N PRO C 107 15.30 24.59 28.15
CA PRO C 107 15.70 23.37 27.46
C PRO C 107 15.15 22.12 28.16
N GLY C 108 14.96 21.05 27.40
CA GLY C 108 14.36 19.83 27.91
C GLY C 108 13.80 18.97 26.79
N SER C 109 12.61 18.40 27.02
CA SER C 109 12.00 17.48 26.07
C SER C 109 10.55 17.17 26.44
N PHE C 110 9.93 16.35 25.61
CA PHE C 110 8.46 16.12 25.66
C PHE C 110 8.09 14.68 25.27
N ASN C 111 7.80 13.83 26.26
CA ASN C 111 7.48 12.43 26.00
C ASN C 111 6.27 12.24 25.09
N ASP C 112 6.38 11.32 24.13
CA ASP C 112 5.24 10.99 23.29
C ASP C 112 4.69 12.23 22.60
N TYR C 113 5.60 13.09 22.11
CA TYR C 113 5.22 14.35 21.47
C TYR C 113 4.44 14.15 20.17
N GLU C 114 4.92 13.25 19.30
CA GLU C 114 4.33 13.04 17.98
C GLU C 114 2.90 12.54 18.08
N GLU C 115 2.67 11.61 19.00
CA GLU C 115 1.32 11.12 19.26
C GLU C 115 0.40 12.23 19.68
N LEU C 116 0.91 13.13 20.54
CA LEU C 116 0.14 14.28 21.04
C LEU C 116 -0.36 15.20 19.95
N LYS C 117 0.44 15.36 18.90
CA LYS C 117 0.09 16.21 17.78
C LYS C 117 -0.91 15.52 16.86
N HIS C 118 -0.73 14.23 16.59
CA HIS C 118 -1.72 13.54 15.77
C HIS C 118 -3.07 13.68 16.47
N LEU C 119 -3.03 13.68 17.80
CA LEU C 119 -4.25 13.78 18.58
C LEU C 119 -4.88 15.15 18.39
N LEU C 120 -4.06 16.17 18.57
CA LEU C 120 -4.50 17.57 18.50
C LEU C 120 -4.65 18.05 17.06
N SER C 121 -4.27 17.21 16.11
CA SER C 121 -4.25 17.60 14.71
C SER C 121 -5.65 17.95 14.22
N SER C 122 -6.65 17.51 14.96
CA SER C 122 -8.03 17.84 14.64
C SER C 122 -8.88 17.65 15.89
N VAL C 123 -9.76 18.61 16.13
CA VAL C 123 -10.44 18.76 17.42
C VAL C 123 -11.82 19.37 17.27
N LYS C 124 -12.86 18.64 17.69
CA LYS C 124 -14.23 19.17 17.58
C LYS C 124 -14.46 20.28 18.61
N HIS C 125 -13.64 20.31 19.65
CA HIS C 125 -13.79 21.32 20.67
C HIS C 125 -12.64 21.34 21.68
N PHE C 126 -12.04 22.51 21.87
CA PHE C 126 -10.90 22.69 22.77
C PHE C 126 -11.22 23.77 23.80
N GLU C 127 -10.62 23.68 24.99
CA GLU C 127 -10.91 24.68 26.02
C GLU C 127 -9.96 24.56 27.21
N LYS C 128 -9.29 25.66 27.53
CA LYS C 128 -8.36 25.68 28.64
C LYS C 128 -9.15 25.99 29.89
N VAL C 129 -8.84 25.30 30.98
CA VAL C 129 -9.59 25.42 32.23
C VAL C 129 -8.63 25.32 33.40
N LYS C 130 -8.71 26.24 34.37
CA LYS C 130 -7.77 26.19 35.49
C LYS C 130 -8.15 25.09 36.44
N ILE C 131 -7.26 24.12 36.66
CA ILE C 131 -7.58 22.97 37.50
C ILE C 131 -6.92 22.99 38.88
N LEU C 132 -5.66 23.43 38.96
CA LEU C 132 -4.93 23.46 40.22
C LEU C 132 -4.38 24.83 40.53
N PRO C 133 -5.27 25.76 40.94
CA PRO C 133 -4.94 27.19 41.07
C PRO C 133 -3.60 27.40 41.75
N LYS C 134 -2.75 28.16 41.06
CA LYS C 134 -1.38 28.43 41.46
C LYS C 134 -1.27 28.85 42.92
N ASP C 135 -2.32 29.49 43.43
CA ASP C 135 -2.32 30.12 44.74
C ASP C 135 -2.42 29.13 45.88
N ARG C 136 -3.03 27.98 45.62
CA ARG C 136 -3.36 27.05 46.68
C ARG C 136 -2.13 26.29 47.17
N TRP C 137 -1.03 26.41 46.45
CA TRP C 137 0.20 25.72 46.81
C TRP C 137 0.95 26.41 47.94
N THR C 138 0.28 26.81 48.99
CA THR C 138 1.00 27.36 50.13
C THR C 138 2.10 26.39 50.55
N GLN C 139 3.00 26.84 51.42
CA GLN C 139 4.13 26.04 51.89
C GLN C 139 5.22 25.85 50.87
N HIS C 140 4.89 26.11 49.61
CA HIS C 140 5.86 26.07 48.55
C HIS C 140 5.94 27.42 47.91
N THR C 141 7.12 27.76 47.44
CA THR C 141 7.34 28.92 46.62
C THR C 141 6.87 28.57 45.21
N THR C 142 6.31 29.55 44.51
CA THR C 142 5.59 29.24 43.28
C THR C 142 5.98 30.19 42.17
N THR C 143 6.64 31.28 42.56
CA THR C 143 6.98 32.34 41.63
C THR C 143 8.26 32.03 40.88
N GLY C 144 8.75 30.81 41.04
CA GLY C 144 9.93 30.38 40.32
C GLY C 144 9.85 30.70 38.84
N GLY C 145 10.96 31.22 38.29
CA GLY C 145 11.01 31.58 36.88
C GLY C 145 12.41 31.38 36.30
N SER C 146 12.65 31.89 35.10
CA SER C 146 13.97 31.77 34.48
C SER C 146 14.24 32.74 33.34
N GLN C 147 15.51 33.02 33.11
CA GLN C 147 15.92 33.95 32.07
C GLN C 147 15.59 33.40 30.70
N ALA C 148 15.70 32.09 30.55
CA ALA C 148 15.38 31.41 29.29
C ALA C 148 13.96 31.72 28.81
N CYS C 149 13.04 31.82 29.76
CA CYS C 149 11.66 32.15 29.42
C CYS C 149 11.40 33.62 29.70
N ALA C 150 12.30 34.45 29.20
CA ALA C 150 12.30 35.87 29.49
C ALA C 150 11.15 36.65 28.86
N VAL C 151 10.52 37.51 29.65
CA VAL C 151 9.51 38.43 29.15
C VAL C 151 10.00 39.85 29.38
N SER C 152 10.45 40.49 28.31
CA SER C 152 10.93 41.87 28.38
C SER C 152 11.99 42.07 29.46
N GLY C 153 13.06 41.28 29.38
CA GLY C 153 14.18 41.39 30.30
C GLY C 153 14.01 40.64 31.61
N ASN C 154 12.76 40.45 32.02
CA ASN C 154 12.44 39.83 33.29
C ASN C 154 12.22 38.32 33.19
N PRO C 155 13.00 37.55 33.98
CA PRO C 155 12.81 36.12 34.16
C PRO C 155 11.35 35.73 34.39
N SER C 156 10.89 34.73 33.65
CA SER C 156 9.53 34.26 33.79
C SER C 156 9.48 32.74 33.61
N PHE C 157 8.44 32.25 32.95
CA PHE C 157 8.18 30.82 32.90
C PHE C 157 6.94 30.53 32.07
N PHE C 158 6.65 29.25 31.87
CA PHE C 158 5.48 28.85 31.10
C PHE C 158 4.18 29.35 31.75
N ARG C 159 3.43 30.16 31.02
CA ARG C 159 2.13 30.64 31.47
C ARG C 159 1.24 29.58 32.12
N ASN C 160 1.33 28.36 31.58
CA ASN C 160 0.43 27.30 32.00
C ASN C 160 1.00 26.35 33.06
N MET C 161 2.24 26.55 33.48
CA MET C 161 2.84 25.65 34.47
C MET C 161 3.23 26.36 35.79
N VAL C 162 3.60 25.58 36.79
CA VAL C 162 3.92 26.12 38.10
C VAL C 162 5.20 25.45 38.57
N TRP C 163 6.22 26.25 38.89
CA TRP C 163 7.47 25.73 39.39
C TRP C 163 7.46 25.71 40.90
N LEU C 164 7.17 24.54 41.47
CA LEU C 164 7.15 24.41 42.92
C LEU C 164 8.57 24.36 43.43
N THR C 165 8.94 25.34 44.23
CA THR C 165 10.23 25.36 44.90
C THR C 165 10.14 25.56 46.42
N LYS C 166 11.24 25.30 47.11
CA LYS C 166 11.23 25.35 48.56
C LYS C 166 10.68 26.70 49.01
N LYS C 167 9.99 26.69 50.13
CA LYS C 167 9.64 27.91 50.83
C LYS C 167 10.39 27.99 52.15
N GLY C 168 11.14 29.08 52.36
CA GLY C 168 12.02 29.16 53.51
C GLY C 168 13.18 28.22 53.30
N SER C 169 13.33 27.24 54.19
CA SER C 169 14.33 26.21 54.00
C SER C 169 13.62 24.87 53.98
N ASN C 170 12.33 24.92 53.68
CA ASN C 170 11.49 23.76 53.84
C ASN C 170 10.74 23.42 52.55
N TYR C 171 10.63 22.12 52.26
CA TYR C 171 9.81 21.65 51.14
C TYR C 171 8.95 20.46 51.60
N PRO C 172 7.75 20.75 52.12
CA PRO C 172 6.82 19.72 52.56
C PRO C 172 6.39 18.85 51.38
N VAL C 173 5.99 17.61 51.62
CA VAL C 173 5.55 16.78 50.50
C VAL C 173 4.37 17.45 49.82
N ALA C 174 4.41 17.53 48.50
CA ALA C 174 3.38 18.23 47.74
C ALA C 174 2.31 17.29 47.23
N LYS C 175 1.05 17.57 47.58
CA LYS C 175 -0.07 16.74 47.14
C LYS C 175 -1.08 17.62 46.41
N GLY C 176 -1.74 17.06 45.38
CA GLY C 176 -2.70 17.82 44.60
C GLY C 176 -3.61 16.98 43.71
N SER C 177 -4.93 17.22 43.76
CA SER C 177 -5.87 16.43 42.99
C SER C 177 -6.67 17.25 42.03
N TYR C 178 -7.19 16.59 40.99
CA TYR C 178 -8.29 17.14 40.21
C TYR C 178 -9.24 16.02 39.76
N ASN C 179 -10.46 16.05 40.29
CA ASN C 179 -11.56 15.20 39.81
C ASN C 179 -12.19 15.86 38.58
N ASN C 180 -12.12 15.18 37.43
CA ASN C 180 -12.54 15.79 36.14
C ASN C 180 -14.04 15.83 35.95
N THR C 181 -14.59 17.00 36.25
CA THR C 181 -16.02 17.23 36.25
C THR C 181 -16.45 17.91 34.94
N SER C 182 -15.47 18.41 34.21
CA SER C 182 -15.69 19.19 32.99
C SER C 182 -16.62 18.60 31.93
N GLY C 183 -17.01 17.34 32.07
CA GLY C 183 -17.92 16.73 31.12
C GLY C 183 -17.27 16.35 29.81
N GLU C 184 -16.00 16.67 29.68
CA GLU C 184 -15.21 16.23 28.54
C GLU C 184 -13.93 15.58 29.02
N GLN C 185 -13.30 14.80 28.15
CA GLN C 185 -11.96 14.30 28.45
C GLN C 185 -11.05 15.50 28.53
N MET C 186 -10.02 15.43 29.36
CA MET C 186 -9.15 16.57 29.53
C MET C 186 -7.69 16.23 29.32
N LEU C 187 -7.04 17.02 28.48
CA LEU C 187 -5.59 16.92 28.26
C LEU C 187 -4.84 17.50 29.44
N ILE C 188 -4.01 16.69 30.09
CA ILE C 188 -3.17 17.20 31.17
C ILE C 188 -1.68 16.92 30.95
N ILE C 189 -0.84 17.90 31.28
CA ILE C 189 0.60 17.81 31.11
C ILE C 189 1.30 18.21 32.40
N TRP C 190 2.52 17.69 32.59
CA TRP C 190 3.34 18.11 33.71
C TRP C 190 4.78 17.92 33.33
N GLY C 191 5.70 18.17 34.25
CA GLY C 191 7.11 18.05 33.98
C GLY C 191 7.94 17.71 35.22
N VAL C 192 9.12 17.15 34.98
CA VAL C 192 10.09 16.86 36.02
C VAL C 192 11.37 17.65 35.76
N HIS C 193 11.78 18.50 36.69
CA HIS C 193 13.01 19.27 36.52
C HIS C 193 14.23 18.39 36.74
N HIS C 194 15.24 18.59 35.91
CA HIS C 194 16.50 17.86 36.05
C HIS C 194 17.66 18.82 36.24
N PRO C 195 18.18 18.93 37.47
CA PRO C 195 19.24 19.87 37.81
C PRO C 195 20.58 19.46 37.22
N ILE C 196 21.62 20.30 37.36
CA ILE C 196 22.95 19.89 36.95
C ILE C 196 23.76 19.46 38.15
N ASP C 197 23.22 19.68 39.34
CA ASP C 197 24.06 19.80 40.52
C ASP C 197 23.34 19.45 41.81
N GLU C 198 23.93 18.57 42.61
CA GLU C 198 23.34 18.20 43.89
C GLU C 198 23.13 19.47 44.71
N LYS C 199 23.88 20.51 44.36
CA LYS C 199 23.86 21.79 45.06
C LYS C 199 22.66 22.63 44.62
N GLU C 200 22.51 22.77 43.32
CA GLU C 200 21.31 23.38 42.74
C GLU C 200 20.04 22.63 43.20
N GLN C 201 20.19 21.35 43.48
CA GLN C 201 19.10 20.48 43.90
C GLN C 201 18.72 20.67 45.35
N ARG C 202 19.67 21.08 46.18
CA ARG C 202 19.41 21.34 47.58
C ARG C 202 18.90 22.77 47.70
N THR C 203 19.41 23.63 46.84
CA THR C 203 19.01 25.03 46.82
C THR C 203 17.55 25.19 46.40
N LEU C 204 17.14 24.41 45.42
CA LEU C 204 15.78 24.54 44.90
C LEU C 204 14.72 23.73 45.66
N TYR C 205 15.11 22.57 46.17
CA TYR C 205 14.16 21.70 46.84
C TYR C 205 14.58 21.28 48.25
N GLN C 206 15.80 21.63 48.65
CA GLN C 206 16.31 21.25 49.98
C GLN C 206 16.48 19.74 50.18
N ASN C 207 15.53 18.96 49.71
CA ASN C 207 15.58 17.53 49.92
C ASN C 207 16.31 16.91 48.74
N VAL C 208 16.91 15.74 48.93
CA VAL C 208 17.78 15.15 47.91
C VAL C 208 17.22 13.93 47.18
N GLY C 209 16.66 12.98 47.91
CA GLY C 209 16.14 11.78 47.27
C GLY C 209 14.71 11.97 46.84
N THR C 210 14.49 12.76 45.80
CA THR C 210 13.15 13.24 45.50
C THR C 210 12.45 12.39 44.45
N TYR C 211 11.16 12.66 44.23
CA TYR C 211 10.36 11.97 43.23
C TYR C 211 9.14 12.82 42.85
N VAL C 212 8.55 12.51 41.70
CA VAL C 212 7.33 13.16 41.24
C VAL C 212 6.34 12.08 40.80
N SER C 213 5.36 11.78 41.64
CA SER C 213 4.43 10.70 41.35
C SER C 213 3.13 11.20 40.76
N VAL C 214 2.66 10.54 39.70
CA VAL C 214 1.38 10.89 39.09
C VAL C 214 0.53 9.66 38.81
N GLY C 215 -0.75 9.73 39.17
CA GLY C 215 -1.65 8.59 38.97
C GLY C 215 -3.10 8.90 38.68
N THR C 216 -3.65 8.21 37.69
CA THR C 216 -5.07 8.22 37.44
C THR C 216 -5.66 6.81 37.56
N SER C 217 -6.74 6.54 36.84
CA SER C 217 -7.40 5.23 36.88
C SER C 217 -6.67 4.21 36.00
N THR C 218 -5.92 4.73 35.03
CA THR C 218 -5.21 3.93 34.06
C THR C 218 -3.77 4.40 33.99
N LEU C 219 -3.40 5.33 34.85
CA LEU C 219 -2.04 5.84 34.85
C LEU C 219 -1.30 5.50 36.13
N ASN C 220 0.01 5.44 36.01
CA ASN C 220 0.91 5.21 37.13
C ASN C 220 2.27 5.61 36.61
N LYS C 221 3.00 6.40 37.37
CA LYS C 221 4.28 6.91 36.87
C LYS C 221 5.00 7.71 37.94
N ARG C 222 5.89 7.02 38.64
CA ARG C 222 6.79 7.66 39.60
C ARG C 222 8.10 8.01 38.91
N SER C 223 8.36 9.31 38.77
CA SER C 223 9.60 9.76 38.14
C SER C 223 10.64 10.25 39.17
N THR C 224 11.89 9.90 38.91
CA THR C 224 13.01 10.40 39.70
C THR C 224 13.74 11.38 38.82
N PRO C 225 14.29 12.44 39.41
CA PRO C 225 15.02 13.45 38.65
C PRO C 225 16.44 12.98 38.30
N GLU C 226 16.76 12.97 37.01
CA GLU C 226 18.11 12.59 36.56
C GLU C 226 19.08 13.76 36.57
N ILE C 227 19.72 14.00 37.71
CA ILE C 227 20.78 15.02 37.82
C ILE C 227 22.00 14.61 37.01
N ALA C 228 22.65 15.57 36.35
CA ALA C 228 23.78 15.24 35.50
C ALA C 228 24.46 16.47 34.94
N THR C 229 25.73 16.33 34.62
CA THR C 229 26.43 17.36 33.87
C THR C 229 26.03 17.26 32.40
N ARG C 230 25.53 18.37 31.85
CA ARG C 230 25.12 18.45 30.44
C ARG C 230 25.53 19.79 29.83
N PRO C 231 25.64 19.85 28.50
CA PRO C 231 25.96 21.10 27.79
C PRO C 231 24.90 22.16 28.03
N LYS C 232 25.32 23.43 28.00
CA LYS C 232 24.39 24.54 28.25
C LYS C 232 23.57 24.82 27.01
N VAL C 233 22.28 25.09 27.22
CA VAL C 233 21.32 25.38 26.16
C VAL C 233 20.40 26.53 26.59
N ASN C 234 20.39 27.61 25.82
CA ASN C 234 19.68 28.83 26.19
C ASN C 234 20.19 29.41 27.50
N GLY C 235 21.32 28.90 27.95
CA GLY C 235 21.93 29.37 29.17
C GLY C 235 21.99 28.34 30.27
N LEU C 236 21.36 27.19 30.05
CA LEU C 236 21.19 26.20 31.11
C LEU C 236 21.70 24.79 30.78
N GLY C 237 22.23 24.09 31.78
CA GLY C 237 22.57 22.69 31.63
C GLY C 237 21.44 21.80 32.12
N SER C 238 20.63 22.34 33.03
CA SER C 238 19.47 21.64 33.53
C SER C 238 18.45 21.52 32.41
N ARG C 239 17.48 20.63 32.57
CA ARG C 239 16.46 20.38 31.57
C ARG C 239 15.10 20.21 32.24
N MET C 240 14.04 20.23 31.45
CA MET C 240 12.69 19.96 31.96
C MET C 240 11.93 18.95 31.10
N GLU C 241 11.75 17.75 31.64
CA GLU C 241 11.09 16.66 30.92
C GLU C 241 9.57 16.61 31.14
N PHE C 242 8.81 16.89 30.09
CA PHE C 242 7.34 16.93 30.17
C PHE C 242 6.66 15.64 29.72
N SER C 243 5.66 15.20 30.47
CA SER C 243 4.78 14.13 30.00
C SER C 243 3.34 14.59 30.05
N TRP C 244 2.46 13.81 29.44
CA TRP C 244 1.06 14.19 29.38
C TRP C 244 0.15 13.00 29.47
N THR C 245 -1.13 13.25 29.70
CA THR C 245 -2.12 12.19 29.68
C THR C 245 -3.49 12.76 29.44
N LEU C 246 -4.40 11.88 29.02
CA LEU C 246 -5.83 12.20 28.90
C LEU C 246 -6.56 11.71 30.14
N LEU C 247 -7.00 12.63 30.98
CA LEU C 247 -7.78 12.25 32.14
C LEU C 247 -9.24 12.05 31.73
N ASP C 248 -9.82 10.91 32.07
CA ASP C 248 -11.21 10.61 31.67
C ASP C 248 -12.24 11.45 32.41
N MET C 249 -13.50 11.36 31.96
CA MET C 249 -14.62 11.98 32.68
C MET C 249 -14.79 11.36 34.07
N TRP C 250 -14.99 12.21 35.07
CA TRP C 250 -15.26 11.76 36.45
C TRP C 250 -14.07 11.01 37.03
N ASP C 251 -12.91 11.15 36.40
CA ASP C 251 -11.68 10.53 36.89
C ASP C 251 -10.76 11.56 37.55
N THR C 252 -10.12 11.18 38.65
CA THR C 252 -9.16 12.03 39.35
C THR C 252 -7.73 11.79 38.93
N ILE C 253 -6.92 12.84 39.03
CA ILE C 253 -5.48 12.72 38.84
C ILE C 253 -4.78 13.15 40.12
N ASN C 254 -3.72 12.43 40.49
CA ASN C 254 -3.06 12.68 41.76
C ASN C 254 -1.59 13.02 41.60
N PHE C 255 -1.20 14.18 42.09
CA PHE C 255 0.21 14.57 42.05
C PHE C 255 0.84 14.42 43.44
N GLU C 256 1.99 13.78 43.50
CA GLU C 256 2.75 13.72 44.74
C GLU C 256 4.22 13.99 44.48
N SER C 257 4.80 14.92 45.21
CA SER C 257 6.19 15.27 44.99
C SER C 257 6.92 15.64 46.27
N THR C 258 8.12 15.11 46.41
CA THR C 258 9.03 15.58 47.45
C THR C 258 10.12 16.44 46.83
N GLY C 259 9.93 16.80 45.56
CA GLY C 259 10.79 17.74 44.89
C GLY C 259 10.83 17.50 43.38
N ASN C 260 10.84 18.59 42.60
CA ASN C 260 11.14 18.56 41.15
C ASN C 260 9.91 18.54 40.24
N LEU C 261 8.75 18.73 40.84
CA LEU C 261 7.51 18.76 40.06
C LEU C 261 7.25 20.13 39.42
N ILE C 262 7.00 20.11 38.12
CA ILE C 262 6.49 21.28 37.41
C ILE C 262 5.01 21.04 37.17
N ALA C 263 4.16 21.68 37.97
CA ALA C 263 2.75 21.33 38.02
C ALA C 263 1.95 22.09 36.98
N PRO C 264 0.78 21.56 36.59
CA PRO C 264 -0.10 22.24 35.64
C PRO C 264 -0.98 23.18 36.43
N GLU C 265 -1.19 24.41 35.97
CA GLU C 265 -2.21 25.23 36.59
C GLU C 265 -3.51 25.13 35.79
N TYR C 266 -3.37 24.73 34.53
CA TYR C 266 -4.50 24.60 33.63
C TYR C 266 -4.61 23.21 33.02
N GLY C 267 -5.79 22.94 32.44
CA GLY C 267 -6.08 21.70 31.74
C GLY C 267 -6.76 22.04 30.42
N PHE C 268 -7.12 21.03 29.63
CA PHE C 268 -7.71 21.29 28.33
C PHE C 268 -8.88 20.36 28.06
N LYS C 269 -10.09 20.91 28.07
CA LYS C 269 -11.26 20.13 27.68
C LYS C 269 -11.15 19.94 26.19
N ILE C 270 -11.17 18.69 25.76
CA ILE C 270 -11.00 18.38 24.35
C ILE C 270 -11.97 17.30 23.91
N SER C 271 -12.73 17.60 22.86
CA SER C 271 -13.65 16.65 22.27
C SER C 271 -13.36 16.51 20.78
N LYS C 272 -13.15 15.28 20.33
CA LYS C 272 -12.82 15.04 18.93
C LYS C 272 -13.29 13.64 18.58
N ARG C 273 -13.72 13.36 17.35
CA ARG C 273 -13.87 14.25 16.19
C ARG C 273 -13.62 13.39 14.97
N GLY C 274 -12.34 13.12 14.71
CA GLY C 274 -11.97 12.31 13.56
C GLY C 274 -10.49 12.31 13.20
N SER C 275 -9.73 13.23 13.78
CA SER C 275 -8.28 13.24 13.58
C SER C 275 -7.86 13.49 12.12
N SER C 276 -6.91 14.40 11.95
CA SER C 276 -6.53 14.89 10.62
C SER C 276 -5.00 14.83 10.43
N GLY C 277 -4.35 15.99 10.46
CA GLY C 277 -2.91 16.07 10.32
C GLY C 277 -2.38 17.50 10.36
N ILE C 278 -1.07 17.65 10.19
CA ILE C 278 -0.38 18.93 10.33
C ILE C 278 0.24 19.39 9.02
N MET C 279 -0.17 20.56 8.54
CA MET C 279 0.38 21.09 7.30
C MET C 279 1.57 22.02 7.55
N LYS C 280 2.77 21.54 7.25
CA LYS C 280 3.99 22.32 7.34
C LYS C 280 4.02 23.36 6.22
N THR C 281 3.76 24.62 6.54
CA THR C 281 3.77 25.68 5.54
C THR C 281 4.35 26.99 6.06
N GLU C 282 4.50 27.97 5.18
CA GLU C 282 4.97 29.29 5.61
C GLU C 282 3.82 30.28 5.57
N GLY C 283 2.78 29.92 4.83
CA GLY C 283 1.66 30.80 4.56
C GLY C 283 0.74 31.08 5.73
N THR C 284 -0.42 31.65 5.40
CA THR C 284 -1.36 32.10 6.41
C THR C 284 -2.78 31.95 5.89
N LEU C 285 -3.67 31.53 6.78
CA LEU C 285 -5.07 31.34 6.46
C LEU C 285 -5.62 32.56 5.74
N GLU C 286 -6.50 32.35 4.76
CA GLU C 286 -6.97 33.45 3.92
C GLU C 286 -8.49 33.57 3.73
N ASN C 287 -9.25 32.76 4.44
CA ASN C 287 -10.72 32.82 4.34
C ASN C 287 -11.32 32.39 3.01
N CYS C 288 -10.75 31.35 2.42
CA CYS C 288 -11.44 30.70 1.32
C CYS C 288 -12.00 29.39 1.83
N GLU C 289 -12.53 28.59 0.93
CA GLU C 289 -13.14 27.34 1.31
C GLU C 289 -12.55 26.26 0.43
N THR C 290 -12.44 25.05 0.96
CA THR C 290 -11.92 23.94 0.15
C THR C 290 -12.21 22.58 0.76
N LYS C 291 -12.26 21.58 -0.11
CA LYS C 291 -12.40 20.19 0.32
C LYS C 291 -11.03 19.53 0.28
N CYS C 292 -10.06 20.24 -0.26
CA CYS C 292 -8.73 19.69 -0.44
C CYS C 292 -7.62 20.75 -0.43
N GLN C 293 -6.76 20.67 0.57
CA GLN C 293 -5.70 21.63 0.77
C GLN C 293 -4.30 21.08 0.53
N THR C 294 -3.47 21.84 -0.18
CA THR C 294 -2.05 21.51 -0.33
C THR C 294 -1.19 22.64 0.21
N PRO C 295 0.09 22.35 0.51
CA PRO C 295 0.99 23.38 1.07
C PRO C 295 1.25 24.55 0.13
N LEU C 296 0.96 24.41 -1.16
CA LEU C 296 1.14 25.48 -2.15
C LEU C 296 -0.14 26.28 -2.38
N GLY C 297 -1.29 25.67 -2.08
CA GLY C 297 -2.59 26.27 -2.31
C GLY C 297 -3.70 25.23 -2.30
N ALA C 298 -4.96 25.67 -2.23
CA ALA C 298 -6.10 24.75 -2.20
C ALA C 298 -6.56 24.31 -3.59
N ILE C 299 -7.16 23.12 -3.66
CA ILE C 299 -7.56 22.55 -4.93
C ILE C 299 -9.08 22.38 -5.05
N ASN C 300 -9.70 23.23 -5.87
CA ASN C 300 -11.10 23.07 -6.23
C ASN C 300 -11.14 22.30 -7.52
N THR C 301 -11.26 20.98 -7.41
CA THR C 301 -11.22 20.13 -8.59
C THR C 301 -12.22 18.99 -8.54
N THR C 302 -12.37 18.34 -9.69
CA THR C 302 -13.34 17.30 -9.88
C THR C 302 -12.76 16.14 -10.67
N LEU C 303 -11.50 16.28 -11.07
CA LEU C 303 -10.83 15.25 -11.84
C LEU C 303 -10.19 14.19 -10.93
N PRO C 304 -9.96 12.98 -11.48
CA PRO C 304 -9.48 11.80 -10.77
C PRO C 304 -8.04 11.91 -10.33
N PHE C 305 -7.20 12.58 -11.11
CA PHE C 305 -5.77 12.67 -10.79
C PHE C 305 -5.26 14.10 -10.71
N HIS C 306 -4.23 14.32 -9.91
CA HIS C 306 -3.58 15.63 -9.82
C HIS C 306 -2.08 15.44 -9.59
N ASN C 307 -1.33 16.51 -9.79
CA ASN C 307 0.11 16.46 -9.63
C ASN C 307 0.67 17.67 -8.94
N VAL C 308 -0.17 18.38 -8.20
CA VAL C 308 0.22 19.62 -7.56
C VAL C 308 1.36 19.44 -6.53
N HIS C 309 1.09 18.68 -5.47
CA HIS C 309 2.06 18.47 -4.41
C HIS C 309 1.64 17.25 -3.61
N PRO C 310 2.57 16.34 -3.32
CA PRO C 310 2.26 15.07 -2.63
C PRO C 310 1.62 15.25 -1.25
N LEU C 311 1.88 16.36 -0.57
CA LEU C 311 1.44 16.52 0.83
C LEU C 311 0.07 17.19 1.00
N THR C 312 -0.99 16.47 0.65
CA THR C 312 -2.35 17.01 0.75
C THR C 312 -3.01 16.69 2.08
N ILE C 313 -4.10 17.40 2.36
CA ILE C 313 -4.99 17.10 3.47
C ILE C 313 -6.38 17.45 3.00
N GLY C 314 -7.32 16.52 3.15
CA GLY C 314 -8.68 16.71 2.66
C GLY C 314 -9.24 15.50 1.92
N GLU C 315 -9.99 15.75 0.85
CA GLU C 315 -10.46 14.66 -0.01
C GLU C 315 -9.89 14.87 -1.41
N CYS C 316 -8.74 14.29 -1.67
CA CYS C 316 -7.99 14.67 -2.84
C CYS C 316 -7.99 13.64 -3.95
N PRO C 317 -7.76 14.11 -5.19
CA PRO C 317 -7.55 13.24 -6.33
C PRO C 317 -6.32 12.41 -6.05
N LYS C 318 -6.09 11.32 -6.80
CA LYS C 318 -4.87 10.55 -6.64
C LYS C 318 -3.68 11.36 -7.16
N TYR C 319 -2.59 11.37 -6.38
CA TYR C 319 -1.39 12.07 -6.79
C TYR C 319 -0.57 11.21 -7.75
N VAL C 320 -0.25 11.83 -8.87
CA VAL C 320 0.31 11.16 -10.02
C VAL C 320 1.54 11.94 -10.51
N LYS C 321 2.58 11.22 -10.92
CA LYS C 321 3.81 11.86 -11.38
C LYS C 321 3.78 12.13 -12.89
N SER C 322 2.74 12.81 -13.35
CA SER C 322 2.58 13.08 -14.78
C SER C 322 2.59 14.57 -15.03
N GLU C 323 2.86 14.97 -16.27
CA GLU C 323 2.84 16.38 -16.63
C GLU C 323 1.53 16.75 -17.27
N LYS C 324 0.94 15.79 -17.98
CA LYS C 324 -0.37 15.97 -18.59
C LYS C 324 -1.06 14.62 -18.83
N LEU C 325 -2.38 14.61 -18.78
CA LEU C 325 -3.15 13.43 -19.12
C LEU C 325 -4.28 13.78 -20.06
N VAL C 326 -3.95 13.98 -21.33
CA VAL C 326 -4.94 14.39 -22.33
C VAL C 326 -5.70 13.24 -22.96
N LEU C 327 -6.97 13.11 -22.60
CA LEU C 327 -7.89 12.17 -23.23
C LEU C 327 -8.40 12.79 -24.54
N ALA C 328 -8.48 12.00 -25.61
CA ALA C 328 -9.05 12.52 -26.84
C ALA C 328 -10.58 12.42 -26.78
N THR C 329 -11.26 13.45 -27.25
CA THR C 329 -12.71 13.44 -27.28
C THR C 329 -13.22 13.42 -28.71
N GLY C 330 -12.58 14.20 -29.59
CA GLY C 330 -12.92 14.25 -31.01
C GLY C 330 -12.13 13.32 -31.92
N LEU C 331 -12.24 13.51 -33.23
CA LEU C 331 -11.55 12.61 -34.15
C LEU C 331 -10.18 13.16 -34.53
N ARG C 332 -9.47 12.39 -35.35
CA ARG C 332 -8.21 12.80 -35.91
C ARG C 332 -8.38 14.04 -36.79
N ASN C 333 -7.63 15.09 -36.46
CA ASN C 333 -7.69 16.31 -37.25
C ASN C 333 -6.80 16.15 -38.48
N VAL C 334 -7.42 16.23 -39.66
CA VAL C 334 -6.74 15.91 -40.90
C VAL C 334 -7.07 16.94 -41.97
N PRO C 335 -6.63 18.19 -41.78
CA PRO C 335 -6.87 19.17 -42.86
C PRO C 335 -5.80 19.14 -43.95
N GLY C 341 -6.94 4.55 -40.16
CA GLY C 341 -6.90 4.03 -38.81
C GLY C 341 -7.07 2.52 -38.78
N LEU C 342 -7.91 2.05 -37.86
CA LEU C 342 -8.23 0.63 -37.75
C LEU C 342 -9.33 0.22 -38.75
N PHE C 343 -10.14 1.19 -39.17
CA PHE C 343 -11.16 0.94 -40.17
C PHE C 343 -10.82 1.61 -41.51
N GLY C 344 -9.62 2.19 -41.58
CA GLY C 344 -9.05 2.70 -42.81
C GLY C 344 -9.89 3.74 -43.51
N ALA C 345 -10.70 4.46 -42.75
CA ALA C 345 -11.57 5.48 -43.33
C ALA C 345 -10.95 6.86 -43.14
N ILE C 346 -10.98 7.34 -41.89
CA ILE C 346 -10.28 8.57 -41.56
C ILE C 346 -8.78 8.38 -41.82
N ALA C 347 -8.20 9.30 -42.58
CA ALA C 347 -6.81 9.20 -43.01
C ALA C 347 -6.56 7.97 -43.89
N GLY C 348 -7.64 7.37 -44.38
CA GLY C 348 -7.55 6.23 -45.27
C GLY C 348 -8.04 6.56 -46.67
N PHE C 349 -9.09 5.88 -47.11
CA PHE C 349 -9.60 6.12 -48.44
C PHE C 349 -10.36 7.44 -48.48
N ILE C 350 -10.89 7.89 -47.34
CA ILE C 350 -11.31 9.28 -47.24
C ILE C 350 -10.11 10.05 -46.74
N GLU C 351 -9.30 10.55 -47.67
CA GLU C 351 -7.97 11.00 -47.28
C GLU C 351 -7.95 12.22 -46.35
N GLY C 352 -8.98 13.06 -46.37
CA GLY C 352 -8.96 14.29 -45.58
C GLY C 352 -10.20 14.68 -44.79
N GLY C 353 -10.00 15.63 -43.88
CA GLY C 353 -11.09 16.23 -43.15
C GLY C 353 -11.61 17.51 -43.82
N TRP C 354 -12.84 17.87 -43.49
CA TRP C 354 -13.46 19.03 -44.09
C TRP C 354 -13.54 20.15 -43.08
N GLN C 355 -12.62 21.11 -43.13
CA GLN C 355 -12.64 22.20 -42.18
C GLN C 355 -13.95 22.96 -42.33
N GLY C 356 -14.58 22.79 -43.48
CA GLY C 356 -15.81 23.48 -43.79
C GLY C 356 -17.09 22.85 -43.26
N MET C 357 -17.00 21.75 -42.52
CA MET C 357 -18.22 21.14 -42.00
C MET C 357 -18.28 21.29 -40.50
N VAL C 358 -19.05 22.26 -40.04
CA VAL C 358 -18.92 22.76 -38.69
C VAL C 358 -20.06 22.35 -37.75
N ASP C 359 -21.13 21.78 -38.30
CA ASP C 359 -22.29 21.46 -37.48
C ASP C 359 -22.31 20.05 -36.92
N GLY C 360 -21.27 19.27 -37.25
CA GLY C 360 -21.18 17.88 -36.82
C GLY C 360 -19.79 17.31 -37.03
N TRP C 361 -19.57 16.10 -36.50
CA TRP C 361 -18.31 15.38 -36.71
C TRP C 361 -18.25 14.66 -38.04
N TYR C 362 -19.36 14.07 -38.48
CA TYR C 362 -19.41 13.37 -39.75
C TYR C 362 -20.61 13.79 -40.55
N GLY C 363 -20.44 13.92 -41.87
CA GLY C 363 -21.53 14.33 -42.73
C GLY C 363 -21.32 14.07 -44.22
N TYR C 364 -21.83 15.00 -45.04
CA TYR C 364 -21.93 14.82 -46.48
C TYR C 364 -21.40 16.02 -47.23
N HIS C 365 -21.11 15.85 -48.52
CA HIS C 365 -20.91 17.01 -49.36
C HIS C 365 -22.01 17.28 -50.39
N HIS C 366 -22.20 16.40 -51.36
CA HIS C 366 -23.23 16.63 -52.39
C HIS C 366 -22.94 17.83 -53.32
N SER C 367 -22.69 17.49 -54.58
CA SER C 367 -22.54 18.47 -55.65
C SER C 367 -23.75 18.29 -56.56
N ASN C 368 -24.15 19.37 -57.19
CA ASN C 368 -25.48 19.44 -57.75
C ASN C 368 -25.61 20.69 -58.60
N ASP C 369 -26.47 20.66 -59.62
CA ASP C 369 -26.75 21.88 -60.40
C ASP C 369 -27.77 22.77 -59.69
N GLN C 370 -27.84 22.59 -58.37
CA GLN C 370 -28.55 23.48 -57.49
C GLN C 370 -27.59 23.98 -56.40
N GLY C 371 -26.34 23.48 -56.43
CA GLY C 371 -25.29 24.02 -55.59
C GLY C 371 -24.55 23.01 -54.75
N SER C 372 -23.38 23.41 -54.26
CA SER C 372 -22.59 22.59 -53.34
C SER C 372 -23.12 22.74 -51.91
N GLY C 373 -22.35 22.24 -50.95
CA GLY C 373 -22.66 22.48 -49.55
C GLY C 373 -22.44 21.31 -48.62
N TYR C 374 -21.77 21.56 -47.50
CA TYR C 374 -21.59 20.53 -46.48
C TYR C 374 -22.86 20.33 -45.65
N ALA C 375 -22.89 19.23 -44.91
CA ALA C 375 -24.03 18.91 -44.06
C ALA C 375 -23.60 17.77 -43.14
N ALA C 376 -23.81 17.92 -41.84
CA ALA C 376 -23.43 16.87 -40.90
C ALA C 376 -24.57 15.90 -40.74
N ASP C 377 -24.23 14.60 -40.72
CA ASP C 377 -25.17 13.56 -40.36
C ASP C 377 -25.38 13.72 -38.87
N LYS C 378 -26.54 14.25 -38.49
CA LYS C 378 -26.76 14.57 -37.09
C LYS C 378 -26.95 13.32 -36.24
N GLU C 379 -27.55 12.29 -36.84
CA GLU C 379 -27.86 11.08 -36.09
C GLU C 379 -26.61 10.47 -35.46
N SER C 380 -25.61 10.17 -36.29
CA SER C 380 -24.39 9.53 -35.80
C SER C 380 -23.48 10.49 -34.99
N THR C 381 -23.45 11.76 -35.39
CA THR C 381 -22.75 12.78 -34.62
C THR C 381 -23.30 12.82 -33.19
N GLN C 382 -24.59 12.53 -33.04
CA GLN C 382 -25.18 12.53 -31.71
C GLN C 382 -24.87 11.23 -30.98
N LYS C 383 -25.10 10.10 -31.65
CA LYS C 383 -24.73 8.81 -31.11
C LYS C 383 -23.30 8.90 -30.54
N ALA C 384 -22.41 9.56 -31.28
CA ALA C 384 -20.97 9.58 -30.93
C ALA C 384 -20.62 10.53 -29.78
N PHE C 385 -21.26 11.70 -29.78
CA PHE C 385 -21.16 12.65 -28.68
C PHE C 385 -21.59 12.00 -27.36
N ASP C 386 -22.72 11.30 -27.35
CA ASP C 386 -23.14 10.60 -26.15
C ASP C 386 -22.08 9.62 -25.68
N GLY C 387 -21.61 8.78 -26.60
CA GLY C 387 -20.60 7.78 -26.30
C GLY C 387 -19.30 8.38 -25.78
N ILE C 388 -18.90 9.53 -26.31
CA ILE C 388 -17.66 10.16 -25.85
C ILE C 388 -17.84 10.80 -24.49
N THR C 389 -19.01 11.37 -24.27
CA THR C 389 -19.36 11.93 -22.97
C THR C 389 -19.24 10.82 -21.92
N ASN C 390 -19.83 9.68 -22.21
CA ASN C 390 -19.79 8.60 -21.27
C ASN C 390 -18.38 8.14 -20.96
N LYS C 391 -17.55 8.01 -21.99
CA LYS C 391 -16.16 7.61 -21.80
C LYS C 391 -15.45 8.49 -20.77
N VAL C 392 -15.46 9.79 -21.03
CA VAL C 392 -14.90 10.77 -20.12
C VAL C 392 -15.49 10.65 -18.72
N ASN C 393 -16.81 10.45 -18.62
CA ASN C 393 -17.42 10.30 -17.31
C ASN C 393 -17.04 9.00 -16.62
N SER C 394 -16.94 7.92 -17.37
CA SER C 394 -16.45 6.68 -16.82
C SER C 394 -15.09 6.89 -16.18
N VAL C 395 -14.19 7.55 -16.89
CA VAL C 395 -12.86 7.75 -16.35
C VAL C 395 -12.90 8.62 -15.07
N ILE C 396 -13.75 9.64 -15.08
CA ILE C 396 -13.87 10.50 -13.91
C ILE C 396 -14.73 9.95 -12.78
N GLU C 397 -15.89 9.38 -13.08
CA GLU C 397 -16.84 9.07 -12.01
C GLU C 397 -16.62 7.78 -11.22
N LYS C 398 -15.81 6.85 -11.72
CA LYS C 398 -15.58 5.60 -10.98
C LYS C 398 -14.48 5.72 -9.93
N MET C 399 -13.97 6.93 -9.74
CA MET C 399 -12.84 7.16 -8.85
C MET C 399 -13.26 7.48 -7.42
N ASN C 400 -13.20 6.47 -6.57
CA ASN C 400 -13.52 6.62 -5.15
C ASN C 400 -12.49 7.48 -4.44
N THR C 401 -12.96 8.34 -3.54
CA THR C 401 -12.07 9.27 -2.90
C THR C 401 -12.42 9.56 -1.42
N GLN C 402 -11.52 9.17 -0.52
CA GLN C 402 -11.74 9.40 0.91
C GLN C 402 -10.83 10.45 1.53
N PHE C 403 -11.21 10.87 2.74
CA PHE C 403 -10.48 11.89 3.48
C PHE C 403 -9.23 11.29 4.07
N GLU C 404 -8.06 11.74 3.63
CA GLU C 404 -6.79 11.26 4.16
C GLU C 404 -5.90 12.43 4.55
N ALA C 405 -4.93 12.21 5.42
CA ALA C 405 -4.05 13.29 5.87
C ALA C 405 -2.67 13.28 5.23
N VAL C 406 -2.18 12.11 4.82
CA VAL C 406 -0.93 11.98 4.04
C VAL C 406 0.38 12.34 4.76
N GLY C 407 0.48 13.58 5.25
CA GLY C 407 1.63 14.01 6.03
C GLY C 407 1.55 13.45 7.43
N LYS C 408 2.57 12.69 7.84
CA LYS C 408 2.58 12.06 9.16
C LYS C 408 3.69 12.64 10.06
N GLU C 409 3.63 12.32 11.35
CA GLU C 409 4.58 12.87 12.32
C GLU C 409 5.43 11.76 12.95
N PHE C 410 6.75 11.94 12.93
CA PHE C 410 7.68 10.92 13.44
C PHE C 410 8.90 11.45 14.23
N SER C 411 9.43 10.64 15.15
CA SER C 411 10.54 11.03 16.00
C SER C 411 11.86 10.50 15.47
N ASN C 412 12.95 10.95 16.08
CA ASN C 412 14.28 10.54 15.69
C ASN C 412 14.55 9.04 15.80
N LEU C 413 13.76 8.33 16.60
CA LEU C 413 13.98 6.90 16.75
C LEU C 413 12.92 6.13 16.01
N GLU C 414 12.29 6.77 15.05
CA GLU C 414 11.22 6.16 14.29
C GLU C 414 11.53 6.25 12.81
N ARG C 415 12.80 6.30 12.46
CA ARG C 415 13.17 6.47 11.06
C ARG C 415 12.72 5.28 10.22
N ARG C 416 12.77 4.09 10.81
CA ARG C 416 12.21 2.89 10.20
C ARG C 416 10.72 3.06 9.92
N LEU C 417 9.97 3.41 10.96
CA LEU C 417 8.53 3.64 10.85
C LEU C 417 8.17 4.74 9.85
N GLU C 418 8.97 5.79 9.83
CA GLU C 418 8.82 6.82 8.82
C GLU C 418 9.01 6.22 7.45
N ASN C 419 10.06 5.43 7.30
CA ASN C 419 10.39 4.91 5.98
C ASN C 419 9.44 3.85 5.48
N LEU C 420 8.54 3.41 6.33
CA LEU C 420 7.50 2.48 5.93
C LEU C 420 6.43 3.32 5.25
N ASN C 421 5.87 4.29 5.99
CA ASN C 421 4.91 5.26 5.44
C ASN C 421 5.33 5.79 4.07
N LYS C 422 6.62 6.02 3.89
CA LYS C 422 7.15 6.53 2.62
C LYS C 422 7.16 5.48 1.49
N LYS C 423 7.82 4.35 1.71
CA LYS C 423 7.79 3.21 0.80
C LYS C 423 6.36 2.86 0.38
N MET C 424 5.38 3.21 1.22
CA MET C 424 3.99 2.94 0.90
C MET C 424 3.42 4.00 -0.02
N GLU C 425 3.38 5.24 0.44
CA GLU C 425 2.82 6.30 -0.37
C GLU C 425 3.55 6.34 -1.71
N ASP C 426 4.79 5.86 -1.69
CA ASP C 426 5.63 5.71 -2.89
C ASP C 426 5.13 4.64 -3.84
N GLY C 427 4.66 3.53 -3.29
CA GLY C 427 4.16 2.44 -4.11
C GLY C 427 2.84 2.79 -4.78
N PHE C 428 2.03 3.61 -4.12
CA PHE C 428 0.76 4.07 -4.68
C PHE C 428 1.02 5.14 -5.72
N LEU C 429 2.15 5.81 -5.61
CA LEU C 429 2.54 6.74 -6.65
C LEU C 429 2.77 5.96 -7.92
N ASP C 430 3.44 4.82 -7.80
CA ASP C 430 3.80 4.04 -8.97
C ASP C 430 2.57 3.40 -9.65
N VAL C 431 1.81 2.62 -8.89
CA VAL C 431 0.51 2.14 -9.35
C VAL C 431 -0.34 3.20 -10.06
N TRP C 432 -0.73 4.26 -9.36
CA TRP C 432 -1.57 5.29 -9.98
C TRP C 432 -0.97 5.92 -11.25
N THR C 433 0.32 6.25 -11.23
CA THR C 433 0.94 6.83 -12.41
C THR C 433 0.85 5.90 -13.60
N TYR C 434 1.20 4.63 -13.41
CA TYR C 434 1.21 3.66 -14.50
C TYR C 434 -0.19 3.57 -15.06
N ASN C 435 -1.10 3.09 -14.23
CA ASN C 435 -2.50 2.99 -14.62
C ASN C 435 -3.02 4.25 -15.31
N ALA C 436 -2.80 5.42 -14.72
CA ALA C 436 -3.29 6.67 -15.34
C ALA C 436 -2.70 6.89 -16.75
N GLU C 437 -1.38 6.90 -16.85
CA GLU C 437 -0.73 7.04 -18.15
C GLU C 437 -1.23 5.99 -19.15
N LEU C 438 -1.24 4.73 -18.75
CA LEU C 438 -1.66 3.67 -19.67
C LEU C 438 -3.13 3.78 -20.01
N LEU C 439 -3.95 4.06 -19.00
CA LEU C 439 -5.39 4.21 -19.22
C LEU C 439 -5.70 5.21 -20.33
N VAL C 440 -4.96 6.31 -20.39
CA VAL C 440 -5.19 7.26 -21.47
C VAL C 440 -4.81 6.67 -22.83
N LEU C 441 -3.55 6.20 -22.95
CA LEU C 441 -3.04 5.61 -24.20
C LEU C 441 -3.97 4.55 -24.78
N MET C 442 -4.48 3.68 -23.92
CA MET C 442 -5.43 2.66 -24.36
C MET C 442 -6.72 3.31 -24.89
N GLU C 443 -7.44 4.00 -24.02
CA GLU C 443 -8.72 4.61 -24.39
C GLU C 443 -8.56 5.61 -25.52
N ASN C 444 -7.33 5.99 -25.81
CA ASN C 444 -7.10 6.87 -26.93
C ASN C 444 -6.97 6.14 -28.25
N GLU C 445 -6.34 4.98 -28.26
CA GLU C 445 -6.30 4.22 -29.50
C GLU C 445 -7.69 3.70 -29.80
N ARG C 446 -8.53 3.62 -28.78
CA ARG C 446 -9.94 3.24 -28.97
C ARG C 446 -10.81 4.39 -29.47
N THR C 447 -10.62 5.59 -28.91
CA THR C 447 -11.39 6.74 -29.33
C THR C 447 -11.25 6.99 -30.82
N LEU C 448 -10.05 6.83 -31.35
CA LEU C 448 -9.83 7.10 -32.77
C LEU C 448 -10.51 6.05 -33.65
N ASP C 449 -10.36 4.77 -33.30
CA ASP C 449 -11.09 3.72 -34.01
C ASP C 449 -12.61 3.92 -33.97
N PHE C 450 -13.10 4.38 -32.83
CA PHE C 450 -14.51 4.62 -32.69
C PHE C 450 -14.96 5.57 -33.78
N HIS C 451 -14.32 6.73 -33.86
CA HIS C 451 -14.67 7.65 -34.91
C HIS C 451 -14.47 7.01 -36.29
N ASP C 452 -13.38 6.27 -36.48
CA ASP C 452 -13.13 5.63 -37.78
C ASP C 452 -14.29 4.74 -38.20
N SER C 453 -14.66 3.81 -37.33
CA SER C 453 -15.85 2.99 -37.55
C SER C 453 -17.13 3.80 -37.86
N ASN C 454 -17.39 4.85 -37.08
CA ASN C 454 -18.56 5.67 -37.27
C ASN C 454 -18.67 6.17 -38.72
N VAL C 455 -17.55 6.63 -39.26
CA VAL C 455 -17.44 7.07 -40.64
C VAL C 455 -17.65 5.95 -41.66
N LYS C 456 -16.79 4.91 -41.58
CA LYS C 456 -16.88 3.74 -42.44
C LYS C 456 -18.32 3.25 -42.57
N ASN C 457 -19.04 3.28 -41.46
CA ASN C 457 -20.42 2.82 -41.44
C ASN C 457 -21.41 3.80 -42.08
N LEU C 458 -21.15 5.09 -41.95
CA LEU C 458 -21.94 6.07 -42.65
C LEU C 458 -21.76 5.80 -44.14
N TYR C 459 -20.50 5.61 -44.54
CA TYR C 459 -20.17 5.38 -45.94
C TYR C 459 -20.92 4.16 -46.45
N ASP C 460 -20.85 3.07 -45.68
CA ASP C 460 -21.50 1.84 -46.04
C ASP C 460 -23.03 1.94 -46.14
N LYS C 461 -23.63 2.70 -45.23
CA LYS C 461 -25.06 2.89 -45.23
C LYS C 461 -25.49 3.50 -46.57
N VAL C 462 -24.67 4.42 -47.08
CA VAL C 462 -24.95 5.12 -48.32
C VAL C 462 -24.66 4.24 -49.52
N ARG C 463 -23.61 3.42 -49.42
CA ARG C 463 -23.20 2.53 -50.50
C ARG C 463 -24.22 1.44 -50.77
N MET C 464 -24.86 0.93 -49.72
CA MET C 464 -25.83 -0.14 -49.92
C MET C 464 -27.20 0.42 -50.22
N GLN C 465 -27.28 1.74 -50.35
CA GLN C 465 -28.51 2.41 -50.74
C GLN C 465 -28.50 2.70 -52.23
N LEU C 466 -27.37 3.24 -52.69
CA LEU C 466 -27.20 3.66 -54.07
C LEU C 466 -26.82 2.51 -55.00
N ARG C 467 -25.93 1.63 -54.55
CA ARG C 467 -25.53 0.48 -55.32
C ARG C 467 -25.15 0.85 -56.77
N ASP C 468 -25.96 0.36 -57.69
CA ASP C 468 -25.78 0.47 -59.13
C ASP C 468 -25.90 1.87 -59.70
N ASN C 469 -26.74 2.69 -59.10
CA ASN C 469 -27.10 3.98 -59.68
C ASN C 469 -26.00 5.06 -59.58
N VAL C 470 -24.80 4.67 -59.17
CA VAL C 470 -23.67 5.61 -59.04
C VAL C 470 -22.34 4.90 -59.26
N LYS C 471 -21.32 5.66 -59.58
CA LYS C 471 -19.97 5.13 -59.64
C LYS C 471 -19.24 5.45 -58.35
N GLU C 472 -18.73 4.41 -57.70
CA GLU C 472 -18.00 4.54 -56.45
C GLU C 472 -16.57 4.97 -56.74
N LEU C 473 -16.28 6.26 -56.60
CA LEU C 473 -14.98 6.82 -56.97
C LEU C 473 -13.84 6.19 -56.16
N GLY C 474 -14.08 5.94 -54.88
CA GLY C 474 -13.06 5.35 -54.02
C GLY C 474 -12.41 6.33 -53.06
N ASN C 475 -12.77 7.61 -53.18
CA ASN C 475 -12.32 8.64 -52.25
C ASN C 475 -13.44 8.99 -51.27
N GLY C 476 -14.39 8.08 -51.12
CA GLY C 476 -15.56 8.34 -50.30
C GLY C 476 -16.59 9.09 -51.09
N CYS C 477 -16.47 9.06 -52.40
CA CYS C 477 -17.44 9.78 -53.22
C CYS C 477 -18.26 8.91 -54.14
N PHE C 478 -19.41 9.45 -54.50
CA PHE C 478 -20.35 8.77 -55.36
C PHE C 478 -20.79 9.67 -56.49
N GLU C 479 -20.53 9.23 -57.71
CA GLU C 479 -20.97 9.96 -58.90
C GLU C 479 -22.27 9.35 -59.43
N PHE C 480 -23.36 10.10 -59.30
CA PHE C 480 -24.64 9.60 -59.78
C PHE C 480 -24.62 9.52 -61.31
N TYR C 481 -25.18 8.44 -61.85
CA TYR C 481 -25.38 8.32 -63.29
C TYR C 481 -26.64 9.06 -63.66
N HIS C 482 -27.57 9.17 -62.72
CA HIS C 482 -28.81 9.89 -62.99
C HIS C 482 -28.75 11.31 -62.42
N LYS C 483 -29.76 12.12 -62.73
CA LYS C 483 -29.84 13.47 -62.19
C LYS C 483 -30.32 13.39 -60.76
N CYS C 484 -29.60 14.02 -59.85
CA CYS C 484 -30.00 14.01 -58.44
C CYS C 484 -30.25 15.43 -57.92
N ASP C 485 -31.53 15.79 -57.78
CA ASP C 485 -31.85 17.10 -57.25
C ASP C 485 -31.77 17.11 -55.73
N ASP C 486 -32.18 18.22 -55.12
CA ASP C 486 -32.04 18.37 -53.68
C ASP C 486 -32.96 17.40 -52.93
N GLU C 487 -34.16 17.17 -53.44
CA GLU C 487 -35.08 16.24 -52.77
C GLU C 487 -34.51 14.83 -52.77
N CYS C 488 -33.80 14.48 -53.85
CA CYS C 488 -33.22 13.16 -54.01
C CYS C 488 -31.96 13.00 -53.18
N MET C 489 -31.19 14.07 -53.05
CA MET C 489 -30.04 14.13 -52.13
C MET C 489 -30.44 13.89 -50.68
N ASN C 490 -31.52 14.53 -50.26
CA ASN C 490 -32.05 14.39 -48.91
C ASN C 490 -32.54 12.99 -48.67
N SER C 491 -33.08 12.35 -49.70
CA SER C 491 -33.49 10.96 -49.55
C SER C 491 -32.28 10.09 -49.20
N VAL C 492 -31.12 10.38 -49.77
CA VAL C 492 -29.90 9.66 -49.39
C VAL C 492 -29.51 9.89 -47.91
N LYS C 493 -29.56 11.13 -47.44
CA LYS C 493 -29.29 11.42 -46.04
C LYS C 493 -30.38 10.83 -45.15
N ASN C 494 -31.64 10.99 -45.57
CA ASN C 494 -32.81 10.40 -44.90
C ASN C 494 -32.70 8.90 -44.67
N GLY C 495 -32.11 8.20 -45.64
CA GLY C 495 -32.18 6.75 -45.74
C GLY C 495 -33.41 6.34 -46.58
N THR C 496 -33.86 7.28 -47.39
CA THR C 496 -35.11 7.16 -48.13
C THR C 496 -34.89 7.04 -49.64
N TYR C 497 -33.65 6.88 -50.06
CA TYR C 497 -33.34 6.77 -51.48
C TYR C 497 -34.09 5.57 -52.02
N ASP C 498 -34.77 5.73 -53.15
CA ASP C 498 -35.69 4.70 -53.61
C ASP C 498 -36.57 5.21 -54.75
N TYR C 499 -36.31 4.87 -56.01
CA TYR C 499 -35.11 4.20 -56.59
C TYR C 499 -35.44 3.84 -58.08
N PRO C 500 -36.04 4.79 -58.80
CA PRO C 500 -36.45 4.62 -60.17
C PRO C 500 -35.33 5.21 -61.04
N LYS C 501 -34.24 4.47 -61.23
CA LYS C 501 -33.14 4.91 -62.07
C LYS C 501 -32.37 3.69 -62.67
N TYR C 502 -31.65 3.78 -63.80
CA TYR C 502 -32.11 3.46 -65.19
C TYR C 502 -31.03 3.83 -66.16
N GLU C 503 -31.09 5.11 -66.52
CA GLU C 503 -29.98 5.81 -67.09
C GLU C 503 -28.67 5.19 -66.55
N GLU C 504 -27.82 4.59 -67.42
CA GLU C 504 -27.92 4.50 -68.90
C GLU C 504 -29.24 4.90 -69.62
C1 GAL D . 34.89 -16.14 38.26
C2 GAL D . 33.49 -16.74 38.18
C3 GAL D . 33.28 -17.44 36.83
C4 GAL D . 33.47 -16.40 35.75
C5 GAL D . 34.85 -15.74 35.86
C6 GAL D . 35.03 -14.59 34.91
O1 GAL D . 35.01 -15.40 39.44
O2 GAL D . 33.26 -17.67 39.23
O3 GAL D . 31.96 -17.96 36.75
O4 GAL D . 32.43 -15.44 35.89
O5 GAL D . 35.12 -15.21 37.18
O6 GAL D . 36.21 -13.83 35.27
C1 SIA D . 35.75 -12.43 33.41
C2 SIA D . 36.29 -12.51 34.84
C3 SIA D . 37.74 -12.06 34.89
C4 SIA D . 37.90 -10.56 34.69
C5 SIA D . 36.95 -9.79 35.58
C6 SIA D . 35.55 -10.34 35.36
C7 SIA D . 34.46 -9.58 36.10
C8 SIA D . 33.11 -10.12 35.65
C9 SIA D . 31.99 -9.41 36.39
C10 SIA D . 36.95 -7.42 36.13
C11 SIA D . 37.14 -6.01 35.61
N5 SIA D . 37.07 -8.38 35.22
O1A SIA D . 34.66 -11.86 33.16
O1B SIA D . 36.41 -12.95 32.49
O4 SIA D . 39.24 -10.16 35.02
O6 SIA D . 35.50 -11.71 35.71
O7 SIA D . 34.61 -9.72 37.50
O8 SIA D . 32.93 -9.94 34.24
O9 SIA D . 30.79 -9.53 35.64
O10 SIA D . 36.69 -7.62 37.32
C1 GAL E . -9.38 -2.21 53.43
C2 GAL E . -9.32 -0.82 52.77
C3 GAL E . -10.10 -0.75 51.44
C4 GAL E . -9.78 -1.96 50.52
C5 GAL E . -9.92 -3.26 51.31
C6 GAL E . -9.55 -4.47 50.48
O1 GAL E . -8.47 -2.30 54.50
O2 GAL E . -9.80 0.19 53.68
O3 GAL E . -9.85 0.49 50.79
O4 GAL E . -8.45 -1.90 50.02
O5 GAL E . -9.06 -3.26 52.47
O6 GAL E . -9.07 -5.55 51.32
C1 SIA E . -8.55 -6.63 49.22
C2 SIA E . -8.23 -6.48 50.74
C3 SIA E . -8.37 -7.83 51.45
C4 SIA E . -7.28 -8.81 51.06
C5 SIA E . -5.92 -8.18 51.13
C6 SIA E . -5.98 -6.92 50.31
C7 SIA E . -4.67 -6.20 50.17
C8 SIA E . -4.79 -5.23 49.00
C9 SIA E . -3.48 -4.51 48.83
C10 SIA E . -3.84 -9.34 51.05
C11 SIA E . -2.99 -10.41 50.41
N5 SIA E . -5.05 -9.17 50.56
O1A SIA E . -7.79 -6.09 48.38
O1B SIA E . -9.54 -7.30 48.86
O4 SIA E . -7.22 -9.89 51.95
O6 SIA E . -6.92 -6.01 50.87
O7 SIA E . -4.45 -5.44 51.36
O8 SIA E . -5.15 -5.93 47.81
O9 SIA E . -3.38 -3.95 47.54
O10 SIA E . -3.42 -8.64 51.97
C1 GAL F . 23.48 31.41 37.23
C2 GAL F . 24.29 30.29 36.54
C3 GAL F . 24.08 30.32 35.02
C4 GAL F . 22.57 30.25 34.71
C5 GAL F . 21.73 31.18 35.58
C6 GAL F . 20.26 30.82 35.51
O1 GAL F . 23.68 31.38 38.61
O2 GAL F . 25.66 30.35 36.93
O3 GAL F . 24.76 29.25 34.35
O4 GAL F . 22.07 28.92 34.84
O5 GAL F . 22.08 31.17 36.99
O6 GAL F . 19.47 31.58 36.45
C1 SIA F . 17.44 30.86 35.43
C2 SIA F . 18.17 31.17 36.75
C3 SIA F . 17.47 32.28 37.55
C4 SIA F . 16.15 31.79 38.11
C5 SIA F . 16.30 30.46 38.85
C6 SIA F . 16.93 29.52 37.87
C7 SIA F . 17.03 28.09 38.35
C8 SIA F . 17.95 27.23 37.46
C9 SIA F . 18.29 25.98 38.21
C10 SIA F . 14.85 29.25 40.38
C11 SIA F . 13.47 28.75 40.73
N5 SIA F . 15.00 29.93 39.25
O1A SIA F . 17.24 29.67 35.04
O1B SIA F . 17.04 31.83 34.72
O4 SIA F . 15.63 32.81 38.96
O6 SIA F . 18.22 30.01 37.56
O7 SIA F . 17.57 28.07 39.65
O8 SIA F . 17.34 26.81 36.26
O9 SIA F . 18.29 24.99 37.23
O10 SIA F . 15.79 29.03 41.14
#